data_4M5D
#
_entry.id   4M5D
#
_cell.length_a   126.257
_cell.length_b   129.560
_cell.length_c   214.440
_cell.angle_alpha   90.00
_cell.angle_beta   90.00
_cell.angle_gamma   90.00
#
_symmetry.space_group_name_H-M   'I 2 2 2'
#
loop_
_entity.id
_entity.type
_entity.pdbx_description
1 polymer 'U3 small nucleolar RNA-associated protein 22'
2 polymer 'Ribosomal RNA-processing protein 7'
3 non-polymer 'SULFATE ION'
4 non-polymer 'TRIETHYLENE GLYCOL'
5 water water
#
loop_
_entity_poly.entity_id
_entity_poly.type
_entity_poly.pdbx_seq_one_letter_code
_entity_poly.pdbx_strand_id
1 'polypeptide(L)'
;MATSVKRKASETSDQNIVKVQKKHSTQDSTTDNGSKENDHSSQAINERTVPEQENDESDTSPESNEVATNTAATRHNGKV
TATESYDIHIARETAELFKSNIFKLQIDELLEQVKLKQKHVLKVEKFLHKLYDILQEIPDWEEKSLAEVDSFFKNKIVSV
PFVDPKPIPQNTNYKFNYKKPDISLIGSFALKAGIYQPNGSSIDTLLTMPKELFEKKDFLNFRCLHKRSVYLAYLTHHLL
ILLKKDKLDSFLQLEYSYFDNDPLLPILRISCSKPTGDSLSDYNFYKTRFSINLLIGFPYKVFEPKKLLPNRNCIRIAQE
SKEQSLPATPLYNFSVLSSSTHENYLKYLYKTKKQTESFVEATVLGRLWLQQRGFSSNMSHSGSLGGFGTFEFTILMAAL
LNGGGINSNKILLHGFSSYQLFKGVIKYLATMDLCHDGHLQFHSNPENSSSSPASKYIDEGFQTPTLFDKSTKVNILTKM
TVSSYQILKEYAGETLRMLNNVVQDQFSNIFLTNISRFDNLKYDLCYDVQLPLGKYNNLETSLAATFGSMERVKFITLEN
FLAHKITNVARYALGDRIKYIQIEMVGQKSDFPITKRKVYSNTGGNHFNFDFVRVKLIVNPSECDKLVTKGPAHSETMST
EAAVFKNFWGIKSSLRRFKDGSITHCCVWSTSSSEPIISSIVNFALQKHVSKKAQISNETIKKFHNFLPLPNLPSSAKTS
VLNLSSFFNLKKSFDDLYKIIFQMKLPLSVKSILPVGSAFRYTSLCQPVPFAYSDPDFFQDVILEFETSPKWPDEITSLE
KAKTAFLLKIQEELSANSSTYRSFFSRDESIPYNLEIVTLNILTPEGYGFKFRVLTERDEILYLRAIANARNELKPELEA
TFLKFTAKYLASVRHTRTLENISHSYQFYSPVVRLFKRWLDTHLLLGHITDELAELIAIKPFVDPAPYFIPGSLENGFLK
VLKFISQWNWKDDPLILDLVKPEDDIRDTFETSIGAGSELDSKTMKKLSERLTLAQYKGIQMNFTNLRNSDPNGTHLQFF
VASKNDPSGILYSSGIPLPIATRLTALAKVAVNLLQTHGLNQQTINLLFTPGLKDYDFVVDLRTPIGLKSSCGILSATEF
KNITNDQAPSNFPENLNDLSEKMDPTYQLVKYLNLKYKNSLILSSRKYIGVNGGEKGDKNVITGLIKPLFKGAHKFRVNL
DCNVKPVDDENVILNKEAIFHEIAAFGNDMVINFETD
;
A
2 'polypeptide(L)'
;MGIEDISAMKNGFIVVPFKLPDHKALPKSQEASLHFMFAKRHQSSNSNESDCLFLVNLPLLSNIEHMKKFVGQLCGKYDT
VSHVEELLYNDEFGLHEVDLSALTSDLMSSTDVNEKRYTPRNTALLKFVDAASINNCWNALKKYSNLHAKHPNELFEWTY
TTPSFTTFVNFYKPLDIDYLKEDIHTHMAIFEQREAQAQEDVQSSIVDEDGFTLVVGKNTKSLNSIRKKILNKNPLSKHE
NKAKPISNIDKKAKKDFYRFQVRERKKQEINQLLSKFKEDQERIKVMKAKRKFNPYT
;
B
#
loop_
_chem_comp.id
_chem_comp.type
_chem_comp.name
_chem_comp.formula
PGE non-polymer 'TRIETHYLENE GLYCOL' 'C6 H14 O4'
SO4 non-polymer 'SULFATE ION' 'O4 S -2'
#
# COMPACT_ATOMS: atom_id res chain seq x y z
N THR A 81 30.98 -36.00 -19.23
CA THR A 81 32.48 -35.92 -19.13
C THR A 81 32.94 -34.79 -18.22
N ALA A 82 34.17 -34.92 -17.73
CA ALA A 82 34.77 -33.93 -16.86
C ALA A 82 34.88 -32.55 -17.53
N THR A 83 35.23 -32.54 -18.82
CA THR A 83 35.37 -31.27 -19.55
C THR A 83 33.99 -30.65 -19.81
N GLU A 84 33.01 -31.50 -20.10
CA GLU A 84 31.62 -31.05 -20.27
C GLU A 84 31.09 -30.40 -19.01
N SER A 85 31.21 -31.13 -17.89
CA SER A 85 30.85 -30.65 -16.56
C SER A 85 31.52 -29.31 -16.25
N TYR A 86 32.82 -29.22 -16.51
CA TYR A 86 33.57 -28.00 -16.25
C TYR A 86 33.06 -26.82 -17.08
N ASP A 87 32.81 -27.04 -18.36
CA ASP A 87 32.30 -25.98 -19.24
C ASP A 87 30.94 -25.45 -18.79
N ILE A 88 30.04 -26.36 -18.45
CA ILE A 88 28.72 -25.99 -17.92
C ILE A 88 28.87 -25.18 -16.63
N HIS A 89 29.74 -25.64 -15.76
CA HIS A 89 30.00 -24.99 -14.50
C HIS A 89 30.55 -23.57 -14.68
N ILE A 90 31.50 -23.40 -15.60
CA ILE A 90 32.06 -22.07 -15.87
C ILE A 90 31.00 -21.15 -16.53
N ALA A 91 30.22 -21.71 -17.45
CA ALA A 91 29.14 -20.94 -18.10
C ALA A 91 28.15 -20.43 -17.05
N ARG A 92 27.74 -21.32 -16.14
CA ARG A 92 26.82 -20.95 -15.06
C ARG A 92 27.41 -19.90 -14.11
N GLU A 93 28.66 -20.11 -13.67
CA GLU A 93 29.37 -19.14 -12.84
C GLU A 93 29.39 -17.74 -13.45
N THR A 94 29.72 -17.66 -14.74
CA THR A 94 29.73 -16.39 -15.46
C THR A 94 28.31 -15.76 -15.52
N ALA A 95 27.30 -16.58 -15.79
CA ALA A 95 25.93 -16.08 -15.88
C ALA A 95 25.44 -15.55 -14.53
N GLU A 96 25.91 -16.15 -13.44
CA GLU A 96 25.44 -15.83 -12.09
C GLU A 96 26.32 -14.78 -11.39
N LEU A 97 27.44 -14.42 -12.00
CA LEU A 97 28.51 -13.68 -11.33
C LEU A 97 28.12 -12.32 -10.76
N PHE A 98 27.41 -11.52 -11.56
CA PHE A 98 27.04 -10.16 -11.16
C PHE A 98 26.28 -10.17 -9.83
N LYS A 99 25.22 -10.96 -9.77
CA LYS A 99 24.37 -11.02 -8.57
C LYS A 99 25.05 -11.80 -7.46
N SER A 100 25.74 -12.87 -7.86
CA SER A 100 26.49 -13.68 -6.92
C SER A 100 27.45 -12.83 -6.09
N ASN A 101 28.27 -12.03 -6.77
CA ASN A 101 29.24 -11.17 -6.10
C ASN A 101 28.59 -10.12 -5.20
N ILE A 102 27.55 -9.48 -5.70
CA ILE A 102 26.85 -8.50 -4.90
C ILE A 102 26.27 -9.15 -3.64
N PHE A 103 25.56 -10.27 -3.84
CA PHE A 103 24.94 -11.00 -2.73
C PHE A 103 25.96 -11.39 -1.66
N LYS A 104 27.12 -11.94 -2.07
CA LYS A 104 28.16 -12.35 -1.12
C LYS A 104 28.58 -11.24 -0.16
N LEU A 105 28.81 -10.04 -0.70
CA LEU A 105 29.23 -8.91 0.10
C LEU A 105 28.13 -8.50 1.09
N GLN A 106 26.88 -8.60 0.63
CA GLN A 106 25.76 -8.27 1.49
C GLN A 106 25.62 -9.32 2.58
N ILE A 107 25.80 -10.58 2.21
CA ILE A 107 25.78 -11.69 3.16
C ILE A 107 26.86 -11.50 4.23
N ASP A 108 28.08 -11.18 3.80
CA ASP A 108 29.20 -10.93 4.70
C ASP A 108 28.85 -9.87 5.74
N GLU A 109 28.26 -8.78 5.26
CA GLU A 109 27.88 -7.66 6.13
C GLU A 109 26.77 -8.05 7.11
N LEU A 110 25.73 -8.74 6.62
CA LEU A 110 24.64 -9.20 7.48
C LEU A 110 25.17 -10.08 8.61
N LEU A 111 26.04 -11.02 8.26
CA LEU A 111 26.57 -11.98 9.23
C LEU A 111 27.37 -11.33 10.34
N GLU A 112 28.15 -10.30 9.99
CA GLU A 112 28.87 -9.48 10.95
C GLU A 112 27.89 -8.73 11.86
N GLN A 113 26.83 -8.19 11.27
CA GLN A 113 25.81 -7.48 12.02
C GLN A 113 25.10 -8.33 13.08
N VAL A 114 24.84 -9.60 12.77
CA VAL A 114 24.10 -10.49 13.69
C VAL A 114 24.97 -11.47 14.49
N LYS A 115 26.30 -11.36 14.31
CA LYS A 115 27.26 -12.29 14.94
C LYS A 115 27.14 -12.31 16.45
N LEU A 116 27.00 -13.50 17.02
CA LEU A 116 27.12 -13.67 18.46
C LEU A 116 28.57 -13.46 18.89
N LYS A 117 28.78 -12.50 19.78
CA LYS A 117 30.09 -12.27 20.40
C LYS A 117 30.52 -13.47 21.24
N GLN A 118 31.78 -13.91 21.04
CA GLN A 118 32.36 -15.02 21.78
C GLN A 118 32.20 -14.89 23.29
N LYS A 119 32.29 -13.66 23.80
CA LYS A 119 32.11 -13.38 25.24
C LYS A 119 30.77 -13.89 25.78
N HIS A 120 29.73 -13.80 24.95
CA HIS A 120 28.39 -14.28 25.33
C HIS A 120 28.29 -15.80 25.31
N VAL A 121 28.81 -16.42 24.25
CA VAL A 121 28.89 -17.87 24.18
C VAL A 121 29.62 -18.40 25.42
N LEU A 122 30.77 -17.81 25.71
CA LEU A 122 31.59 -18.24 26.84
C LEU A 122 30.88 -18.04 28.17
N LYS A 123 30.19 -16.91 28.32
CA LYS A 123 29.48 -16.59 29.54
C LYS A 123 28.34 -17.58 29.87
N VAL A 124 27.57 -18.01 28.87
CA VAL A 124 26.54 -19.03 29.15
C VAL A 124 27.14 -20.41 29.31
N GLU A 125 28.24 -20.68 28.61
CA GLU A 125 28.93 -21.95 28.76
C GLU A 125 29.39 -22.13 30.20
N LYS A 126 29.67 -21.01 30.87
CA LYS A 126 30.02 -21.03 32.29
C LYS A 126 28.84 -21.45 33.16
N PHE A 127 27.66 -20.87 32.92
CA PHE A 127 26.47 -21.30 33.64
C PHE A 127 26.10 -22.74 33.30
N LEU A 128 26.19 -23.08 32.02
CA LEU A 128 25.89 -24.43 31.56
C LEU A 128 26.74 -25.46 32.29
N HIS A 129 28.01 -25.11 32.52
CA HIS A 129 28.91 -25.99 33.26
C HIS A 129 28.45 -26.21 34.70
N LYS A 130 28.03 -25.14 35.37
CA LYS A 130 27.49 -25.28 36.71
C LYS A 130 26.21 -26.12 36.71
N LEU A 131 25.35 -25.88 35.72
CA LEU A 131 24.10 -26.63 35.58
C LEU A 131 24.37 -28.13 35.49
N TYR A 132 25.33 -28.53 34.65
CA TYR A 132 25.68 -29.95 34.51
C TYR A 132 26.09 -30.56 35.85
N ASP A 133 26.88 -29.82 36.63
CA ASP A 133 27.28 -30.27 37.97
C ASP A 133 26.05 -30.49 38.85
N ILE A 134 25.27 -29.42 39.05
CA ILE A 134 24.01 -29.49 39.80
C ILE A 134 23.16 -30.69 39.42
N LEU A 135 22.96 -30.87 38.11
CA LEU A 135 22.11 -31.96 37.62
C LEU A 135 22.69 -33.34 37.94
N GLN A 136 24.02 -33.46 37.81
CA GLN A 136 24.74 -34.69 38.13
C GLN A 136 24.64 -35.08 39.61
N GLU A 137 24.20 -34.13 40.45
CA GLU A 137 24.08 -34.33 41.90
C GLU A 137 22.68 -34.68 42.37
N ILE A 138 21.71 -34.62 41.47
CA ILE A 138 20.34 -34.99 41.81
C ILE A 138 20.33 -36.50 42.01
N PRO A 139 19.96 -36.95 43.22
CA PRO A 139 20.05 -38.38 43.49
C PRO A 139 18.90 -39.14 42.88
N ASP A 140 19.16 -40.39 42.49
CA ASP A 140 18.11 -41.27 42.06
C ASP A 140 17.16 -41.46 43.23
N TRP A 141 15.86 -41.47 42.96
CA TRP A 141 14.94 -41.96 43.98
C TRP A 141 14.53 -43.38 43.60
N GLU A 142 13.27 -43.73 43.86
CA GLU A 142 12.84 -45.11 43.80
C GLU A 142 11.62 -45.31 42.94
N GLU A 143 11.51 -46.50 42.37
CA GLU A 143 10.33 -46.95 41.65
C GLU A 143 9.06 -46.64 42.45
N LYS A 144 8.17 -45.82 41.88
CA LYS A 144 6.96 -45.35 42.56
C LYS A 144 5.67 -45.59 41.78
N SER A 145 4.62 -45.99 42.48
CA SER A 145 3.28 -46.11 41.90
C SER A 145 2.71 -44.72 41.67
N LEU A 146 1.70 -44.61 40.81
CA LEU A 146 1.06 -43.32 40.54
C LEU A 146 0.52 -42.71 41.83
N ALA A 147 -0.08 -43.57 42.67
CA ALA A 147 -0.51 -43.16 44.01
C ALA A 147 0.65 -42.55 44.80
N GLU A 148 1.83 -43.17 44.70
CA GLU A 148 3.01 -42.71 45.43
C GLU A 148 3.55 -41.36 44.91
N VAL A 149 3.61 -41.19 43.60
CA VAL A 149 4.07 -39.91 43.03
C VAL A 149 3.10 -38.79 43.39
N ASP A 150 1.80 -39.09 43.32
CA ASP A 150 0.74 -38.15 43.69
C ASP A 150 0.92 -37.67 45.12
N SER A 151 1.27 -38.61 45.99
CA SER A 151 1.51 -38.29 47.39
C SER A 151 2.80 -37.47 47.53
N PHE A 152 3.84 -37.90 46.82
CA PHE A 152 5.14 -37.22 46.84
C PHE A 152 5.02 -35.73 46.49
N PHE A 153 4.21 -35.41 45.47
CA PHE A 153 4.11 -34.04 44.97
C PHE A 153 3.01 -33.18 45.62
N LYS A 154 1.98 -33.83 46.18
CA LYS A 154 0.80 -33.13 46.73
C LYS A 154 1.16 -31.98 47.69
N ASN A 155 2.17 -32.20 48.51
CA ASN A 155 2.54 -31.21 49.51
C ASN A 155 3.62 -30.24 49.02
N LYS A 156 4.15 -30.49 47.82
CA LYS A 156 5.23 -29.64 47.30
C LYS A 156 4.78 -28.65 46.21
N ILE A 157 5.53 -27.56 46.11
CA ILE A 157 5.30 -26.46 45.15
C ILE A 157 5.19 -26.92 43.69
N VAL A 158 6.05 -27.87 43.31
CA VAL A 158 6.09 -28.40 41.93
C VAL A 158 4.92 -29.33 41.65
N SER A 159 4.29 -29.14 40.48
CA SER A 159 3.31 -30.09 39.97
C SER A 159 3.89 -30.91 38.81
N VAL A 160 3.39 -32.13 38.63
CA VAL A 160 3.77 -32.96 37.51
C VAL A 160 3.02 -32.46 36.26
N PRO A 161 3.77 -32.10 35.21
CA PRO A 161 3.08 -31.69 33.98
C PRO A 161 2.61 -32.90 33.16
N PHE A 162 1.70 -33.68 33.73
CA PHE A 162 1.07 -34.78 33.02
C PHE A 162 0.36 -34.24 31.78
N VAL A 163 0.51 -34.92 30.66
CA VAL A 163 -0.18 -34.55 29.43
C VAL A 163 -1.58 -35.18 29.39
N ASP A 164 -2.50 -34.57 28.67
CA ASP A 164 -3.82 -35.18 28.45
C ASP A 164 -3.67 -36.34 27.46
N PRO A 165 -4.25 -37.51 27.78
CA PRO A 165 -5.01 -37.85 28.99
C PRO A 165 -4.09 -38.20 30.17
N LYS A 166 -4.21 -37.45 31.26
CA LYS A 166 -3.42 -37.72 32.47
C LYS A 166 -3.76 -39.11 33.05
N PRO A 167 -2.76 -39.78 33.68
CA PRO A 167 -2.97 -41.15 34.11
C PRO A 167 -3.93 -41.30 35.29
N ILE A 168 -4.73 -42.36 35.21
CA ILE A 168 -5.66 -42.78 36.28
C ILE A 168 -5.16 -44.08 36.96
N PRO A 169 -5.35 -44.20 38.29
CA PRO A 169 -4.91 -45.40 39.01
C PRO A 169 -5.42 -46.70 38.37
N GLN A 170 -6.68 -46.66 37.94
CA GLN A 170 -7.38 -47.82 37.39
C GLN A 170 -6.81 -48.32 36.06
N ASN A 171 -6.10 -47.45 35.33
CA ASN A 171 -5.55 -47.82 34.01
C ASN A 171 -4.02 -47.72 33.92
N THR A 172 -3.33 -47.71 35.05
CA THR A 172 -1.86 -47.60 35.05
C THR A 172 -1.15 -48.62 35.96
N ASN A 173 -0.79 -49.77 35.38
CA ASN A 173 -0.12 -50.85 36.13
C ASN A 173 1.38 -50.62 36.38
N TYR A 174 2.03 -49.91 35.47
CA TYR A 174 3.46 -49.62 35.54
C TYR A 174 3.77 -48.60 36.64
N LYS A 175 5.07 -48.40 36.92
CA LYS A 175 5.49 -47.40 37.91
C LYS A 175 6.56 -46.43 37.41
N PHE A 176 6.91 -45.46 38.25
CA PHE A 176 7.70 -44.28 37.86
C PHE A 176 9.01 -44.17 38.63
N ASN A 177 10.06 -43.68 37.98
CA ASN A 177 11.38 -43.55 38.59
C ASN A 177 12.26 -42.48 37.93
N TYR A 178 13.18 -41.91 38.70
CA TYR A 178 14.19 -40.99 38.18
C TYR A 178 15.59 -41.54 38.43
N LYS A 179 16.41 -41.56 37.38
CA LYS A 179 17.84 -41.84 37.49
C LYS A 179 18.62 -40.79 36.70
N LYS A 180 19.88 -40.58 37.09
CA LYS A 180 20.78 -39.59 36.46
C LYS A 180 20.76 -39.65 34.92
N PRO A 181 20.54 -38.49 34.26
CA PRO A 181 20.45 -38.45 32.79
C PRO A 181 21.82 -38.30 32.09
N ASP A 182 21.90 -38.79 30.85
CA ASP A 182 23.02 -38.40 29.97
C ASP A 182 22.73 -37.01 29.42
N ILE A 183 23.67 -36.08 29.65
CA ILE A 183 23.51 -34.69 29.25
C ILE A 183 24.26 -34.39 27.94
N SER A 184 23.60 -33.63 27.08
CA SER A 184 24.11 -33.29 25.77
C SER A 184 23.41 -32.02 25.28
N LEU A 185 24.06 -31.31 24.35
CA LEU A 185 23.46 -30.13 23.72
C LEU A 185 23.00 -30.41 22.28
N ILE A 186 21.88 -29.81 21.89
CA ILE A 186 21.37 -29.91 20.53
C ILE A 186 21.09 -28.51 19.94
N GLY A 187 20.64 -28.46 18.70
CA GLY A 187 20.22 -27.19 18.09
C GLY A 187 21.36 -26.30 17.61
N SER A 188 21.02 -25.05 17.31
CA SER A 188 21.97 -24.08 16.77
C SER A 188 23.19 -23.84 17.65
N PHE A 189 22.97 -23.79 18.98
CA PHE A 189 24.06 -23.51 19.91
C PHE A 189 25.10 -24.63 19.87
N ALA A 190 24.62 -25.87 19.79
CA ALA A 190 25.47 -27.04 19.70
C ALA A 190 26.24 -27.08 18.37
N LEU A 191 25.62 -26.53 17.33
CA LEU A 191 26.24 -26.42 16.00
C LEU A 191 27.02 -25.13 15.82
N LYS A 192 27.03 -24.29 16.87
CA LYS A 192 27.71 -22.99 16.84
C LYS A 192 27.20 -22.10 15.69
N ALA A 193 25.90 -22.13 15.46
CA ALA A 193 25.29 -21.35 14.39
C ALA A 193 24.38 -20.28 15.00
N GLY A 194 24.58 -19.99 16.27
CA GLY A 194 23.79 -19.00 16.98
C GLY A 194 24.04 -17.60 16.44
N ILE A 195 23.03 -16.75 16.56
CA ILE A 195 23.13 -15.35 16.15
C ILE A 195 22.56 -14.46 17.23
N TYR A 196 23.00 -13.21 17.27
CA TYR A 196 22.45 -12.23 18.20
C TYR A 196 20.98 -11.95 17.87
N GLN A 197 20.11 -12.21 18.83
CA GLN A 197 18.69 -11.90 18.69
C GLN A 197 18.26 -10.96 19.81
N PRO A 198 17.67 -9.80 19.46
CA PRO A 198 17.20 -8.84 20.45
C PRO A 198 16.21 -9.50 21.42
N ASN A 199 15.33 -10.31 20.86
CA ASN A 199 14.34 -11.08 21.61
C ASN A 199 14.95 -12.23 22.42
N GLY A 200 16.18 -12.59 22.09
CA GLY A 200 16.85 -13.71 22.76
C GLY A 200 16.82 -14.99 21.97
N SER A 201 17.52 -16.00 22.47
CA SER A 201 17.51 -17.32 21.86
C SER A 201 17.65 -18.40 22.92
N SER A 202 17.19 -19.59 22.58
CA SER A 202 17.19 -20.72 23.50
C SER A 202 18.36 -21.65 23.26
N ILE A 203 18.90 -22.19 24.35
CA ILE A 203 19.84 -23.29 24.25
C ILE A 203 19.09 -24.54 24.67
N ASP A 204 19.07 -25.54 23.79
CA ASP A 204 18.37 -26.78 24.07
C ASP A 204 19.33 -27.80 24.67
N THR A 205 19.10 -28.10 25.95
CA THR A 205 19.90 -29.07 26.69
C THR A 205 19.15 -30.40 26.76
N LEU A 206 19.73 -31.42 26.13
CA LEU A 206 19.10 -32.73 26.08
C LEU A 206 19.51 -33.62 27.26
N LEU A 207 18.51 -34.07 28.01
CA LEU A 207 18.68 -34.96 29.16
C LEU A 207 17.99 -36.30 28.90
N THR A 208 18.79 -37.29 28.50
CA THR A 208 18.27 -38.59 28.13
C THR A 208 18.04 -39.47 29.37
N MET A 209 16.80 -39.90 29.55
CA MET A 209 16.43 -40.87 30.57
C MET A 209 17.07 -42.21 30.23
N PRO A 210 17.69 -42.88 31.24
CA PRO A 210 18.33 -44.18 31.00
C PRO A 210 17.37 -45.27 30.48
N LYS A 211 17.88 -46.14 29.61
CA LYS A 211 17.08 -47.18 28.97
C LYS A 211 16.33 -48.11 29.94
N GLU A 212 16.90 -48.34 31.12
CA GLU A 212 16.31 -49.26 32.10
C GLU A 212 15.06 -48.68 32.78
N LEU A 213 14.82 -47.39 32.61
CA LEU A 213 13.59 -46.79 33.11
C LEU A 213 12.40 -47.17 32.24
N PHE A 214 12.66 -47.91 31.16
CA PHE A 214 11.63 -48.23 30.17
C PHE A 214 11.40 -49.70 29.91
N GLU A 215 10.13 -50.03 29.76
CA GLU A 215 9.66 -51.31 29.28
C GLU A 215 9.39 -51.15 27.78
N LYS A 216 9.63 -52.21 27.01
CA LYS A 216 9.52 -52.13 25.54
C LYS A 216 8.11 -51.83 24.99
N LYS A 217 7.11 -51.84 25.87
CA LYS A 217 5.74 -51.48 25.51
C LYS A 217 5.42 -50.01 25.84
N ASP A 218 6.39 -49.29 26.37
CA ASP A 218 6.15 -47.93 26.88
C ASP A 218 5.86 -46.86 25.81
N PHE A 219 6.09 -47.18 24.53
CA PHE A 219 5.75 -46.27 23.43
C PHE A 219 4.24 -46.18 23.23
N LEU A 220 3.54 -47.18 23.77
CA LEU A 220 2.09 -47.30 23.68
C LEU A 220 1.36 -46.48 24.74
N ASN A 221 0.22 -45.93 24.34
CA ASN A 221 -0.77 -45.37 25.28
C ASN A 221 -0.23 -44.41 26.34
N PHE A 222 0.64 -43.49 25.91
CA PHE A 222 1.19 -42.40 26.77
C PHE A 222 2.09 -42.82 27.94
N ARG A 223 2.46 -44.10 27.99
CA ARG A 223 3.26 -44.62 29.11
C ARG A 223 4.61 -43.89 29.22
N CYS A 224 5.36 -43.86 28.13
CA CYS A 224 6.66 -43.18 28.11
C CYS A 224 6.53 -41.69 28.39
N LEU A 225 5.43 -41.09 27.94
CA LEU A 225 5.19 -39.66 28.15
C LEU A 225 4.83 -39.33 29.60
N HIS A 226 4.04 -40.19 30.24
CA HIS A 226 3.75 -40.03 31.67
C HIS A 226 5.01 -40.24 32.52
N LYS A 227 5.78 -41.28 32.18
CA LYS A 227 7.09 -41.49 32.80
C LYS A 227 7.98 -40.27 32.63
N ARG A 228 7.96 -39.72 31.42
CA ARG A 228 8.73 -38.51 31.07
C ARG A 228 8.33 -37.30 31.92
N SER A 229 7.03 -37.08 32.06
CA SER A 229 6.53 -35.94 32.83
C SER A 229 6.91 -36.01 34.32
N VAL A 230 6.84 -37.21 34.90
CA VAL A 230 7.22 -37.39 36.30
C VAL A 230 8.73 -37.16 36.47
N TYR A 231 9.51 -37.78 35.59
CA TYR A 231 10.95 -37.58 35.52
C TYR A 231 11.32 -36.09 35.51
N LEU A 232 10.66 -35.32 34.64
CA LEU A 232 10.85 -33.87 34.57
C LEU A 232 10.45 -33.16 35.86
N ALA A 233 9.35 -33.61 36.45
CA ALA A 233 8.84 -33.00 37.68
C ALA A 233 9.79 -33.22 38.85
N TYR A 234 10.31 -34.45 38.98
CA TYR A 234 11.23 -34.81 40.05
C TYR A 234 12.53 -34.02 39.91
N LEU A 235 13.03 -33.95 38.68
CA LEU A 235 14.17 -33.12 38.32
C LEU A 235 13.97 -31.66 38.73
N THR A 236 12.83 -31.09 38.34
CA THR A 236 12.51 -29.69 38.62
C THR A 236 12.46 -29.39 40.13
N HIS A 237 11.92 -30.32 40.90
CA HIS A 237 11.87 -30.17 42.35
C HIS A 237 13.29 -30.09 42.94
N HIS A 238 14.12 -31.08 42.62
CA HIS A 238 15.48 -31.15 43.17
C HIS A 238 16.42 -30.07 42.65
N LEU A 239 16.18 -29.62 41.42
CA LEU A 239 16.95 -28.53 40.84
C LEU A 239 16.67 -27.25 41.60
N LEU A 240 15.40 -27.05 41.97
CA LEU A 240 14.97 -25.87 42.70
C LEU A 240 15.63 -25.80 44.08
N ILE A 241 15.74 -26.95 44.74
CA ILE A 241 16.44 -27.07 46.03
C ILE A 241 17.91 -26.66 45.89
N LEU A 242 18.61 -27.30 44.95
CA LEU A 242 20.02 -27.04 44.70
C LEU A 242 20.33 -25.62 44.21
N LEU A 243 19.36 -24.97 43.57
CA LEU A 243 19.52 -23.58 43.14
C LEU A 243 19.39 -22.61 44.31
N LYS A 244 18.47 -22.92 45.21
CA LYS A 244 18.27 -22.13 46.44
C LYS A 244 19.55 -22.12 47.27
N LYS A 245 20.20 -23.29 47.34
CA LYS A 245 21.39 -23.50 48.14
C LYS A 245 22.58 -22.67 47.65
N ASP A 246 22.74 -22.59 46.33
CA ASP A 246 23.85 -21.86 45.73
C ASP A 246 23.50 -20.38 45.53
N LYS A 247 22.35 -19.97 46.08
CA LYS A 247 21.87 -18.58 46.03
C LYS A 247 21.46 -18.11 44.61
N LEU A 248 21.53 -19.01 43.64
CA LEU A 248 21.24 -18.69 42.23
C LEU A 248 19.77 -18.40 41.95
N ASP A 249 18.88 -18.84 42.85
CA ASP A 249 17.44 -18.70 42.70
C ASP A 249 16.95 -17.25 42.72
N SER A 250 17.83 -16.33 43.09
CA SER A 250 17.48 -14.91 43.20
C SER A 250 17.46 -14.17 41.86
N PHE A 251 18.10 -14.75 40.85
CA PHE A 251 18.15 -14.13 39.51
C PHE A 251 17.69 -15.08 38.41
N LEU A 252 17.50 -16.34 38.75
CA LEU A 252 17.01 -17.34 37.82
C LEU A 252 15.49 -17.47 37.87
N GLN A 253 14.91 -17.70 36.69
CA GLN A 253 13.47 -17.85 36.51
C GLN A 253 13.20 -19.23 35.96
N LEU A 254 12.34 -20.00 36.64
CA LEU A 254 11.97 -21.33 36.16
C LEU A 254 10.49 -21.38 35.81
N GLU A 255 10.18 -22.02 34.68
CA GLU A 255 8.80 -22.20 34.26
C GLU A 255 8.71 -23.40 33.32
N TYR A 256 7.53 -23.99 33.24
CA TYR A 256 7.29 -25.04 32.26
C TYR A 256 6.91 -24.41 30.91
N SER A 257 7.13 -25.17 29.85
CA SER A 257 6.78 -24.80 28.49
C SER A 257 6.70 -26.10 27.72
N TYR A 258 6.39 -26.03 26.43
CA TYR A 258 6.39 -27.21 25.59
C TYR A 258 7.45 -27.05 24.53
N PHE A 259 8.23 -28.10 24.28
CA PHE A 259 9.22 -28.08 23.22
C PHE A 259 8.53 -27.99 21.85
N ASP A 260 8.94 -27.01 21.05
CA ASP A 260 8.33 -26.75 19.74
C ASP A 260 6.80 -26.59 19.85
N ASN A 261 6.36 -26.06 21.00
CA ASN A 261 4.94 -25.93 21.31
C ASN A 261 4.15 -27.24 21.14
N ASP A 262 4.81 -28.36 21.41
CA ASP A 262 4.20 -29.69 21.38
C ASP A 262 3.67 -30.04 22.78
N PRO A 263 2.33 -30.11 22.94
CA PRO A 263 1.70 -30.29 24.25
C PRO A 263 1.98 -31.68 24.86
N LEU A 264 2.52 -32.59 24.06
CA LEU A 264 2.95 -33.88 24.56
C LEU A 264 4.34 -33.82 25.21
N LEU A 265 5.03 -32.69 25.04
CA LEU A 265 6.44 -32.60 25.44
C LEU A 265 6.76 -31.39 26.32
N PRO A 266 6.23 -31.37 27.57
CA PRO A 266 6.62 -30.28 28.47
C PRO A 266 8.13 -30.29 28.74
N ILE A 267 8.66 -29.11 28.98
CA ILE A 267 10.08 -28.91 29.27
C ILE A 267 10.19 -27.89 30.38
N LEU A 268 11.38 -27.77 30.96
CA LEU A 268 11.64 -26.69 31.90
C LEU A 268 12.48 -25.61 31.22
N ARG A 269 12.06 -24.36 31.40
CA ARG A 269 12.81 -23.21 30.88
C ARG A 269 13.43 -22.39 32.00
N ILE A 270 14.74 -22.19 31.90
CA ILE A 270 15.49 -21.37 32.84
C ILE A 270 15.91 -20.06 32.17
N SER A 271 15.52 -18.94 32.78
CA SER A 271 15.88 -17.63 32.26
C SER A 271 16.43 -16.72 33.38
N CYS A 272 17.06 -15.62 32.99
CA CYS A 272 17.68 -14.69 33.93
C CYS A 272 16.94 -13.37 34.00
N SER A 273 16.86 -12.81 35.19
CA SER A 273 16.44 -11.41 35.37
C SER A 273 17.67 -10.51 35.52
N LYS A 274 17.46 -9.19 35.48
CA LYS A 274 18.51 -8.20 35.72
C LYS A 274 19.16 -8.41 37.09
N ASP A 282 28.27 -14.14 39.09
CA ASP A 282 29.16 -14.71 38.09
C ASP A 282 28.46 -15.66 37.13
N TYR A 283 27.35 -16.23 37.59
CA TYR A 283 26.59 -17.19 36.79
C TYR A 283 25.35 -16.56 36.17
N ASN A 284 25.20 -15.25 36.38
CA ASN A 284 24.12 -14.48 35.78
C ASN A 284 24.43 -14.20 34.32
N PHE A 285 23.68 -14.84 33.43
CA PHE A 285 23.91 -14.71 31.99
C PHE A 285 22.85 -13.85 31.28
N TYR A 286 22.24 -12.93 32.04
CA TYR A 286 21.19 -12.04 31.53
C TYR A 286 21.56 -11.28 30.25
N LYS A 287 22.76 -10.70 30.23
CA LYS A 287 23.20 -9.84 29.13
C LYS A 287 23.46 -10.60 27.81
N THR A 288 23.56 -11.92 27.90
CA THR A 288 23.78 -12.78 26.73
C THR A 288 22.49 -13.05 25.94
N ARG A 289 21.34 -12.73 26.55
CA ARG A 289 20.00 -12.94 25.97
C ARG A 289 19.59 -14.41 25.81
N PHE A 290 20.36 -15.32 26.40
CA PHE A 290 20.03 -16.75 26.31
C PHE A 290 19.00 -17.18 27.35
N SER A 291 18.23 -18.20 26.99
CA SER A 291 17.44 -18.99 27.92
C SER A 291 17.85 -20.44 27.74
N ILE A 292 17.63 -21.26 28.76
CA ILE A 292 18.02 -22.66 28.71
C ILE A 292 16.77 -23.53 28.79
N ASN A 293 16.62 -24.40 27.80
CA ASN A 293 15.53 -25.36 27.80
C ASN A 293 16.06 -26.71 28.20
N LEU A 294 15.42 -27.30 29.22
CA LEU A 294 15.73 -28.65 29.63
C LEU A 294 14.78 -29.63 28.94
N LEU A 295 15.29 -30.26 27.88
CA LEU A 295 14.55 -31.25 27.12
C LEU A 295 14.79 -32.63 27.69
N ILE A 296 13.71 -33.36 27.99
CA ILE A 296 13.84 -34.73 28.43
C ILE A 296 13.64 -35.67 27.26
N GLY A 297 14.68 -36.44 26.94
CA GLY A 297 14.65 -37.33 25.80
C GLY A 297 14.70 -38.79 26.17
N PHE A 298 14.43 -39.65 25.19
CA PHE A 298 14.55 -41.10 25.36
C PHE A 298 15.83 -41.56 24.65
N PRO A 299 16.40 -42.71 25.08
CA PRO A 299 17.54 -43.29 24.37
C PRO A 299 17.20 -43.67 22.94
N TYR A 300 18.17 -43.52 22.05
CA TYR A 300 17.99 -43.91 20.66
C TYR A 300 17.55 -45.36 20.56
N LYS A 301 16.49 -45.60 19.80
CA LYS A 301 15.95 -46.92 19.55
C LYS A 301 15.39 -47.70 20.76
N VAL A 302 15.05 -47.03 21.86
CA VAL A 302 14.41 -47.72 23.01
C VAL A 302 13.15 -48.47 22.60
N PHE A 303 12.44 -47.91 21.63
CA PHE A 303 11.24 -48.52 21.11
C PHE A 303 11.48 -48.87 19.65
N GLU A 304 10.90 -49.97 19.19
CA GLU A 304 11.02 -50.39 17.80
C GLU A 304 10.57 -49.28 16.86
N PRO A 305 11.51 -48.70 16.08
CA PRO A 305 11.14 -47.59 15.19
C PRO A 305 10.01 -47.94 14.22
N LYS A 306 9.99 -49.15 13.69
CA LYS A 306 8.92 -49.55 12.76
C LYS A 306 7.53 -49.50 13.40
N LYS A 307 7.46 -49.72 14.71
CA LYS A 307 6.20 -49.68 15.44
C LYS A 307 5.68 -48.23 15.62
N LEU A 308 6.57 -47.27 15.37
CA LEU A 308 6.23 -45.85 15.49
C LEU A 308 6.16 -45.12 14.14
N LEU A 309 6.06 -45.89 13.05
CA LEU A 309 5.85 -45.31 11.71
C LEU A 309 4.55 -44.49 11.65
N PRO A 310 4.50 -43.47 10.78
CA PRO A 310 3.32 -42.59 10.67
C PRO A 310 2.00 -43.32 10.45
N ASN A 311 2.05 -44.45 9.74
CA ASN A 311 0.86 -45.27 9.46
C ASN A 311 0.48 -46.27 10.57
N ARG A 312 1.22 -46.24 11.70
CA ARG A 312 0.94 -47.17 12.81
C ARG A 312 0.10 -46.51 13.91
N ASN A 313 -0.70 -47.33 14.59
CA ASN A 313 -1.45 -46.89 15.76
C ASN A 313 -0.64 -47.15 17.02
N CYS A 314 -0.59 -46.17 17.93
CA CYS A 314 0.09 -46.34 19.21
C CYS A 314 -0.75 -45.91 20.41
N ILE A 315 -2.00 -45.55 20.14
CA ILE A 315 -2.96 -45.33 21.21
C ILE A 315 -4.13 -46.29 20.96
N ARG A 316 -4.19 -47.34 21.78
CA ARG A 316 -5.24 -48.35 21.66
C ARG A 316 -6.49 -47.88 22.36
N ILE A 317 -7.60 -47.86 21.63
CA ILE A 317 -8.88 -47.36 22.15
C ILE A 317 -10.00 -48.40 22.00
N LEU A 326 -7.90 -49.82 14.05
CA LEU A 326 -7.64 -48.60 14.82
C LEU A 326 -6.95 -47.54 13.94
N PRO A 327 -7.24 -46.25 14.18
CA PRO A 327 -6.66 -45.21 13.32
C PRO A 327 -5.17 -44.99 13.61
N ALA A 328 -4.42 -44.68 12.56
CA ALA A 328 -3.01 -44.37 12.70
C ALA A 328 -2.85 -43.12 13.56
N THR A 329 -1.74 -43.05 14.30
CA THR A 329 -1.51 -41.94 15.24
C THR A 329 -0.21 -41.19 14.91
N PRO A 330 -0.12 -40.57 13.70
CA PRO A 330 1.17 -39.99 13.27
C PRO A 330 1.70 -38.83 14.14
N LEU A 331 0.81 -38.04 14.73
CA LEU A 331 1.20 -36.91 15.58
C LEU A 331 1.83 -37.43 16.85
N TYR A 332 1.12 -38.33 17.52
CA TYR A 332 1.60 -38.98 18.73
C TYR A 332 2.93 -39.68 18.49
N ASN A 333 3.00 -40.50 17.44
CA ASN A 333 4.19 -41.27 17.10
C ASN A 333 5.42 -40.40 16.88
N PHE A 334 5.21 -39.23 16.28
CA PHE A 334 6.30 -38.29 16.03
C PHE A 334 6.85 -37.77 17.36
N SER A 335 5.96 -37.41 18.28
CA SER A 335 6.37 -36.88 19.58
C SER A 335 7.22 -37.90 20.34
N VAL A 336 6.79 -39.16 20.29
CA VAL A 336 7.49 -40.26 20.95
C VAL A 336 8.78 -40.61 20.25
N LEU A 337 8.70 -40.91 18.95
CA LEU A 337 9.88 -41.31 18.20
C LEU A 337 10.96 -40.22 18.16
N SER A 338 10.57 -38.96 17.94
CA SER A 338 11.57 -37.90 17.80
C SER A 338 12.23 -37.57 19.14
N SER A 339 11.55 -37.89 20.24
CA SER A 339 12.18 -37.79 21.56
C SER A 339 13.39 -38.71 21.69
N SER A 340 13.49 -39.69 20.80
CA SER A 340 14.61 -40.64 20.78
C SER A 340 15.70 -40.30 19.76
N THR A 341 15.47 -39.28 18.92
CA THR A 341 16.37 -39.02 17.80
C THR A 341 17.12 -37.68 17.82
N HIS A 342 17.00 -36.94 18.92
CA HIS A 342 17.63 -35.61 19.04
C HIS A 342 19.15 -35.64 18.86
N GLU A 343 19.80 -36.61 19.50
CA GLU A 343 21.26 -36.76 19.40
C GLU A 343 21.64 -37.26 18.01
N ASN A 344 20.85 -38.19 17.48
CA ASN A 344 21.00 -38.67 16.11
C ASN A 344 21.10 -37.51 15.10
N TYR A 345 20.17 -36.57 15.23
CA TYR A 345 20.12 -35.44 14.29
C TYR A 345 21.24 -34.44 14.51
N LEU A 346 21.58 -34.18 15.76
CA LEU A 346 22.74 -33.35 16.05
C LEU A 346 24.02 -33.96 15.45
N LYS A 347 24.20 -35.26 15.60
CA LYS A 347 25.36 -35.96 15.00
C LYS A 347 25.37 -35.85 13.47
N TYR A 348 24.20 -36.06 12.86
CA TYR A 348 24.02 -35.93 11.42
C TYR A 348 24.34 -34.52 10.90
N LEU A 349 23.85 -33.52 11.63
CA LEU A 349 24.07 -32.11 11.25
C LEU A 349 25.52 -31.67 11.49
N TYR A 350 26.13 -32.16 12.56
CA TYR A 350 27.53 -31.86 12.86
C TYR A 350 28.48 -32.43 11.80
N LYS A 351 28.24 -33.68 11.42
CA LYS A 351 28.98 -34.33 10.34
C LYS A 351 28.87 -33.55 9.03
N THR A 352 27.65 -33.19 8.65
CA THR A 352 27.40 -32.39 7.44
C THR A 352 28.09 -31.03 7.52
N LYS A 353 28.04 -30.38 8.68
CA LYS A 353 28.67 -29.08 8.88
C LYS A 353 30.17 -29.18 8.66
N LYS A 354 30.77 -30.28 9.16
CA LYS A 354 32.20 -30.49 9.01
C LYS A 354 32.60 -30.72 7.56
N GLN A 355 31.71 -31.33 6.78
CA GLN A 355 31.95 -31.52 5.36
C GLN A 355 31.72 -30.27 4.50
N THR A 356 30.94 -29.31 5.01
CA THR A 356 30.48 -28.21 4.15
C THR A 356 30.75 -26.82 4.71
N GLU A 357 31.76 -26.18 4.13
CA GLU A 357 32.35 -24.93 4.60
C GLU A 357 31.35 -23.82 4.93
N SER A 358 30.32 -23.67 4.10
CA SER A 358 29.37 -22.55 4.24
C SER A 358 28.05 -22.93 4.93
N PHE A 359 27.99 -24.14 5.48
CA PHE A 359 26.78 -24.69 6.09
C PHE A 359 26.20 -23.77 7.15
N VAL A 360 27.04 -23.33 8.10
CA VAL A 360 26.61 -22.46 9.19
C VAL A 360 26.05 -21.12 8.68
N GLU A 361 26.78 -20.48 7.76
CA GLU A 361 26.33 -19.23 7.14
C GLU A 361 24.98 -19.40 6.45
N ALA A 362 24.81 -20.50 5.72
CA ALA A 362 23.55 -20.79 5.03
C ALA A 362 22.41 -21.01 6.01
N THR A 363 22.72 -21.64 7.14
CA THR A 363 21.78 -21.84 8.25
C THR A 363 21.25 -20.50 8.80
N VAL A 364 22.14 -19.52 8.92
CA VAL A 364 21.74 -18.21 9.44
C VAL A 364 20.80 -17.53 8.43
N LEU A 365 21.13 -17.68 7.14
CA LEU A 365 20.33 -17.10 6.07
C LEU A 365 18.93 -17.74 6.05
N GLY A 366 18.87 -19.06 6.20
CA GLY A 366 17.61 -19.78 6.30
C GLY A 366 16.76 -19.33 7.48
N ARG A 367 17.39 -19.24 8.66
CA ARG A 367 16.70 -18.82 9.89
C ARG A 367 16.05 -17.45 9.72
N LEU A 368 16.81 -16.50 9.16
CA LEU A 368 16.32 -15.13 9.00
C LEU A 368 15.22 -15.03 7.94
N TRP A 369 15.42 -15.74 6.83
CA TRP A 369 14.40 -15.79 5.78
C TRP A 369 13.08 -16.30 6.36
N LEU A 370 13.13 -17.41 7.11
CA LEU A 370 11.91 -17.99 7.70
C LEU A 370 11.31 -17.07 8.76
N GLN A 371 12.18 -16.47 9.57
CA GLN A 371 11.74 -15.59 10.66
C GLN A 371 10.93 -14.40 10.15
N GLN A 372 11.43 -13.72 9.11
CA GLN A 372 10.71 -12.59 8.51
C GLN A 372 9.32 -12.94 7.98
N ARG A 373 9.15 -14.21 7.59
CA ARG A 373 7.90 -14.70 7.01
C ARG A 373 7.01 -15.40 8.04
N GLY A 374 7.42 -15.30 9.31
CA GLY A 374 6.59 -15.78 10.43
C GLY A 374 6.62 -17.28 10.66
N PHE A 375 7.60 -17.97 10.09
CA PHE A 375 7.73 -19.41 10.25
C PHE A 375 8.62 -19.74 11.44
N SER A 376 8.39 -20.88 12.06
CA SER A 376 9.29 -21.45 13.06
C SER A 376 9.09 -22.94 13.13
N SER A 377 9.92 -23.61 13.92
CA SER A 377 9.81 -25.05 14.18
C SER A 377 8.55 -25.45 14.98
N ASN A 378 7.90 -24.49 15.62
CA ASN A 378 6.70 -24.79 16.42
C ASN A 378 5.60 -25.54 15.71
N MET A 379 4.93 -26.38 16.48
CA MET A 379 3.78 -27.15 16.07
C MET A 379 2.76 -26.19 15.44
N SER A 380 2.34 -26.49 14.23
CA SER A 380 1.45 -25.59 13.50
C SER A 380 0.01 -26.09 13.53
N HIS A 381 -0.21 -27.32 14.02
CA HIS A 381 -1.53 -27.97 13.98
C HIS A 381 -2.55 -27.28 14.87
N SER A 382 -2.07 -26.53 15.86
CA SER A 382 -2.95 -25.84 16.80
C SER A 382 -3.25 -24.39 16.40
N GLY A 383 -3.11 -24.07 15.11
CA GLY A 383 -3.44 -22.73 14.64
C GLY A 383 -2.30 -21.72 14.70
N SER A 384 -1.18 -22.10 14.08
CA SER A 384 -0.09 -21.17 13.86
C SER A 384 0.61 -21.48 12.53
N LEU A 385 1.32 -20.50 11.99
CA LEU A 385 2.09 -20.72 10.77
C LEU A 385 3.47 -21.28 11.11
N GLY A 386 3.75 -22.52 10.70
CA GLY A 386 5.03 -23.11 11.05
C GLY A 386 5.21 -24.59 10.80
N GLY A 387 5.94 -25.24 11.71
CA GLY A 387 6.37 -26.60 11.52
C GLY A 387 7.65 -26.67 10.71
N PHE A 388 8.19 -25.50 10.36
CA PHE A 388 9.38 -25.43 9.52
C PHE A 388 10.20 -24.23 9.96
N GLY A 389 11.21 -24.52 10.77
CA GLY A 389 12.11 -23.51 11.28
C GLY A 389 13.55 -23.83 10.94
N THR A 390 14.48 -23.24 11.68
CA THR A 390 15.93 -23.46 11.48
C THR A 390 16.28 -24.96 11.41
N PHE A 391 15.79 -25.74 12.36
CA PHE A 391 16.09 -27.18 12.39
C PHE A 391 15.69 -27.88 11.08
N GLU A 392 14.44 -27.70 10.66
CA GLU A 392 13.95 -28.32 9.43
C GLU A 392 14.70 -27.81 8.21
N PHE A 393 15.01 -26.53 8.18
CA PHE A 393 15.81 -25.97 7.09
C PHE A 393 17.17 -26.70 6.98
N THR A 394 17.87 -26.83 8.11
CA THR A 394 19.18 -27.49 8.13
C THR A 394 19.14 -28.98 7.80
N ILE A 395 18.08 -29.66 8.22
CA ILE A 395 17.92 -31.08 7.90
C ILE A 395 17.68 -31.20 6.40
N LEU A 396 16.87 -30.30 5.86
CA LEU A 396 16.61 -30.34 4.42
C LEU A 396 17.90 -30.05 3.66
N MET A 397 18.64 -29.04 4.12
CA MET A 397 19.89 -28.68 3.46
C MET A 397 20.86 -29.88 3.49
N ALA A 398 20.94 -30.54 4.64
CA ALA A 398 21.80 -31.72 4.82
C ALA A 398 21.39 -32.86 3.89
N ALA A 399 20.09 -33.12 3.78
CA ALA A 399 19.61 -34.14 2.84
C ALA A 399 19.99 -33.81 1.39
N LEU A 400 19.90 -32.54 1.03
CA LEU A 400 20.20 -32.11 -0.34
C LEU A 400 21.70 -32.10 -0.63
N LEU A 401 22.50 -32.18 0.43
CA LEU A 401 23.94 -32.33 0.31
C LEU A 401 24.36 -33.81 0.15
N ASN A 402 23.38 -34.71 0.10
CA ASN A 402 23.64 -36.14 -0.08
C ASN A 402 22.62 -36.77 -1.03
N GLY A 403 22.35 -36.07 -2.13
CA GLY A 403 21.35 -36.50 -3.10
C GLY A 403 20.21 -35.51 -3.23
N GLY A 404 19.02 -36.02 -3.49
CA GLY A 404 17.82 -35.20 -3.53
C GLY A 404 17.11 -35.18 -4.86
N GLY A 405 17.81 -35.54 -5.92
CA GLY A 405 17.19 -35.66 -7.23
C GLY A 405 16.23 -36.84 -7.32
N ILE A 406 15.45 -36.86 -8.40
CA ILE A 406 14.51 -37.96 -8.67
C ILE A 406 15.26 -39.28 -8.89
N ASN A 407 16.48 -39.18 -9.43
CA ASN A 407 17.39 -40.34 -9.52
C ASN A 407 18.55 -40.30 -8.51
N SER A 408 18.31 -39.62 -7.39
CA SER A 408 19.24 -39.57 -6.24
C SER A 408 20.50 -38.74 -6.44
N ASN A 409 20.57 -37.99 -7.55
CA ASN A 409 21.67 -37.06 -7.81
C ASN A 409 21.78 -35.98 -6.74
N LYS A 410 23.01 -35.51 -6.47
CA LYS A 410 23.26 -34.41 -5.53
C LYS A 410 22.60 -33.11 -6.02
N ILE A 411 21.96 -32.41 -5.08
CA ILE A 411 21.39 -31.09 -5.38
C ILE A 411 22.37 -30.00 -4.96
N LEU A 412 23.00 -30.20 -3.79
CA LEU A 412 23.96 -29.23 -3.29
C LEU A 412 25.34 -29.90 -3.19
N LEU A 413 26.39 -29.13 -3.46
CA LEU A 413 27.76 -29.66 -3.33
C LEU A 413 28.39 -29.12 -2.06
N HIS A 414 29.33 -29.87 -1.49
CA HIS A 414 29.98 -29.48 -0.24
C HIS A 414 30.74 -28.15 -0.32
N GLY A 415 31.17 -27.77 -1.51
CA GLY A 415 31.92 -26.53 -1.69
C GLY A 415 31.09 -25.31 -2.05
N PHE A 416 29.77 -25.44 -2.10
CA PHE A 416 28.86 -24.33 -2.47
C PHE A 416 29.04 -23.14 -1.52
N SER A 417 29.01 -21.91 -2.06
CA SER A 417 29.00 -20.72 -1.20
C SER A 417 27.68 -20.72 -0.40
N SER A 418 27.58 -19.90 0.64
CA SER A 418 26.31 -19.79 1.36
C SER A 418 25.17 -19.31 0.45
N TYR A 419 25.50 -18.48 -0.53
CA TYR A 419 24.53 -18.04 -1.53
C TYR A 419 23.97 -19.23 -2.33
N GLN A 420 24.87 -20.08 -2.86
CA GLN A 420 24.50 -21.25 -3.63
C GLN A 420 23.71 -22.26 -2.78
N LEU A 421 24.07 -22.39 -1.51
CA LEU A 421 23.37 -23.28 -0.61
C LEU A 421 21.95 -22.78 -0.35
N PHE A 422 21.85 -21.53 0.10
CA PHE A 422 20.55 -20.91 0.35
C PHE A 422 19.66 -20.98 -0.90
N LYS A 423 20.17 -20.49 -2.02
CA LYS A 423 19.43 -20.52 -3.28
C LYS A 423 18.98 -21.92 -3.67
N GLY A 424 19.84 -22.92 -3.46
CA GLY A 424 19.48 -24.29 -3.82
C GLY A 424 18.38 -24.88 -2.93
N VAL A 425 18.43 -24.56 -1.64
CA VAL A 425 17.35 -25.00 -0.75
C VAL A 425 16.03 -24.33 -1.13
N ILE A 426 16.07 -23.01 -1.37
CA ILE A 426 14.86 -22.24 -1.76
C ILE A 426 14.27 -22.80 -3.06
N LYS A 427 15.14 -23.06 -4.03
CA LYS A 427 14.71 -23.58 -5.33
C LYS A 427 14.04 -24.95 -5.16
N TYR A 428 14.62 -25.80 -4.33
CA TYR A 428 14.04 -27.11 -4.05
C TYR A 428 12.65 -27.00 -3.38
N LEU A 429 12.57 -26.16 -2.36
CA LEU A 429 11.29 -25.86 -1.70
C LEU A 429 10.25 -25.32 -2.68
N ALA A 430 10.68 -24.47 -3.60
CA ALA A 430 9.80 -23.85 -4.60
C ALA A 430 9.21 -24.84 -5.62
N THR A 431 10.03 -25.80 -6.04
CA THR A 431 9.73 -26.58 -7.24
C THR A 431 9.48 -28.07 -6.99
N MET A 432 9.93 -28.59 -5.86
CA MET A 432 9.82 -30.02 -5.57
C MET A 432 8.75 -30.30 -4.53
N ASP A 433 7.55 -30.68 -4.98
CA ASP A 433 6.40 -30.84 -4.08
C ASP A 433 6.57 -31.97 -3.06
N LEU A 434 6.31 -31.65 -1.79
CA LEU A 434 6.52 -32.58 -0.68
C LEU A 434 5.22 -32.98 0.03
N CYS A 435 4.08 -32.64 -0.57
CA CYS A 435 2.79 -32.87 0.08
C CYS A 435 1.85 -33.73 -0.75
N HIS A 436 1.20 -33.13 -1.75
CA HIS A 436 0.21 -33.86 -2.54
C HIS A 436 0.82 -34.74 -3.62
N ASP A 437 1.92 -34.29 -4.22
CA ASP A 437 2.47 -34.91 -5.43
C ASP A 437 3.78 -35.68 -5.26
N GLY A 438 4.41 -35.55 -4.11
CA GLY A 438 5.67 -36.26 -3.86
C GLY A 438 6.14 -36.16 -2.42
N HIS A 439 7.32 -36.72 -2.15
CA HIS A 439 8.01 -36.55 -0.88
C HIS A 439 9.51 -36.77 -1.05
N LEU A 440 10.29 -36.34 -0.05
CA LEU A 440 11.71 -36.57 -0.05
C LEU A 440 12.09 -37.62 0.98
N GLN A 441 12.88 -38.58 0.52
CA GLN A 441 13.40 -39.62 1.39
C GLN A 441 14.89 -39.37 1.61
N PHE A 442 15.35 -39.54 2.85
CA PHE A 442 16.78 -39.43 3.16
C PHE A 442 17.19 -40.46 4.22
N HIS A 443 18.50 -40.52 4.47
CA HIS A 443 19.08 -41.43 5.46
C HIS A 443 20.03 -40.64 6.34
N SER A 444 19.66 -40.42 7.60
CA SER A 444 20.55 -39.73 8.53
C SER A 444 21.72 -40.60 9.03
N ASN A 445 21.65 -41.90 8.74
CA ASN A 445 22.73 -42.84 9.09
C ASN A 445 23.31 -43.50 7.85
N PRO A 453 21.80 -45.04 0.77
CA PRO A 453 21.97 -43.91 1.68
C PRO A 453 21.66 -42.54 1.05
N ALA A 454 21.82 -42.42 -0.27
CA ALA A 454 21.61 -41.13 -0.96
C ALA A 454 20.15 -40.68 -0.92
N SER A 455 19.94 -39.38 -0.70
CA SER A 455 18.60 -38.80 -0.66
C SER A 455 17.90 -38.91 -2.00
N LYS A 456 16.60 -39.25 -1.98
CA LYS A 456 15.86 -39.52 -3.20
C LYS A 456 14.49 -38.88 -3.17
N TYR A 457 14.19 -38.06 -4.19
CA TYR A 457 12.84 -37.55 -4.36
C TYR A 457 11.94 -38.64 -4.95
N ILE A 458 10.83 -38.89 -4.28
CA ILE A 458 9.86 -39.91 -4.73
C ILE A 458 8.54 -39.25 -5.12
N ASP A 459 8.09 -39.53 -6.35
CA ASP A 459 6.96 -38.81 -6.92
C ASP A 459 5.57 -39.34 -6.53
N GLU A 460 5.48 -39.85 -5.32
CA GLU A 460 4.21 -40.14 -4.70
C GLU A 460 4.07 -39.31 -3.43
N GLY A 461 2.94 -38.62 -3.30
CA GLY A 461 2.66 -37.79 -2.13
C GLY A 461 1.72 -38.45 -1.13
N PHE A 462 1.92 -38.13 0.14
CA PHE A 462 1.06 -38.67 1.19
C PHE A 462 -0.07 -37.74 1.63
N GLN A 463 -0.23 -36.63 0.89
CA GLN A 463 -1.25 -35.60 1.18
C GLN A 463 -0.99 -34.87 2.50
N THR A 464 0.25 -34.97 2.97
CA THR A 464 0.74 -34.21 4.11
C THR A 464 2.24 -33.97 3.87
N PRO A 465 2.76 -32.83 4.36
CA PRO A 465 4.18 -32.54 4.15
C PRO A 465 5.07 -33.67 4.69
N THR A 466 5.93 -34.21 3.82
CA THR A 466 6.77 -35.36 4.19
C THR A 466 8.22 -35.23 3.76
N LEU A 467 9.11 -35.26 4.76
CA LEU A 467 10.55 -35.40 4.58
C LEU A 467 10.93 -36.61 5.44
N PHE A 468 11.09 -37.77 4.79
CA PHE A 468 11.10 -39.03 5.55
C PHE A 468 12.49 -39.60 5.72
N ASP A 469 12.90 -39.80 6.97
CA ASP A 469 14.19 -40.37 7.31
C ASP A 469 14.08 -41.87 7.41
N LYS A 470 14.56 -42.56 6.38
CA LYS A 470 14.56 -44.03 6.36
C LYS A 470 15.36 -44.65 7.49
N SER A 471 16.36 -43.92 8.00
CA SER A 471 17.18 -44.40 9.11
C SER A 471 16.43 -44.49 10.43
N THR A 472 15.62 -43.47 10.73
CA THR A 472 15.00 -43.33 12.04
C THR A 472 13.50 -43.60 12.04
N LYS A 473 12.92 -43.62 10.84
CA LYS A 473 11.47 -43.75 10.61
C LYS A 473 10.65 -42.48 10.97
N VAL A 474 11.35 -41.36 11.14
CA VAL A 474 10.72 -40.07 11.46
C VAL A 474 10.32 -39.28 10.21
N ASN A 475 9.10 -38.76 10.21
CA ASN A 475 8.76 -37.71 9.25
C ASN A 475 9.10 -36.34 9.86
N ILE A 476 10.18 -35.77 9.35
CA ILE A 476 10.71 -34.49 9.86
C ILE A 476 9.67 -33.36 9.76
N LEU A 477 8.81 -33.42 8.76
CA LEU A 477 7.79 -32.38 8.54
C LEU A 477 6.42 -32.61 9.21
N THR A 478 6.38 -33.50 10.20
CA THR A 478 5.10 -33.80 10.87
C THR A 478 4.41 -32.57 11.45
N LYS A 479 5.20 -31.61 11.94
CA LYS A 479 4.66 -30.43 12.63
C LYS A 479 3.95 -29.42 11.71
N MET A 480 4.15 -29.57 10.39
CA MET A 480 3.58 -28.65 9.39
C MET A 480 2.20 -29.09 8.97
N THR A 481 1.27 -28.14 8.93
CA THR A 481 -0.02 -28.40 8.31
C THR A 481 0.14 -28.28 6.80
N VAL A 482 -0.82 -28.82 6.08
CA VAL A 482 -0.89 -28.63 4.64
C VAL A 482 -0.91 -27.13 4.30
N SER A 483 -1.72 -26.37 5.04
CA SER A 483 -1.87 -24.94 4.76
C SER A 483 -0.56 -24.17 4.97
N SER A 484 0.18 -24.51 6.03
CA SER A 484 1.51 -23.93 6.28
C SER A 484 2.50 -24.26 5.17
N TYR A 485 2.50 -25.53 4.72
CA TYR A 485 3.41 -25.96 3.65
C TYR A 485 3.12 -25.25 2.31
N GLN A 486 1.84 -25.15 1.96
CA GLN A 486 1.46 -24.50 0.70
C GLN A 486 1.96 -23.05 0.67
N ILE A 487 1.87 -22.37 1.82
CA ILE A 487 2.35 -20.99 1.97
C ILE A 487 3.87 -20.89 1.90
N LEU A 488 4.55 -21.84 2.54
CA LEU A 488 6.00 -21.93 2.51
C LEU A 488 6.48 -22.06 1.07
N LYS A 489 5.86 -22.98 0.34
CA LYS A 489 6.18 -23.21 -1.06
C LYS A 489 5.99 -21.95 -1.94
N GLU A 490 4.91 -21.19 -1.69
CA GLU A 490 4.72 -19.93 -2.40
C GLU A 490 5.79 -18.89 -2.03
N TYR A 491 6.10 -18.76 -0.74
CA TYR A 491 7.18 -17.82 -0.37
C TYR A 491 8.48 -18.23 -1.01
N ALA A 492 8.71 -19.54 -1.09
CA ALA A 492 9.91 -20.06 -1.74
C ALA A 492 9.93 -19.69 -3.23
N GLY A 493 8.81 -19.90 -3.92
CA GLY A 493 8.68 -19.47 -5.33
C GLY A 493 8.97 -17.99 -5.56
N GLU A 494 8.43 -17.14 -4.69
CA GLU A 494 8.66 -15.70 -4.77
C GLU A 494 10.12 -15.35 -4.50
N THR A 495 10.73 -16.02 -3.53
CA THR A 495 12.15 -15.75 -3.24
C THR A 495 13.05 -16.20 -4.40
N LEU A 496 12.68 -17.32 -5.02
CA LEU A 496 13.41 -17.85 -6.18
C LEU A 496 13.39 -16.86 -7.32
N ARG A 497 12.21 -16.29 -7.58
CA ARG A 497 12.10 -15.22 -8.57
C ARG A 497 12.98 -14.01 -8.19
N MET A 498 12.93 -13.59 -6.93
CA MET A 498 13.76 -12.49 -6.45
C MET A 498 15.26 -12.80 -6.65
N LEU A 499 15.66 -14.02 -6.31
CA LEU A 499 17.05 -14.46 -6.45
C LEU A 499 17.51 -14.47 -7.91
N ASN A 500 16.57 -14.66 -8.83
CA ASN A 500 16.88 -14.67 -10.27
C ASN A 500 16.77 -13.29 -10.93
N ASN A 501 16.38 -12.27 -10.16
CA ASN A 501 16.27 -10.92 -10.68
C ASN A 501 17.68 -10.39 -10.85
N VAL A 502 18.04 -10.03 -12.07
CA VAL A 502 19.41 -9.61 -12.37
C VAL A 502 19.49 -8.10 -12.46
N VAL A 503 18.42 -7.43 -12.06
CA VAL A 503 18.29 -5.99 -12.22
C VAL A 503 18.13 -5.29 -10.87
N GLN A 504 16.97 -5.41 -10.22
CA GLN A 504 16.72 -4.69 -8.97
C GLN A 504 17.25 -5.50 -7.80
N ASP A 505 17.88 -4.82 -6.84
CA ASP A 505 18.51 -5.51 -5.73
C ASP A 505 17.45 -6.01 -4.75
N GLN A 506 17.48 -7.31 -4.47
CA GLN A 506 16.45 -7.96 -3.64
C GLN A 506 16.89 -8.34 -2.21
N PHE A 507 18.15 -8.09 -1.83
CA PHE A 507 18.65 -8.53 -0.53
C PHE A 507 17.75 -8.11 0.62
N SER A 508 17.38 -6.83 0.65
CA SER A 508 16.52 -6.32 1.70
C SER A 508 15.15 -7.03 1.74
N ASN A 509 14.54 -7.24 0.56
CA ASN A 509 13.28 -8.00 0.45
C ASN A 509 13.40 -9.43 0.96
N ILE A 510 14.55 -10.05 0.67
CA ILE A 510 14.75 -11.46 1.01
C ILE A 510 14.97 -11.66 2.51
N PHE A 511 15.82 -10.83 3.11
CA PHE A 511 16.26 -11.04 4.49
C PHE A 511 15.88 -9.99 5.52
N LEU A 512 15.64 -8.75 5.10
CA LEU A 512 15.65 -7.61 6.03
C LEU A 512 14.28 -7.00 6.33
N THR A 513 13.22 -7.60 5.79
CA THR A 513 11.89 -6.99 5.86
C THR A 513 10.94 -7.94 6.56
N ASN A 514 10.46 -7.54 7.74
CA ASN A 514 9.48 -8.34 8.47
C ASN A 514 8.11 -8.21 7.83
N ILE A 515 7.61 -9.25 7.17
CA ILE A 515 6.27 -9.14 6.56
C ILE A 515 5.18 -9.68 7.48
N SER A 516 5.57 -10.08 8.68
CA SER A 516 4.64 -10.75 9.59
C SER A 516 4.07 -9.85 10.69
N ARG A 517 4.51 -8.61 10.76
CA ARG A 517 4.05 -7.71 11.81
C ARG A 517 2.56 -7.42 11.73
N PHE A 518 2.05 -7.24 10.50
CA PHE A 518 0.67 -6.79 10.33
C PHE A 518 -0.14 -7.72 9.43
N ASP A 519 -1.11 -8.40 10.03
CA ASP A 519 -1.92 -9.38 9.30
C ASP A 519 -2.59 -8.77 8.09
N ASN A 520 -2.99 -7.51 8.17
CA ASN A 520 -3.76 -6.89 7.10
C ASN A 520 -2.90 -6.46 5.91
N LEU A 521 -1.58 -6.51 6.08
CA LEU A 521 -0.66 -6.36 4.95
C LEU A 521 -0.24 -7.73 4.40
N LYS A 522 0.10 -8.66 5.29
CA LYS A 522 0.48 -10.02 4.88
C LYS A 522 -0.65 -10.77 4.15
N TYR A 523 -1.89 -10.59 4.61
CA TYR A 523 -3.06 -11.29 4.05
C TYR A 523 -4.05 -10.31 3.44
N ASP A 524 -4.94 -10.81 2.57
CA ASP A 524 -5.92 -9.95 1.91
C ASP A 524 -7.17 -9.71 2.75
N LEU A 525 -7.66 -10.76 3.38
CA LEU A 525 -8.85 -10.69 4.24
C LEU A 525 -8.59 -11.45 5.53
N CYS A 526 -9.02 -10.86 6.65
CA CYS A 526 -8.88 -11.49 7.97
C CYS A 526 -10.23 -11.42 8.67
N TYR A 527 -10.68 -12.56 9.18
CA TYR A 527 -11.95 -12.65 9.90
C TYR A 527 -11.67 -13.07 11.32
N ASP A 528 -12.16 -12.29 12.27
CA ASP A 528 -12.11 -12.66 13.68
C ASP A 528 -13.32 -13.53 13.99
N VAL A 529 -13.06 -14.71 14.55
CA VAL A 529 -14.10 -15.68 14.90
C VAL A 529 -14.13 -15.95 16.41
N GLN A 530 -15.14 -15.42 17.08
CA GLN A 530 -15.38 -15.77 18.48
C GLN A 530 -15.98 -17.18 18.56
N LEU A 531 -15.39 -18.01 19.42
CA LEU A 531 -15.83 -19.38 19.60
C LEU A 531 -16.01 -19.69 21.10
N PRO A 532 -17.10 -19.18 21.71
CA PRO A 532 -17.32 -19.47 23.14
C PRO A 532 -17.83 -20.90 23.39
N LEU A 533 -16.91 -21.85 23.26
CA LEU A 533 -17.26 -23.27 23.27
C LEU A 533 -17.51 -23.82 24.67
N GLY A 534 -17.10 -23.06 25.69
CA GLY A 534 -17.24 -23.45 27.10
C GLY A 534 -16.19 -24.47 27.50
N LYS A 535 -16.60 -25.44 28.32
CA LYS A 535 -15.72 -26.50 28.78
C LYS A 535 -15.81 -27.72 27.87
N TYR A 536 -14.89 -28.66 28.07
CA TYR A 536 -14.89 -29.93 27.37
C TYR A 536 -16.26 -30.65 27.40
N ASN A 537 -16.96 -30.58 28.53
CA ASN A 537 -18.26 -31.25 28.68
C ASN A 537 -19.38 -30.55 27.92
N ASN A 538 -19.09 -29.36 27.41
CA ASN A 538 -20.07 -28.56 26.68
C ASN A 538 -20.03 -28.78 25.16
N LEU A 539 -18.98 -29.45 24.70
CA LEU A 539 -18.69 -29.62 23.27
C LEU A 539 -19.76 -30.33 22.45
N GLU A 540 -20.51 -31.20 23.09
CA GLU A 540 -21.61 -31.94 22.44
C GLU A 540 -22.62 -30.99 21.79
N THR A 541 -22.80 -29.82 22.37
CA THR A 541 -23.70 -28.81 21.81
C THR A 541 -22.97 -27.59 21.21
N SER A 542 -21.78 -27.26 21.72
CA SER A 542 -21.08 -26.07 21.23
C SER A 542 -20.26 -26.32 19.96
N LEU A 543 -19.99 -27.59 19.65
CA LEU A 543 -19.21 -27.94 18.46
C LEU A 543 -20.08 -28.78 17.55
N ALA A 544 -20.15 -28.41 16.27
CA ALA A 544 -21.04 -29.12 15.34
C ALA A 544 -20.52 -30.51 14.94
N ALA A 545 -19.19 -30.69 14.97
CA ALA A 545 -18.61 -32.01 14.72
C ALA A 545 -18.33 -32.72 16.04
N THR A 546 -18.32 -34.05 16.01
CA THR A 546 -18.02 -34.87 17.18
C THR A 546 -16.52 -34.89 17.47
N PHE A 547 -16.15 -34.62 18.71
CA PHE A 547 -14.77 -34.80 19.17
C PHE A 547 -14.71 -36.00 20.12
N GLY A 548 -14.67 -37.20 19.55
CA GLY A 548 -14.70 -38.42 20.33
C GLY A 548 -13.35 -39.14 20.42
N SER A 549 -13.41 -40.40 20.81
CA SER A 549 -12.23 -41.22 21.05
C SER A 549 -11.29 -41.27 19.85
N MET A 550 -11.86 -41.49 18.66
CA MET A 550 -11.06 -41.59 17.44
C MET A 550 -10.35 -40.26 17.11
N GLU A 551 -11.07 -39.16 17.30
CA GLU A 551 -10.55 -37.82 17.04
C GLU A 551 -9.45 -37.42 18.01
N ARG A 552 -9.61 -37.79 19.29
CA ARG A 552 -8.60 -37.47 20.30
C ARG A 552 -7.31 -38.23 20.04
N VAL A 553 -7.45 -39.45 19.52
CA VAL A 553 -6.32 -40.30 19.17
C VAL A 553 -5.56 -39.74 17.95
N LYS A 554 -6.30 -39.21 16.99
CA LYS A 554 -5.69 -38.67 15.77
C LYS A 554 -5.15 -37.25 15.96
N PHE A 555 -5.91 -36.40 16.63
CA PHE A 555 -5.60 -34.98 16.74
C PHE A 555 -4.92 -34.59 18.06
N ILE A 556 -5.03 -35.47 19.05
CA ILE A 556 -4.38 -35.26 20.36
C ILE A 556 -5.06 -34.19 21.22
N THR A 557 -5.23 -32.99 20.68
CA THR A 557 -5.89 -31.92 21.42
C THR A 557 -7.09 -31.38 20.69
N LEU A 558 -7.99 -30.78 21.46
CA LEU A 558 -9.14 -30.11 20.90
C LEU A 558 -8.70 -28.97 19.97
N GLU A 559 -7.65 -28.25 20.38
CA GLU A 559 -7.12 -27.13 19.61
C GLU A 559 -6.65 -27.56 18.22
N ASN A 560 -5.93 -28.68 18.14
CA ASN A 560 -5.53 -29.26 16.84
C ASN A 560 -6.75 -29.63 16.00
N PHE A 561 -7.70 -30.31 16.64
CA PHE A 561 -8.91 -30.75 15.97
C PHE A 561 -9.66 -29.55 15.42
N LEU A 562 -9.83 -28.53 16.26
CA LEU A 562 -10.52 -27.30 15.90
C LEU A 562 -9.85 -26.50 14.77
N ALA A 563 -8.53 -26.29 14.85
CA ALA A 563 -7.84 -25.58 13.78
C ALA A 563 -7.99 -26.31 12.45
N HIS A 564 -7.84 -27.63 12.48
CA HIS A 564 -7.95 -28.45 11.27
C HIS A 564 -9.39 -28.41 10.72
N LYS A 565 -10.36 -28.46 11.61
CA LYS A 565 -11.78 -28.40 11.23
C LYS A 565 -12.13 -27.10 10.51
N ILE A 566 -11.69 -25.98 11.10
CA ILE A 566 -11.98 -24.66 10.55
C ILE A 566 -11.28 -24.47 9.20
N THR A 567 -10.02 -24.93 9.11
CA THR A 567 -9.29 -24.91 7.84
C THR A 567 -10.03 -25.70 6.74
N ASN A 568 -10.40 -26.94 7.06
CA ASN A 568 -11.09 -27.81 6.12
C ASN A 568 -12.44 -27.28 5.67
N VAL A 569 -13.21 -26.76 6.62
CA VAL A 569 -14.51 -26.14 6.32
C VAL A 569 -14.34 -24.91 5.40
N ALA A 570 -13.48 -23.98 5.79
CA ALA A 570 -13.25 -22.78 4.98
C ALA A 570 -12.69 -23.13 3.60
N ARG A 571 -11.77 -24.10 3.51
CA ARG A 571 -11.22 -24.49 2.22
C ARG A 571 -12.27 -25.04 1.27
N TYR A 572 -13.11 -25.93 1.78
CA TYR A 572 -14.16 -26.53 0.96
C TYR A 572 -15.17 -25.47 0.54
N ALA A 573 -15.55 -24.60 1.48
CA ALA A 573 -16.57 -23.58 1.23
C ALA A 573 -16.12 -22.55 0.20
N LEU A 574 -14.82 -22.25 0.21
CA LEU A 574 -14.29 -21.12 -0.58
C LEU A 574 -13.77 -21.55 -1.93
N GLY A 575 -13.37 -22.81 -2.05
CA GLY A 575 -12.86 -23.34 -3.31
C GLY A 575 -11.80 -22.44 -3.93
N ASP A 576 -11.97 -22.14 -5.21
CA ASP A 576 -11.01 -21.35 -6.00
C ASP A 576 -11.08 -19.84 -5.73
N ARG A 577 -11.95 -19.42 -4.82
CA ARG A 577 -12.00 -18.00 -4.45
C ARG A 577 -10.74 -17.57 -3.70
N ILE A 578 -10.01 -18.53 -3.14
CA ILE A 578 -8.79 -18.21 -2.38
C ILE A 578 -7.60 -18.94 -2.97
N LYS A 579 -6.41 -18.47 -2.63
CA LYS A 579 -5.17 -19.17 -2.96
C LYS A 579 -4.59 -19.88 -1.75
N TYR A 580 -4.58 -19.17 -0.62
CA TYR A 580 -3.96 -19.69 0.60
C TYR A 580 -4.80 -19.29 1.79
N ILE A 581 -4.64 -20.07 2.87
CA ILE A 581 -5.40 -19.88 4.11
C ILE A 581 -4.52 -20.18 5.34
N GLN A 582 -4.74 -19.40 6.40
CA GLN A 582 -4.19 -19.71 7.72
C GLN A 582 -5.26 -19.48 8.76
N ILE A 583 -5.39 -20.47 9.65
CA ILE A 583 -6.21 -20.36 10.84
C ILE A 583 -5.25 -20.09 12.00
N GLU A 584 -5.51 -18.99 12.73
CA GLU A 584 -4.66 -18.61 13.84
C GLU A 584 -5.44 -18.72 15.15
N MET A 585 -4.92 -19.50 16.11
CA MET A 585 -5.45 -19.48 17.47
C MET A 585 -4.85 -18.28 18.21
N VAL A 586 -5.60 -17.17 18.27
CA VAL A 586 -5.09 -15.94 18.87
C VAL A 586 -5.08 -16.05 20.40
N GLY A 587 -3.98 -15.62 21.02
CA GLY A 587 -3.86 -15.67 22.49
C GLY A 587 -3.44 -17.02 23.05
N GLN A 588 -3.03 -17.92 22.16
CA GLN A 588 -2.55 -19.25 22.54
C GLN A 588 -1.24 -19.10 23.33
N LYS A 589 -1.12 -19.86 24.42
CA LYS A 589 0.05 -19.76 25.32
C LYS A 589 0.84 -21.05 25.29
N SER A 590 2.15 -20.93 25.47
CA SER A 590 3.04 -22.09 25.48
C SER A 590 3.74 -22.32 26.83
N ASP A 591 3.75 -21.29 27.67
CA ASP A 591 4.39 -21.35 28.99
C ASP A 591 3.37 -21.44 30.11
N PHE A 592 3.75 -22.18 31.16
CA PHE A 592 2.94 -22.29 32.36
C PHE A 592 3.79 -22.51 33.62
N PRO A 593 3.30 -22.02 34.78
CA PRO A 593 4.05 -22.14 36.05
C PRO A 593 4.38 -23.58 36.43
N ILE A 594 5.49 -23.77 37.14
CA ILE A 594 5.88 -25.09 37.65
C ILE A 594 4.88 -25.63 38.70
N THR A 595 4.00 -24.74 39.13
CA THR A 595 2.92 -25.06 40.07
C THR A 595 1.67 -25.57 39.36
N LYS A 596 1.70 -25.65 38.03
CA LYS A 596 0.54 -26.06 37.25
C LYS A 596 0.85 -27.25 36.36
N ARG A 597 -0.18 -28.06 36.08
CA ARG A 597 -0.03 -29.26 35.27
C ARG A 597 0.15 -28.95 33.78
N LYS A 598 -0.44 -27.84 33.34
CA LYS A 598 -0.54 -27.50 31.90
C LYS A 598 -0.91 -26.03 31.71
N VAL A 599 -1.08 -25.61 30.45
CA VAL A 599 -1.61 -24.28 30.17
C VAL A 599 -3.13 -24.29 30.45
N TYR A 600 -3.58 -23.41 31.32
CA TYR A 600 -5.01 -23.27 31.59
C TYR A 600 -5.51 -21.94 31.03
N SER A 601 -6.76 -21.92 30.58
CA SER A 601 -7.36 -20.71 30.04
C SER A 601 -8.84 -20.65 30.39
N ASN A 602 -9.35 -19.44 30.59
CA ASN A 602 -10.81 -19.25 30.64
C ASN A 602 -11.26 -18.08 29.76
N THR A 603 -10.41 -17.68 28.82
CA THR A 603 -10.66 -16.55 27.93
C THR A 603 -11.50 -16.94 26.72
N GLY A 604 -12.20 -15.96 26.15
CA GLY A 604 -12.96 -16.16 24.93
C GLY A 604 -14.18 -17.04 25.08
N GLY A 605 -14.72 -17.12 26.30
CA GLY A 605 -15.92 -17.89 26.59
C GLY A 605 -15.70 -19.39 26.46
N ASN A 606 -14.46 -19.82 26.64
CA ASN A 606 -14.10 -21.22 26.55
C ASN A 606 -12.96 -21.57 27.50
N HIS A 607 -12.70 -22.86 27.70
CA HIS A 607 -11.59 -23.30 28.57
C HIS A 607 -10.46 -23.94 27.78
N PHE A 608 -10.31 -23.50 26.53
CA PHE A 608 -9.25 -24.00 25.67
C PHE A 608 -8.20 -22.92 25.42
N ASN A 609 -7.07 -23.35 24.89
CA ASN A 609 -5.88 -22.49 24.79
C ASN A 609 -5.87 -21.52 23.58
N PHE A 610 -6.85 -20.61 23.57
CA PHE A 610 -6.97 -19.50 22.62
C PHE A 610 -8.05 -18.54 23.11
N ASP A 611 -7.95 -17.28 22.73
CA ASP A 611 -8.97 -16.27 23.00
C ASP A 611 -10.03 -16.30 21.89
N PHE A 612 -9.59 -16.25 20.64
CA PHE A 612 -10.48 -16.40 19.50
C PHE A 612 -9.68 -16.93 18.32
N VAL A 613 -10.34 -17.13 17.19
CA VAL A 613 -9.68 -17.64 15.99
C VAL A 613 -9.70 -16.56 14.91
N ARG A 614 -8.59 -16.43 14.20
CA ARG A 614 -8.53 -15.54 13.07
C ARG A 614 -8.37 -16.38 11.81
N VAL A 615 -9.25 -16.14 10.85
CA VAL A 615 -9.14 -16.80 9.55
C VAL A 615 -8.52 -15.80 8.59
N LYS A 616 -7.35 -16.15 8.06
CA LYS A 616 -6.59 -15.23 7.22
C LYS A 616 -6.43 -15.80 5.81
N LEU A 617 -6.77 -14.99 4.82
CA LEU A 617 -6.87 -15.46 3.45
C LEU A 617 -5.99 -14.71 2.47
N ILE A 618 -5.38 -15.44 1.54
CA ILE A 618 -4.85 -14.87 0.31
C ILE A 618 -5.87 -15.15 -0.80
N VAL A 619 -6.39 -14.08 -1.40
CA VAL A 619 -7.52 -14.15 -2.31
C VAL A 619 -7.08 -14.45 -3.76
N ASN A 620 -7.94 -15.13 -4.53
CA ASN A 620 -7.77 -15.30 -5.99
C ASN A 620 -8.71 -14.33 -6.72
N PRO A 621 -8.17 -13.19 -7.20
CA PRO A 621 -9.03 -12.08 -7.66
C PRO A 621 -9.87 -12.43 -8.89
N SER A 622 -9.39 -13.32 -9.76
CA SER A 622 -10.19 -13.69 -10.93
C SER A 622 -11.44 -14.50 -10.57
N GLU A 623 -11.47 -15.08 -9.36
CA GLU A 623 -12.61 -15.92 -8.96
C GLU A 623 -13.34 -15.46 -7.71
N CYS A 624 -12.74 -14.56 -6.92
CA CYS A 624 -13.16 -14.35 -5.53
C CYS A 624 -14.60 -13.87 -5.35
N ASP A 625 -15.05 -12.98 -6.23
CA ASP A 625 -16.39 -12.41 -6.11
C ASP A 625 -17.38 -12.93 -7.19
N LYS A 626 -17.09 -14.08 -7.79
CA LYS A 626 -18.02 -14.67 -8.77
C LYS A 626 -19.34 -15.07 -8.09
N LEU A 627 -20.45 -14.96 -8.82
CA LEU A 627 -21.78 -15.23 -8.23
C LEU A 627 -21.95 -16.68 -7.85
N VAL A 628 -21.36 -17.58 -8.63
CA VAL A 628 -21.67 -18.99 -8.52
C VAL A 628 -20.52 -19.80 -7.94
N THR A 629 -20.81 -20.50 -6.84
CA THR A 629 -19.95 -21.55 -6.33
C THR A 629 -20.34 -22.82 -7.09
N LYS A 630 -19.43 -23.29 -7.94
CA LYS A 630 -19.71 -24.44 -8.80
C LYS A 630 -19.48 -25.74 -8.06
N GLY A 631 -20.44 -26.65 -8.17
CA GLY A 631 -20.34 -27.96 -7.55
C GLY A 631 -20.38 -29.07 -8.60
N PRO A 632 -20.49 -30.34 -8.16
CA PRO A 632 -20.41 -31.49 -9.06
C PRO A 632 -21.52 -31.51 -10.09
N ALA A 633 -21.27 -32.17 -11.21
CA ALA A 633 -22.28 -32.36 -12.26
C ALA A 633 -23.53 -33.05 -11.70
N HIS A 634 -24.69 -32.70 -12.25
CA HIS A 634 -25.92 -33.42 -11.93
C HIS A 634 -26.03 -34.65 -12.82
N SER A 635 -26.31 -35.79 -12.21
CA SER A 635 -26.61 -37.01 -12.96
C SER A 635 -27.84 -37.71 -12.39
N GLU A 636 -28.17 -38.87 -12.93
CA GLU A 636 -29.39 -39.60 -12.57
C GLU A 636 -29.45 -40.00 -11.10
N THR A 637 -28.39 -40.66 -10.63
CA THR A 637 -28.24 -40.96 -9.22
C THR A 637 -27.08 -40.15 -8.68
N MET A 638 -27.21 -39.71 -7.44
CA MET A 638 -26.22 -38.85 -6.82
C MET A 638 -24.87 -39.53 -6.61
N SER A 639 -23.83 -38.95 -7.20
CA SER A 639 -22.47 -39.36 -6.93
C SER A 639 -22.14 -39.00 -5.48
N THR A 640 -21.06 -39.58 -4.96
CA THR A 640 -20.60 -39.26 -3.61
C THR A 640 -20.31 -37.75 -3.49
N GLU A 641 -19.55 -37.22 -4.45
CA GLU A 641 -19.21 -35.78 -4.50
C GLU A 641 -20.42 -34.85 -4.41
N ALA A 642 -21.48 -35.17 -5.15
CA ALA A 642 -22.71 -34.39 -5.15
C ALA A 642 -23.47 -34.49 -3.83
N ALA A 643 -23.49 -35.68 -3.23
CA ALA A 643 -24.09 -35.87 -1.91
C ALA A 643 -23.35 -35.00 -0.89
N VAL A 644 -22.02 -35.06 -0.91
CA VAL A 644 -21.19 -34.23 -0.02
C VAL A 644 -21.52 -32.74 -0.19
N PHE A 645 -21.59 -32.30 -1.44
CA PHE A 645 -21.87 -30.90 -1.76
C PHE A 645 -23.23 -30.46 -1.21
N LYS A 646 -24.24 -31.30 -1.45
CA LYS A 646 -25.60 -31.01 -0.99
C LYS A 646 -25.69 -30.91 0.53
N ASN A 647 -25.10 -31.88 1.23
CA ASN A 647 -25.05 -31.86 2.69
C ASN A 647 -24.30 -30.64 3.23
N PHE A 648 -23.18 -30.31 2.60
CA PHE A 648 -22.37 -29.20 3.07
C PHE A 648 -23.14 -27.89 2.95
N TRP A 649 -23.81 -27.69 1.82
CA TRP A 649 -24.43 -26.40 1.57
C TRP A 649 -25.88 -26.27 2.00
N GLY A 650 -26.55 -27.41 2.22
CA GLY A 650 -27.94 -27.40 2.69
C GLY A 650 -28.84 -26.57 1.80
N ILE A 651 -29.56 -25.62 2.40
CA ILE A 651 -30.46 -24.70 1.70
C ILE A 651 -29.80 -23.88 0.58
N LYS A 652 -28.47 -23.71 0.65
CA LYS A 652 -27.78 -22.88 -0.35
C LYS A 652 -27.59 -23.61 -1.68
N SER A 653 -27.70 -24.94 -1.64
CA SER A 653 -27.45 -25.78 -2.80
C SER A 653 -28.66 -25.74 -3.74
N SER A 654 -28.39 -25.55 -5.03
CA SER A 654 -29.44 -25.67 -6.04
C SER A 654 -28.86 -26.21 -7.36
N LEU A 655 -29.70 -26.37 -8.37
CA LEU A 655 -29.25 -26.75 -9.69
C LEU A 655 -29.33 -25.54 -10.60
N ARG A 656 -28.37 -25.41 -11.51
CA ARG A 656 -28.32 -24.27 -12.42
C ARG A 656 -27.85 -24.76 -13.81
N ARG A 657 -28.47 -24.21 -14.85
CA ARG A 657 -28.00 -24.43 -16.21
C ARG A 657 -27.00 -23.36 -16.60
N PHE A 658 -25.85 -23.80 -17.09
CA PHE A 658 -24.82 -22.88 -17.52
C PHE A 658 -24.96 -22.62 -19.01
N LYS A 659 -24.28 -21.57 -19.49
CA LYS A 659 -24.36 -21.16 -20.88
C LYS A 659 -23.92 -22.27 -21.83
N ASP A 660 -22.99 -23.12 -21.39
CA ASP A 660 -22.51 -24.22 -22.22
C ASP A 660 -23.45 -25.44 -22.27
N GLY A 661 -24.61 -25.32 -21.62
CA GLY A 661 -25.60 -26.42 -21.60
C GLY A 661 -25.52 -27.38 -20.43
N SER A 662 -24.44 -27.31 -19.65
CA SER A 662 -24.26 -28.15 -18.46
C SER A 662 -25.26 -27.79 -17.35
N ILE A 663 -25.61 -28.79 -16.56
CA ILE A 663 -26.45 -28.62 -15.36
C ILE A 663 -25.64 -29.18 -14.21
N THR A 664 -25.36 -28.34 -13.21
CA THR A 664 -24.57 -28.80 -12.08
C THR A 664 -25.18 -28.31 -10.77
N HIS A 665 -24.80 -28.96 -9.68
CA HIS A 665 -25.13 -28.49 -8.35
C HIS A 665 -24.28 -27.25 -8.12
N CYS A 666 -24.86 -26.24 -7.50
CA CYS A 666 -24.16 -25.01 -7.24
C CYS A 666 -24.76 -24.25 -6.06
N CYS A 667 -24.07 -23.19 -5.65
CA CYS A 667 -24.67 -22.17 -4.79
C CYS A 667 -24.55 -20.84 -5.47
N VAL A 668 -25.59 -20.03 -5.37
CA VAL A 668 -25.59 -18.71 -5.95
C VAL A 668 -25.60 -17.70 -4.83
N TRP A 669 -24.67 -16.74 -4.91
CA TRP A 669 -24.52 -15.72 -3.88
C TRP A 669 -24.85 -14.35 -4.45
N SER A 670 -25.07 -13.38 -3.58
CA SER A 670 -25.34 -12.02 -4.00
C SER A 670 -24.11 -11.16 -3.79
N THR A 671 -23.73 -10.42 -4.83
CA THR A 671 -22.67 -9.43 -4.69
C THR A 671 -23.18 -8.22 -3.92
N SER A 672 -22.22 -7.45 -3.38
CA SER A 672 -22.50 -6.27 -2.60
C SER A 672 -21.35 -5.29 -2.82
N SER A 673 -21.65 -4.00 -2.87
CA SER A 673 -20.60 -2.99 -2.98
C SER A 673 -19.80 -2.91 -1.68
N SER A 674 -20.41 -3.38 -0.60
CA SER A 674 -19.90 -3.18 0.76
C SER A 674 -18.98 -4.30 1.23
N GLU A 675 -19.20 -5.52 0.74
CA GLU A 675 -18.38 -6.65 1.17
C GLU A 675 -18.21 -7.71 0.09
N PRO A 676 -17.11 -8.46 0.16
CA PRO A 676 -16.91 -9.58 -0.76
C PRO A 676 -17.85 -10.73 -0.40
N ILE A 677 -18.23 -11.49 -1.42
CA ILE A 677 -19.00 -12.72 -1.23
C ILE A 677 -18.34 -13.62 -0.18
N ILE A 678 -16.99 -13.65 -0.19
CA ILE A 678 -16.23 -14.41 0.79
C ILE A 678 -16.72 -14.20 2.23
N SER A 679 -17.05 -12.96 2.62
CA SER A 679 -17.54 -12.70 3.98
C SER A 679 -18.81 -13.48 4.31
N SER A 680 -19.73 -13.57 3.35
CA SER A 680 -20.99 -14.31 3.53
C SER A 680 -20.73 -15.79 3.69
N ILE A 681 -19.82 -16.29 2.86
CA ILE A 681 -19.50 -17.71 2.83
C ILE A 681 -18.86 -18.16 4.16
N VAL A 682 -17.87 -17.40 4.63
CA VAL A 682 -17.20 -17.70 5.89
C VAL A 682 -18.21 -17.74 7.03
N ASN A 683 -19.06 -16.72 7.12
CA ASN A 683 -20.11 -16.71 8.13
C ASN A 683 -21.01 -17.96 8.05
N PHE A 684 -21.54 -18.23 6.87
CA PHE A 684 -22.43 -19.38 6.68
C PHE A 684 -21.76 -20.72 7.02
N ALA A 685 -20.57 -20.93 6.47
CA ALA A 685 -19.88 -22.20 6.62
C ALA A 685 -19.44 -22.49 8.06
N LEU A 686 -18.93 -21.47 8.75
CA LEU A 686 -18.42 -21.66 10.12
C LEU A 686 -19.57 -21.90 11.11
N GLN A 687 -20.67 -21.18 10.95
CA GLN A 687 -21.82 -21.34 11.83
C GLN A 687 -22.50 -22.69 11.63
N LYS A 688 -22.51 -23.18 10.40
CA LYS A 688 -23.14 -24.46 10.07
C LYS A 688 -22.29 -25.66 10.48
N HIS A 689 -20.97 -25.59 10.23
CA HIS A 689 -20.10 -26.75 10.34
C HIS A 689 -19.05 -26.71 11.45
N VAL A 690 -18.88 -25.56 12.10
CA VAL A 690 -17.90 -25.49 13.18
C VAL A 690 -18.62 -25.30 14.53
N SER A 691 -19.38 -24.22 14.65
CA SER A 691 -20.14 -23.98 15.87
C SER A 691 -21.29 -23.01 15.61
N LYS A 692 -22.48 -23.40 16.07
CA LYS A 692 -23.63 -22.50 16.04
C LYS A 692 -23.38 -21.25 16.88
N LYS A 693 -22.42 -21.33 17.81
CA LYS A 693 -22.06 -20.20 18.66
C LYS A 693 -21.03 -19.26 18.02
N ALA A 694 -20.47 -19.65 16.87
CA ALA A 694 -19.47 -18.81 16.20
C ALA A 694 -19.99 -17.43 15.87
N GLN A 695 -19.19 -16.42 16.18
CA GLN A 695 -19.49 -15.05 15.80
C GLN A 695 -18.32 -14.56 14.93
N ILE A 696 -18.63 -14.25 13.68
CA ILE A 696 -17.63 -13.88 12.66
C ILE A 696 -17.74 -12.37 12.40
N SER A 697 -16.62 -11.65 12.49
CA SER A 697 -16.60 -10.24 12.11
C SER A 697 -15.41 -9.88 11.21
N ASN A 698 -15.70 -9.04 10.21
CA ASN A 698 -14.70 -8.37 9.37
C ASN A 698 -15.26 -7.01 8.92
N GLU A 699 -15.36 -6.09 9.88
CA GLU A 699 -15.84 -4.74 9.62
C GLU A 699 -14.84 -3.82 8.90
N THR A 700 -13.53 -4.10 8.98
CA THR A 700 -12.56 -3.22 8.34
C THR A 700 -12.75 -3.18 6.82
N ILE A 701 -12.97 -4.35 6.20
CA ILE A 701 -13.10 -4.39 4.75
C ILE A 701 -14.33 -3.57 4.32
N LYS A 702 -15.40 -3.61 5.11
CA LYS A 702 -16.63 -2.88 4.76
C LYS A 702 -16.43 -1.37 4.79
N LYS A 703 -15.69 -0.90 5.81
CA LYS A 703 -15.40 0.52 5.91
C LYS A 703 -14.59 1.05 4.72
N PHE A 704 -13.60 0.28 4.27
CA PHE A 704 -12.83 0.70 3.10
C PHE A 704 -13.70 0.69 1.85
N HIS A 705 -14.50 -0.36 1.69
CA HIS A 705 -15.44 -0.45 0.57
C HIS A 705 -16.38 0.76 0.51
N ASN A 706 -16.84 1.21 1.67
CA ASN A 706 -17.84 2.25 1.71
C ASN A 706 -17.25 3.63 1.55
N PHE A 707 -15.91 3.73 1.60
CA PHE A 707 -15.25 4.99 1.25
C PHE A 707 -15.03 5.20 -0.27
N LEU A 708 -15.29 4.17 -1.06
CA LEU A 708 -15.39 4.38 -2.51
C LEU A 708 -16.77 4.94 -2.83
N PRO A 709 -16.84 6.06 -3.56
CA PRO A 709 -18.16 6.63 -3.87
C PRO A 709 -19.02 5.64 -4.66
N LEU A 710 -20.27 5.47 -4.22
CA LEU A 710 -21.21 4.54 -4.86
C LEU A 710 -21.90 5.26 -6.05
N PRO A 711 -21.74 4.72 -7.27
CA PRO A 711 -22.37 5.39 -8.43
C PRO A 711 -23.90 5.26 -8.41
N ASN A 712 -24.57 6.29 -8.90
CA ASN A 712 -26.02 6.24 -9.06
C ASN A 712 -26.38 5.50 -10.35
N LEU A 713 -26.28 4.18 -10.26
CA LEU A 713 -26.56 3.27 -11.37
C LEU A 713 -27.47 2.17 -10.84
N PRO A 714 -28.24 1.52 -11.73
CA PRO A 714 -29.14 0.44 -11.28
C PRO A 714 -28.38 -0.68 -10.55
N SER A 715 -28.89 -1.09 -9.40
CA SER A 715 -28.31 -2.17 -8.56
C SER A 715 -26.90 -1.88 -8.01
N SER A 716 -26.58 -0.60 -7.89
CA SER A 716 -25.25 -0.15 -7.49
C SER A 716 -24.77 -0.80 -6.18
N ALA A 717 -25.62 -0.78 -5.16
CA ALA A 717 -25.29 -1.34 -3.84
C ALA A 717 -25.07 -2.85 -3.86
N LYS A 718 -25.54 -3.51 -4.91
CA LYS A 718 -25.39 -4.96 -5.09
C LYS A 718 -24.31 -5.30 -6.11
N THR A 719 -23.44 -4.35 -6.42
CA THR A 719 -22.44 -4.52 -7.49
C THR A 719 -21.05 -4.69 -6.86
N SER A 720 -20.35 -5.75 -7.28
CA SER A 720 -19.00 -6.04 -6.80
C SER A 720 -18.06 -4.85 -7.00
N VAL A 721 -17.15 -4.65 -6.06
CA VAL A 721 -16.07 -3.66 -6.18
C VAL A 721 -15.17 -3.98 -7.40
N LEU A 722 -15.21 -5.22 -7.86
CA LEU A 722 -14.42 -5.67 -9.01
C LEU A 722 -15.15 -5.48 -10.34
N ASN A 723 -16.42 -5.09 -10.28
CA ASN A 723 -17.19 -4.90 -11.51
C ASN A 723 -16.79 -3.59 -12.20
N LEU A 724 -16.48 -3.68 -13.49
CA LEU A 724 -16.10 -2.53 -14.30
C LEU A 724 -17.14 -2.13 -15.35
N SER A 725 -18.39 -2.56 -15.19
CA SER A 725 -19.44 -2.29 -16.21
C SER A 725 -19.62 -0.81 -16.53
N SER A 726 -19.53 0.05 -15.50
CA SER A 726 -19.62 1.50 -15.70
C SER A 726 -18.62 1.99 -16.75
N PHE A 727 -17.35 1.62 -16.56
CA PHE A 727 -16.29 1.95 -17.52
C PHE A 727 -16.50 1.28 -18.89
N PHE A 728 -16.98 0.04 -18.89
CA PHE A 728 -17.19 -0.67 -20.16
C PHE A 728 -18.31 -0.02 -20.96
N ASN A 729 -19.35 0.43 -20.28
CA ASN A 729 -20.46 1.10 -20.94
C ASN A 729 -20.05 2.43 -21.56
N LEU A 730 -19.21 3.18 -20.85
CA LEU A 730 -18.63 4.39 -21.42
C LEU A 730 -17.82 4.06 -22.68
N LYS A 731 -16.99 3.04 -22.62
CA LYS A 731 -16.17 2.65 -23.78
C LYS A 731 -17.06 2.27 -24.97
N LYS A 732 -18.14 1.54 -24.71
CA LYS A 732 -19.07 1.12 -25.77
C LYS A 732 -19.67 2.35 -26.49
N SER A 733 -20.02 3.36 -25.73
CA SER A 733 -20.52 4.63 -26.28
C SER A 733 -19.46 5.32 -27.12
N PHE A 734 -18.24 5.40 -26.59
CA PHE A 734 -17.13 5.95 -27.35
C PHE A 734 -16.95 5.21 -28.67
N ASP A 735 -17.02 3.87 -28.62
CA ASP A 735 -16.77 3.04 -29.80
C ASP A 735 -17.73 3.39 -30.93
N ASP A 736 -18.98 3.67 -30.59
CA ASP A 736 -19.96 4.05 -31.61
C ASP A 736 -19.60 5.39 -32.26
N LEU A 737 -19.10 6.33 -31.46
CA LEU A 737 -18.72 7.66 -31.96
C LEU A 737 -17.44 7.58 -32.78
N TYR A 738 -16.49 6.75 -32.34
CA TYR A 738 -15.24 6.52 -33.04
C TYR A 738 -15.46 6.15 -34.52
N LYS A 739 -16.36 5.19 -34.74
CA LYS A 739 -16.73 4.73 -36.11
C LYS A 739 -17.20 5.86 -37.03
N ILE A 740 -18.10 6.68 -36.51
CA ILE A 740 -18.66 7.80 -37.25
C ILE A 740 -17.57 8.78 -37.66
N ILE A 741 -16.74 9.21 -36.71
CA ILE A 741 -15.67 10.18 -37.01
C ILE A 741 -14.60 9.58 -37.91
N PHE A 742 -14.23 8.32 -37.64
CA PHE A 742 -13.19 7.68 -38.42
C PHE A 742 -13.60 7.56 -39.88
N GLN A 743 -14.89 7.32 -40.12
CA GLN A 743 -15.40 7.14 -41.48
C GLN A 743 -15.78 8.44 -42.21
N MET A 744 -15.60 9.60 -41.58
CA MET A 744 -15.98 10.87 -42.21
C MET A 744 -15.04 11.25 -43.35
N LYS A 745 -15.63 11.68 -44.49
CA LYS A 745 -14.83 12.26 -45.56
C LYS A 745 -14.50 13.71 -45.20
N LEU A 746 -13.22 13.99 -45.01
CA LEU A 746 -12.71 15.30 -44.61
C LEU A 746 -11.52 15.64 -45.52
N PRO A 747 -11.01 16.89 -45.47
CA PRO A 747 -9.88 17.30 -46.34
C PRO A 747 -8.57 16.53 -46.13
N LEU A 748 -8.36 16.02 -44.92
CA LEU A 748 -7.33 15.01 -44.66
C LEU A 748 -8.05 13.83 -44.04
N SER A 749 -7.57 12.63 -44.29
CA SER A 749 -8.20 11.45 -43.68
C SER A 749 -7.76 11.32 -42.22
N VAL A 750 -8.68 10.88 -41.38
CA VAL A 750 -8.41 10.60 -39.98
C VAL A 750 -7.48 9.39 -39.90
N LYS A 751 -6.37 9.54 -39.17
CA LYS A 751 -5.40 8.47 -39.01
C LYS A 751 -5.57 7.71 -37.67
N SER A 752 -5.77 8.46 -36.59
CA SER A 752 -5.88 7.88 -35.25
C SER A 752 -6.89 8.63 -34.42
N ILE A 753 -7.67 7.88 -33.63
CA ILE A 753 -8.53 8.45 -32.61
C ILE A 753 -8.22 7.68 -31.32
N LEU A 754 -7.51 8.34 -30.41
CA LEU A 754 -6.94 7.66 -29.25
C LEU A 754 -7.51 8.24 -27.98
N PRO A 755 -8.41 7.49 -27.32
CA PRO A 755 -9.04 7.98 -26.09
C PRO A 755 -8.05 7.81 -24.94
N VAL A 756 -7.82 8.89 -24.19
CA VAL A 756 -6.77 8.90 -23.18
C VAL A 756 -7.23 9.33 -21.78
N GLY A 757 -8.53 9.45 -21.59
CA GLY A 757 -9.08 9.84 -20.29
C GLY A 757 -9.03 8.71 -19.27
N SER A 758 -9.19 9.09 -18.00
CA SER A 758 -9.08 8.18 -16.87
C SER A 758 -10.05 6.98 -17.00
N ALA A 759 -11.21 7.19 -17.61
CA ALA A 759 -12.18 6.09 -17.77
C ALA A 759 -11.66 4.95 -18.66
N PHE A 760 -10.74 5.27 -19.57
CA PHE A 760 -10.16 4.30 -20.48
C PHE A 760 -9.07 3.44 -19.84
N ARG A 761 -8.69 3.82 -18.62
CA ARG A 761 -7.74 2.99 -17.85
C ARG A 761 -8.27 2.68 -16.45
N TYR A 762 -9.59 2.84 -16.26
CA TYR A 762 -10.30 2.45 -15.04
C TYR A 762 -9.82 3.19 -13.78
N THR A 763 -9.36 4.44 -13.94
CA THR A 763 -8.82 5.15 -12.77
C THR A 763 -9.64 6.36 -12.29
N SER A 764 -10.75 6.66 -12.94
CA SER A 764 -11.58 7.81 -12.53
C SER A 764 -12.08 7.59 -11.11
N LEU A 765 -11.91 8.61 -10.26
CA LEU A 765 -12.26 8.55 -8.86
C LEU A 765 -13.69 8.03 -8.67
N CYS A 766 -14.65 8.66 -9.37
CA CYS A 766 -16.02 8.17 -9.45
C CYS A 766 -16.22 7.32 -10.72
N GLN A 767 -17.02 6.27 -10.62
CA GLN A 767 -17.39 5.51 -11.79
C GLN A 767 -18.23 6.40 -12.70
N PRO A 768 -18.03 6.33 -14.03
CA PRO A 768 -18.79 7.24 -14.90
C PRO A 768 -20.28 6.88 -14.93
N VAL A 769 -21.12 7.91 -14.80
CA VAL A 769 -22.58 7.74 -14.80
C VAL A 769 -23.16 8.57 -15.96
N PRO A 770 -24.11 8.00 -16.72
CA PRO A 770 -24.76 8.77 -17.78
C PRO A 770 -25.28 10.11 -17.25
N PHE A 771 -24.99 11.18 -18.00
CA PHE A 771 -25.47 12.55 -17.75
C PHE A 771 -24.97 13.21 -16.46
N ALA A 772 -24.02 12.59 -15.80
CA ALA A 772 -23.46 13.13 -14.56
C ALA A 772 -22.39 14.19 -14.85
N TYR A 773 -22.78 15.31 -15.47
CA TYR A 773 -21.80 16.27 -15.97
C TYR A 773 -21.18 17.21 -14.91
N SER A 774 -21.60 17.09 -13.65
CA SER A 774 -20.90 17.77 -12.56
C SER A 774 -19.55 17.13 -12.21
N ASP A 775 -19.40 15.86 -12.57
CA ASP A 775 -18.19 15.09 -12.26
C ASP A 775 -16.99 15.75 -12.94
N PRO A 776 -15.92 16.07 -12.18
CA PRO A 776 -14.71 16.62 -12.79
C PRO A 776 -14.15 15.81 -13.96
N ASP A 777 -14.34 14.49 -13.94
CA ASP A 777 -13.87 13.61 -15.01
C ASP A 777 -14.92 13.31 -16.06
N PHE A 778 -15.99 14.11 -16.11
CA PHE A 778 -17.06 13.84 -17.08
C PHE A 778 -16.57 13.84 -18.53
N PHE A 779 -15.83 14.88 -18.92
CA PHE A 779 -15.33 14.94 -20.29
C PHE A 779 -14.02 14.19 -20.42
N GLN A 780 -14.05 13.13 -21.20
CA GLN A 780 -12.92 12.24 -21.38
C GLN A 780 -12.08 12.63 -22.58
N ASP A 781 -10.79 12.89 -22.33
CA ASP A 781 -9.90 13.31 -23.40
C ASP A 781 -9.67 12.28 -24.49
N VAL A 782 -9.65 12.77 -25.73
CA VAL A 782 -9.37 11.94 -26.90
C VAL A 782 -8.43 12.70 -27.83
N ILE A 783 -7.40 12.00 -28.29
CA ILE A 783 -6.41 12.59 -29.20
C ILE A 783 -6.75 12.19 -30.63
N LEU A 784 -6.89 13.19 -31.49
CA LEU A 784 -7.25 12.96 -32.88
C LEU A 784 -6.07 13.31 -33.75
N GLU A 785 -5.65 12.38 -34.60
CA GLU A 785 -4.54 12.61 -35.52
C GLU A 785 -4.98 12.38 -36.97
N PHE A 786 -4.64 13.30 -37.86
CA PHE A 786 -4.90 13.12 -39.30
C PHE A 786 -3.66 12.57 -39.97
N GLU A 787 -3.80 12.11 -41.21
CA GLU A 787 -2.65 11.76 -42.04
C GLU A 787 -1.70 12.95 -42.07
N THR A 788 -0.42 12.69 -42.28
CA THR A 788 0.56 13.77 -42.31
C THR A 788 0.27 14.72 -43.46
N SER A 789 0.68 15.98 -43.29
CA SER A 789 0.50 17.02 -44.31
C SER A 789 1.54 18.10 -44.17
N PRO A 790 2.14 18.54 -45.28
CA PRO A 790 3.10 19.65 -45.23
C PRO A 790 2.43 21.02 -45.10
N LYS A 791 1.10 21.04 -45.15
CA LYS A 791 0.33 22.29 -45.17
C LYS A 791 0.03 22.90 -43.80
N TRP A 792 0.20 22.13 -42.72
CA TRP A 792 0.06 22.68 -41.36
C TRP A 792 0.96 23.90 -41.19
N PRO A 793 0.41 25.00 -40.62
CA PRO A 793 1.17 26.22 -40.28
C PRO A 793 2.42 25.95 -39.45
N ASP A 794 3.38 26.87 -39.51
CA ASP A 794 4.70 26.72 -38.88
C ASP A 794 4.88 27.69 -37.70
N GLU A 795 3.76 28.03 -37.06
CA GLU A 795 3.74 28.92 -35.90
C GLU A 795 2.49 28.49 -35.12
N ILE A 796 2.53 28.61 -33.78
CA ILE A 796 1.55 27.93 -32.92
C ILE A 796 0.12 28.46 -33.01
N THR A 797 -0.03 29.78 -33.17
CA THR A 797 -1.37 30.41 -33.26
C THR A 797 -2.10 29.91 -34.49
N SER A 798 -1.44 30.05 -35.64
CA SER A 798 -1.99 29.56 -36.89
C SER A 798 -2.18 28.05 -36.87
N LEU A 799 -1.24 27.32 -36.27
CA LEU A 799 -1.40 25.86 -36.16
C LEU A 799 -2.68 25.50 -35.42
N GLU A 800 -2.89 26.09 -34.25
CA GLU A 800 -4.08 25.79 -33.45
C GLU A 800 -5.37 26.17 -34.17
N LYS A 801 -5.35 27.29 -34.90
CA LYS A 801 -6.54 27.71 -35.64
C LYS A 801 -6.84 26.76 -36.79
N ALA A 802 -5.80 26.27 -37.47
CA ALA A 802 -5.95 25.26 -38.52
C ALA A 802 -6.56 23.96 -37.98
N LYS A 803 -6.12 23.54 -36.80
CA LYS A 803 -6.67 22.35 -36.12
C LYS A 803 -8.16 22.58 -35.84
N THR A 804 -8.47 23.77 -35.32
CA THR A 804 -9.85 24.12 -34.98
C THR A 804 -10.74 24.10 -36.23
N ALA A 805 -10.17 24.50 -37.35
CA ALA A 805 -10.87 24.44 -38.64
C ALA A 805 -11.30 23.02 -38.99
N PHE A 806 -10.46 22.02 -38.68
CA PHE A 806 -10.83 20.62 -38.90
C PHE A 806 -11.91 20.15 -37.93
N LEU A 807 -11.81 20.57 -36.67
CA LEU A 807 -12.84 20.25 -35.70
C LEU A 807 -14.19 20.83 -36.09
N LEU A 808 -14.18 22.05 -36.63
CA LEU A 808 -15.41 22.67 -37.15
C LEU A 808 -16.06 21.81 -38.25
N LYS A 809 -15.24 21.27 -39.15
CA LYS A 809 -15.73 20.39 -40.22
C LYS A 809 -16.32 19.10 -39.65
N ILE A 810 -15.68 18.55 -38.63
CA ILE A 810 -16.21 17.37 -37.95
C ILE A 810 -17.54 17.68 -37.25
N GLN A 811 -17.58 18.76 -36.48
CA GLN A 811 -18.79 19.15 -35.77
C GLN A 811 -19.96 19.40 -36.74
N GLU A 812 -19.66 20.00 -37.88
CA GLU A 812 -20.65 20.30 -38.93
C GLU A 812 -21.25 19.00 -39.47
N GLU A 813 -20.40 18.04 -39.81
CA GLU A 813 -20.84 16.74 -40.28
C GLU A 813 -21.61 15.94 -39.22
N LEU A 814 -21.11 15.96 -37.98
CA LEU A 814 -21.82 15.36 -36.85
C LEU A 814 -23.22 15.97 -36.64
N SER A 815 -23.29 17.29 -36.60
CA SER A 815 -24.58 17.95 -36.40
C SER A 815 -25.56 17.66 -37.55
N ALA A 816 -25.04 17.56 -38.76
CA ALA A 816 -25.89 17.32 -39.95
C ALA A 816 -26.50 15.91 -39.96
N ASN A 817 -25.67 14.89 -39.75
CA ASN A 817 -26.08 13.51 -39.96
C ASN A 817 -26.06 12.57 -38.75
N SER A 818 -25.68 13.09 -37.58
CA SER A 818 -25.69 12.28 -36.37
C SER A 818 -26.23 13.09 -35.21
N SER A 819 -27.45 13.60 -35.39
CA SER A 819 -28.00 14.61 -34.48
C SER A 819 -28.46 14.12 -33.11
N THR A 820 -28.34 12.83 -32.81
CA THR A 820 -28.56 12.38 -31.41
C THR A 820 -27.33 12.69 -30.53
N TYR A 821 -26.19 12.97 -31.16
CA TYR A 821 -25.04 13.55 -30.48
C TYR A 821 -25.20 15.06 -30.40
N ARG A 822 -24.84 15.63 -29.27
CA ARG A 822 -24.79 17.09 -29.15
C ARG A 822 -23.34 17.48 -28.97
N SER A 823 -22.97 18.69 -29.38
CA SER A 823 -21.58 19.12 -29.30
C SER A 823 -21.43 20.61 -29.13
N PHE A 824 -20.27 21.01 -28.61
CA PHE A 824 -19.88 22.42 -28.48
C PHE A 824 -18.36 22.53 -28.43
N PHE A 825 -17.87 23.77 -28.52
CA PHE A 825 -16.45 24.02 -28.47
C PHE A 825 -16.04 24.65 -27.15
N SER A 826 -14.88 24.25 -26.65
CA SER A 826 -14.36 24.74 -25.37
C SER A 826 -12.89 25.14 -25.49
N ARG A 827 -12.50 26.18 -24.75
CA ARG A 827 -11.08 26.54 -24.62
C ARG A 827 -10.37 25.62 -23.63
N ASP A 828 -9.14 25.23 -23.96
CA ASP A 828 -8.28 24.53 -23.02
C ASP A 828 -7.18 25.50 -22.66
N GLU A 829 -7.18 25.91 -21.40
CA GLU A 829 -6.25 26.92 -20.91
C GLU A 829 -5.11 26.31 -20.07
N SER A 830 -5.04 24.98 -20.05
CA SER A 830 -4.12 24.26 -19.17
C SER A 830 -2.68 24.11 -19.72
N ILE A 831 -2.46 24.42 -21.00
CA ILE A 831 -1.09 24.46 -21.53
C ILE A 831 -0.69 25.94 -21.48
N PRO A 832 0.14 26.32 -20.49
CA PRO A 832 0.41 27.74 -20.28
C PRO A 832 0.99 28.41 -21.52
N TYR A 833 0.41 29.56 -21.85
CA TYR A 833 0.88 30.44 -22.94
C TYR A 833 0.43 30.02 -24.35
N ASN A 834 -0.18 28.84 -24.48
CA ASN A 834 -0.87 28.47 -25.70
C ASN A 834 -2.33 28.82 -25.50
N LEU A 835 -2.75 29.93 -26.11
CA LEU A 835 -4.04 30.56 -25.84
C LEU A 835 -5.13 30.21 -26.85
N GLU A 836 -4.79 29.40 -27.84
CA GLU A 836 -5.71 29.11 -28.94
C GLU A 836 -6.15 27.65 -29.08
N ILE A 837 -5.82 26.82 -28.08
CA ILE A 837 -6.24 25.43 -28.12
C ILE A 837 -7.76 25.33 -27.90
N VAL A 838 -8.44 24.63 -28.80
CA VAL A 838 -9.88 24.42 -28.71
C VAL A 838 -10.17 22.91 -28.71
N THR A 839 -11.06 22.47 -27.83
CA THR A 839 -11.55 21.11 -27.87
C THR A 839 -12.97 21.09 -28.43
N LEU A 840 -13.26 20.03 -29.18
CA LEU A 840 -14.62 19.69 -29.58
C LEU A 840 -15.19 18.75 -28.53
N ASN A 841 -16.20 19.21 -27.80
CA ASN A 841 -16.81 18.43 -26.74
C ASN A 841 -18.07 17.77 -27.27
N ILE A 842 -18.10 16.44 -27.22
CA ILE A 842 -19.24 15.71 -27.75
C ILE A 842 -19.98 14.99 -26.63
N LEU A 843 -21.30 15.17 -26.62
CA LEU A 843 -22.17 14.52 -25.66
C LEU A 843 -22.94 13.41 -26.36
N THR A 844 -22.73 12.17 -25.93
CA THR A 844 -23.32 11.01 -26.62
C THR A 844 -24.75 10.74 -26.14
N PRO A 845 -25.56 10.05 -26.96
CA PRO A 845 -26.95 9.80 -26.53
C PRO A 845 -27.04 8.90 -25.30
N GLU A 846 -25.97 8.14 -25.03
CA GLU A 846 -25.87 7.33 -23.84
C GLU A 846 -25.55 8.14 -22.57
N GLY A 847 -25.23 9.42 -22.73
CA GLY A 847 -25.01 10.31 -21.59
C GLY A 847 -23.57 10.51 -21.17
N TYR A 848 -22.62 10.24 -22.06
CA TYR A 848 -21.19 10.39 -21.74
C TYR A 848 -20.59 11.55 -22.50
N GLY A 849 -19.42 12.01 -22.05
CA GLY A 849 -18.78 13.20 -22.60
C GLY A 849 -17.37 12.91 -23.08
N PHE A 850 -17.04 13.40 -24.27
CA PHE A 850 -15.71 13.22 -24.86
C PHE A 850 -15.22 14.55 -25.40
N LYS A 851 -13.97 14.87 -25.10
CA LYS A 851 -13.39 16.09 -25.62
C LYS A 851 -12.22 15.75 -26.53
N PHE A 852 -12.32 16.24 -27.76
CA PHE A 852 -11.36 15.92 -28.80
C PHE A 852 -10.42 17.08 -29.02
N ARG A 853 -9.14 16.77 -29.11
CA ARG A 853 -8.12 17.72 -29.50
C ARG A 853 -7.31 17.13 -30.64
N VAL A 854 -6.81 18.00 -31.50
CA VAL A 854 -6.04 17.57 -32.66
C VAL A 854 -4.56 17.60 -32.34
N LEU A 855 -3.85 16.56 -32.76
CA LEU A 855 -2.41 16.52 -32.65
C LEU A 855 -1.81 16.37 -34.04
N THR A 856 -0.83 17.22 -34.34
CA THR A 856 -0.12 17.14 -35.62
C THR A 856 1.35 16.83 -35.41
N GLU A 857 2.01 16.49 -36.52
CA GLU A 857 3.44 16.20 -36.52
C GLU A 857 4.25 17.50 -36.41
N ARG A 858 3.54 18.62 -36.41
CA ARG A 858 4.20 19.93 -36.28
C ARG A 858 4.30 20.40 -34.82
N ASP A 859 3.41 19.88 -33.97
CA ASP A 859 3.26 20.40 -32.59
C ASP A 859 4.56 20.39 -31.79
N GLU A 860 5.14 19.20 -31.65
CA GLU A 860 6.32 19.03 -30.80
C GLU A 860 7.45 19.93 -31.28
N ILE A 861 7.64 19.99 -32.60
CA ILE A 861 8.65 20.86 -33.23
C ILE A 861 8.52 22.32 -32.81
N LEU A 862 7.29 22.84 -32.78
CA LEU A 862 7.05 24.22 -32.38
C LEU A 862 7.37 24.50 -30.89
N TYR A 863 6.97 23.61 -29.99
CA TYR A 863 7.35 23.74 -28.57
C TYR A 863 8.86 23.71 -28.35
N LEU A 864 9.53 22.79 -29.04
CA LEU A 864 10.99 22.68 -28.97
C LEU A 864 11.67 23.94 -29.50
N ARG A 865 11.13 24.50 -30.59
CA ARG A 865 11.65 25.73 -31.16
C ARG A 865 11.48 26.88 -30.18
N ALA A 866 10.32 26.91 -29.49
CA ALA A 866 10.08 27.95 -28.50
C ALA A 866 11.14 27.91 -27.39
N ILE A 867 11.47 26.70 -26.92
CA ILE A 867 12.54 26.54 -25.91
C ILE A 867 13.88 27.07 -26.45
N ALA A 868 14.20 26.72 -27.70
CA ALA A 868 15.46 27.12 -28.32
C ALA A 868 15.55 28.64 -28.48
N ASN A 869 14.42 29.25 -28.87
CA ASN A 869 14.34 30.69 -29.11
C ASN A 869 14.32 31.54 -27.86
N ALA A 870 13.76 31.02 -26.76
CA ALA A 870 13.65 31.79 -25.52
C ALA A 870 15.00 32.20 -24.97
N ARG A 871 15.04 33.38 -24.38
CA ARG A 871 16.23 33.81 -23.66
C ARG A 871 16.44 32.90 -22.45
N ASN A 872 17.69 32.79 -22.00
CA ASN A 872 18.07 31.85 -20.95
C ASN A 872 17.16 31.87 -19.73
N GLU A 873 16.80 33.07 -19.29
CA GLU A 873 15.94 33.28 -18.13
C GLU A 873 14.56 32.64 -18.29
N LEU A 874 14.10 32.57 -19.53
CA LEU A 874 12.76 32.11 -19.84
C LEU A 874 12.68 30.61 -20.18
N LYS A 875 13.81 29.99 -20.51
CA LYS A 875 13.83 28.58 -20.91
C LYS A 875 13.10 27.63 -19.94
N PRO A 876 13.33 27.76 -18.62
CA PRO A 876 12.55 26.96 -17.67
C PRO A 876 11.03 27.02 -17.86
N GLU A 877 10.47 28.21 -18.07
CA GLU A 877 9.03 28.34 -18.28
C GLU A 877 8.58 27.63 -19.55
N LEU A 878 9.38 27.73 -20.61
CA LEU A 878 9.04 27.09 -21.86
C LEU A 878 9.20 25.56 -21.78
N GLU A 879 10.17 25.11 -20.99
CA GLU A 879 10.34 23.69 -20.68
C GLU A 879 9.11 23.16 -19.95
N ALA A 880 8.65 23.90 -18.93
CA ALA A 880 7.43 23.52 -18.18
C ALA A 880 6.18 23.44 -19.09
N THR A 881 6.05 24.38 -20.02
CA THR A 881 4.96 24.35 -21.01
C THR A 881 5.04 23.09 -21.89
N PHE A 882 6.23 22.80 -22.38
CA PHE A 882 6.46 21.62 -23.20
C PHE A 882 6.18 20.33 -22.43
N LEU A 883 6.48 20.30 -21.13
CA LEU A 883 6.22 19.13 -20.31
C LEU A 883 4.72 18.89 -20.17
N LYS A 884 3.96 19.96 -19.95
CA LYS A 884 2.51 19.87 -19.86
C LYS A 884 1.92 19.40 -21.19
N PHE A 885 2.46 19.91 -22.29
CA PHE A 885 2.03 19.46 -23.62
C PHE A 885 2.30 17.97 -23.83
N THR A 886 3.52 17.54 -23.52
CA THR A 886 3.91 16.12 -23.63
C THR A 886 2.99 15.19 -22.83
N ALA A 887 2.73 15.53 -21.56
CA ALA A 887 1.88 14.72 -20.70
C ALA A 887 0.48 14.57 -21.29
N LYS A 888 -0.07 15.65 -21.83
CA LYS A 888 -1.45 15.66 -22.32
C LYS A 888 -1.63 15.02 -23.71
N TYR A 889 -0.77 15.42 -24.65
CA TYR A 889 -0.92 15.04 -26.06
C TYR A 889 -0.09 13.82 -26.50
N LEU A 890 1.08 13.62 -25.88
CA LEU A 890 2.02 12.60 -26.36
C LEU A 890 2.07 11.36 -25.47
N ALA A 891 2.35 11.56 -24.19
CA ALA A 891 2.59 10.43 -23.31
C ALA A 891 1.30 9.78 -22.82
N SER A 892 0.18 10.50 -22.98
CA SER A 892 -1.10 10.06 -22.46
C SER A 892 -1.56 8.77 -23.14
N VAL A 893 -1.17 8.59 -24.40
CA VAL A 893 -1.58 7.41 -25.15
C VAL A 893 -0.90 6.14 -24.58
N ARG A 894 0.42 6.20 -24.40
CA ARG A 894 1.14 5.04 -23.83
C ARG A 894 0.75 4.79 -22.37
N HIS A 895 0.62 5.86 -21.58
CA HIS A 895 0.20 5.73 -20.16
C HIS A 895 -1.14 4.99 -20.05
N THR A 896 -2.12 5.42 -20.84
CA THR A 896 -3.45 4.81 -20.83
C THR A 896 -3.44 3.37 -21.37
N ARG A 897 -2.75 3.13 -22.48
CA ARG A 897 -2.70 1.77 -23.04
C ARG A 897 -2.02 0.80 -22.05
N THR A 898 -0.92 1.25 -21.44
CA THR A 898 -0.18 0.40 -20.49
C THR A 898 -1.06 0.06 -19.27
N LEU A 899 -1.65 1.06 -18.64
CA LEU A 899 -2.44 0.80 -17.44
C LEU A 899 -3.71 -0.01 -17.75
N GLU A 900 -4.36 0.29 -18.88
CA GLU A 900 -5.55 -0.48 -19.27
C GLU A 900 -5.15 -1.95 -19.41
N ASN A 901 -4.06 -2.20 -20.12
CA ASN A 901 -3.64 -3.57 -20.40
C ASN A 901 -3.30 -4.35 -19.13
N ILE A 902 -2.44 -3.80 -18.28
CA ILE A 902 -1.96 -4.57 -17.14
C ILE A 902 -2.99 -4.68 -16.02
N SER A 903 -3.97 -3.77 -15.99
CA SER A 903 -5.05 -3.84 -14.99
C SER A 903 -5.77 -5.20 -14.99
N HIS A 904 -5.81 -5.86 -16.15
CA HIS A 904 -6.43 -7.18 -16.26
C HIS A 904 -5.72 -8.24 -15.42
N SER A 905 -4.44 -8.04 -15.16
CA SER A 905 -3.68 -8.93 -14.28
C SER A 905 -3.66 -8.45 -12.85
N TYR A 906 -4.11 -7.22 -12.64
CA TYR A 906 -4.14 -6.63 -11.30
C TYR A 906 -5.54 -6.09 -11.02
N GLN A 907 -6.47 -6.99 -10.76
CA GLN A 907 -7.88 -6.63 -10.69
C GLN A 907 -8.22 -5.65 -9.54
N PHE A 908 -7.46 -5.68 -8.45
CA PHE A 908 -7.73 -4.75 -7.35
C PHE A 908 -7.11 -3.37 -7.52
N TYR A 909 -6.30 -3.20 -8.56
CA TYR A 909 -5.65 -1.91 -8.80
C TYR A 909 -6.69 -0.79 -9.03
N SER A 910 -7.67 -1.03 -9.89
CA SER A 910 -8.69 0.00 -10.19
C SER A 910 -9.36 0.56 -8.93
N PRO A 911 -9.98 -0.31 -8.11
CA PRO A 911 -10.61 0.28 -6.92
C PRO A 911 -9.60 0.84 -5.90
N VAL A 912 -8.42 0.22 -5.79
CA VAL A 912 -7.38 0.75 -4.89
C VAL A 912 -6.92 2.16 -5.29
N VAL A 913 -6.57 2.36 -6.56
CA VAL A 913 -6.14 3.70 -7.03
C VAL A 913 -7.27 4.73 -6.89
N ARG A 914 -8.50 4.30 -7.10
CA ARG A 914 -9.65 5.21 -6.97
C ARG A 914 -9.83 5.65 -5.51
N LEU A 915 -9.73 4.70 -4.58
CA LEU A 915 -9.78 5.02 -3.14
C LEU A 915 -8.59 5.92 -2.74
N PHE A 916 -7.39 5.60 -3.24
CA PHE A 916 -6.22 6.45 -3.01
C PHE A 916 -6.47 7.89 -3.46
N LYS A 917 -7.05 8.09 -4.65
CA LYS A 917 -7.39 9.44 -5.11
C LYS A 917 -8.39 10.11 -4.17
N ARG A 918 -9.37 9.34 -3.72
CA ARG A 918 -10.35 9.88 -2.78
C ARG A 918 -9.64 10.35 -1.49
N TRP A 919 -8.71 9.53 -1.01
CA TRP A 919 -7.92 9.87 0.17
C TRP A 919 -7.11 11.14 -0.07
N LEU A 920 -6.42 11.23 -1.22
CA LEU A 920 -5.67 12.43 -1.59
C LEU A 920 -6.54 13.67 -1.64
N ASP A 921 -7.73 13.53 -2.22
CA ASP A 921 -8.66 14.67 -2.28
C ASP A 921 -9.20 15.10 -0.91
N THR A 922 -9.46 14.14 -0.01
CA THR A 922 -9.94 14.50 1.34
C THR A 922 -8.88 15.32 2.10
N HIS A 923 -7.61 15.11 1.74
CA HIS A 923 -6.50 15.85 2.34
C HIS A 923 -6.02 17.02 1.50
N LEU A 924 -6.82 17.40 0.50
CA LEU A 924 -6.59 18.58 -0.33
C LEU A 924 -5.29 18.53 -1.13
N LEU A 925 -4.86 17.33 -1.48
CA LEU A 925 -3.57 17.13 -2.16
C LEU A 925 -3.73 16.93 -3.65
N LEU A 926 -4.92 16.49 -4.03
CA LEU A 926 -5.14 15.98 -5.37
C LEU A 926 -5.00 17.09 -6.37
N GLY A 927 -5.26 18.32 -5.94
CA GLY A 927 -5.09 19.49 -6.79
C GLY A 927 -3.67 19.78 -7.23
N HIS A 928 -2.68 19.28 -6.48
CA HIS A 928 -1.26 19.49 -6.76
C HIS A 928 -0.58 18.23 -7.32
N ILE A 929 -1.21 17.08 -7.08
CA ILE A 929 -0.69 15.80 -7.53
C ILE A 929 -1.46 15.40 -8.79
N THR A 930 -0.76 15.26 -9.92
CA THR A 930 -1.43 14.85 -11.16
C THR A 930 -2.12 13.50 -10.98
N ASP A 931 -3.14 13.24 -11.78
CA ASP A 931 -3.75 11.91 -11.71
C ASP A 931 -2.74 10.82 -12.06
N GLU A 932 -1.85 11.10 -13.00
CA GLU A 932 -0.87 10.09 -13.42
C GLU A 932 0.11 9.78 -12.29
N LEU A 933 0.57 10.81 -11.57
CA LEU A 933 1.45 10.56 -10.44
C LEU A 933 0.76 9.70 -9.37
N ALA A 934 -0.50 10.02 -9.05
CA ALA A 934 -1.26 9.23 -8.10
C ALA A 934 -1.39 7.79 -8.57
N GLU A 935 -1.62 7.62 -9.87
CA GLU A 935 -1.79 6.29 -10.45
C GLU A 935 -0.51 5.45 -10.39
N LEU A 936 0.62 6.09 -10.60
CA LEU A 936 1.92 5.40 -10.65
C LEU A 936 2.40 5.04 -9.24
N ILE A 937 2.14 5.90 -8.27
CA ILE A 937 2.41 5.58 -6.86
C ILE A 937 1.54 4.39 -6.41
N ALA A 938 0.26 4.45 -6.74
CA ALA A 938 -0.69 3.39 -6.37
C ALA A 938 -0.39 2.02 -7.00
N ILE A 939 0.29 2.01 -8.14
CA ILE A 939 0.56 0.72 -8.83
C ILE A 939 1.79 0.00 -8.25
N LYS A 940 2.59 0.73 -7.46
CA LYS A 940 3.82 0.13 -6.89
C LYS A 940 3.59 -1.22 -6.21
N PRO A 941 2.63 -1.33 -5.27
CA PRO A 941 2.40 -2.64 -4.60
C PRO A 941 1.93 -3.77 -5.53
N PHE A 942 1.48 -3.41 -6.73
CA PHE A 942 0.99 -4.38 -7.70
C PHE A 942 2.13 -4.89 -8.60
N VAL A 943 2.87 -3.97 -9.22
CA VAL A 943 3.98 -4.33 -10.11
C VAL A 943 5.28 -4.66 -9.39
N ASP A 944 5.38 -4.30 -8.11
CA ASP A 944 6.59 -4.55 -7.33
C ASP A 944 6.19 -4.90 -5.90
N PRO A 945 5.49 -6.03 -5.72
CA PRO A 945 4.93 -6.43 -4.43
C PRO A 945 5.94 -6.94 -3.39
N ALA A 946 7.06 -7.48 -3.85
CA ALA A 946 8.00 -8.21 -2.96
C ALA A 946 8.40 -7.37 -1.74
N PRO A 947 8.52 -7.99 -0.54
CA PRO A 947 8.33 -9.41 -0.24
C PRO A 947 6.89 -9.80 0.14
N TYR A 948 5.93 -8.91 -0.10
CA TYR A 948 4.51 -9.25 0.06
C TYR A 948 4.00 -9.91 -1.21
N PHE A 949 2.73 -10.33 -1.20
CA PHE A 949 2.08 -10.79 -2.42
C PHE A 949 1.34 -9.63 -3.08
N ILE A 950 1.00 -9.81 -4.36
CA ILE A 950 0.16 -8.85 -5.07
C ILE A 950 -1.16 -8.65 -4.28
N PRO A 951 -1.63 -7.39 -4.12
CA PRO A 951 -2.84 -7.19 -3.33
C PRO A 951 -4.06 -7.93 -3.88
N GLY A 952 -4.82 -8.56 -2.98
CA GLY A 952 -6.04 -9.32 -3.34
C GLY A 952 -7.27 -8.83 -2.58
N SER A 953 -7.19 -7.60 -2.02
CA SER A 953 -8.36 -6.90 -1.50
C SER A 953 -8.16 -5.39 -1.55
N LEU A 954 -9.27 -4.67 -1.36
CA LEU A 954 -9.25 -3.22 -1.40
C LEU A 954 -8.44 -2.70 -0.21
N GLU A 955 -8.73 -3.25 0.96
CA GLU A 955 -7.96 -2.91 2.16
C GLU A 955 -6.46 -3.20 2.01
N ASN A 956 -6.11 -4.39 1.51
CA ASN A 956 -4.71 -4.78 1.42
C ASN A 956 -3.93 -3.84 0.51
N GLY A 957 -4.46 -3.59 -0.69
CA GLY A 957 -3.84 -2.68 -1.66
C GLY A 957 -3.74 -1.24 -1.16
N PHE A 958 -4.83 -0.73 -0.60
CA PHE A 958 -4.80 0.66 -0.13
C PHE A 958 -3.78 0.88 1.01
N LEU A 959 -3.77 -0.01 2.00
CA LEU A 959 -2.80 0.10 3.09
C LEU A 959 -1.36 -0.05 2.60
N LYS A 960 -1.15 -0.89 1.59
CA LYS A 960 0.19 -1.04 1.00
C LYS A 960 0.68 0.22 0.33
N VAL A 961 -0.21 0.95 -0.35
CA VAL A 961 0.15 2.24 -0.94
C VAL A 961 0.56 3.24 0.15
N LEU A 962 -0.23 3.35 1.22
CA LEU A 962 0.11 4.26 2.33
C LEU A 962 1.41 3.85 3.03
N LYS A 963 1.59 2.55 3.23
CA LYS A 963 2.82 2.03 3.84
C LYS A 963 4.04 2.40 2.97
N PHE A 964 3.91 2.19 1.65
CA PHE A 964 4.97 2.55 0.73
C PHE A 964 5.36 4.02 0.84
N ILE A 965 4.35 4.89 0.74
CA ILE A 965 4.62 6.31 0.88
C ILE A 965 5.28 6.63 2.24
N SER A 966 4.80 6.01 3.31
CA SER A 966 5.33 6.29 4.66
C SER A 966 6.84 5.99 4.76
N GLN A 967 7.31 5.02 3.99
CA GLN A 967 8.71 4.60 4.06
C GLN A 967 9.61 5.14 2.94
N TRP A 968 9.02 5.87 1.98
CA TRP A 968 9.76 6.33 0.81
C TRP A 968 10.51 7.63 1.09
N ASN A 969 11.83 7.51 1.21
CA ASN A 969 12.68 8.66 1.31
C ASN A 969 12.96 9.16 -0.10
N TRP A 970 12.13 10.10 -0.55
CA TRP A 970 12.21 10.59 -1.92
C TRP A 970 13.42 11.51 -2.19
N LYS A 971 14.10 11.94 -1.13
CA LYS A 971 15.36 12.67 -1.29
C LYS A 971 16.46 11.68 -1.74
N ASP A 972 16.51 10.55 -1.06
CA ASP A 972 17.53 9.52 -1.31
C ASP A 972 17.25 8.58 -2.47
N ASP A 973 15.97 8.23 -2.68
CA ASP A 973 15.62 7.10 -3.56
C ASP A 973 14.59 7.48 -4.63
N PRO A 974 14.78 6.99 -5.86
CA PRO A 974 13.75 7.15 -6.88
C PRO A 974 12.71 6.04 -6.77
N LEU A 975 11.58 6.22 -7.44
CA LEU A 975 10.67 5.11 -7.68
C LEU A 975 10.76 4.73 -9.18
N ILE A 976 11.19 3.51 -9.45
CA ILE A 976 11.34 3.07 -10.83
C ILE A 976 10.46 1.83 -10.99
N LEU A 977 9.50 1.92 -11.91
CA LEU A 977 8.46 0.90 -12.06
C LEU A 977 8.61 0.12 -13.37
N ASP A 978 8.46 -1.21 -13.29
CA ASP A 978 8.33 -2.08 -14.46
C ASP A 978 6.83 -2.28 -14.65
N LEU A 979 6.25 -1.51 -15.56
CA LEU A 979 4.80 -1.51 -15.72
C LEU A 979 4.39 -2.69 -16.61
N VAL A 980 4.47 -3.89 -16.04
CA VAL A 980 4.21 -5.13 -16.77
C VAL A 980 3.37 -6.09 -15.89
N LYS A 981 2.81 -7.11 -16.54
CA LYS A 981 2.03 -8.12 -15.86
C LYS A 981 3.00 -9.05 -15.12
N PRO A 982 2.49 -9.83 -14.15
CA PRO A 982 3.36 -10.76 -13.41
C PRO A 982 3.97 -11.82 -14.32
N GLU A 983 5.13 -12.33 -13.91
CA GLU A 983 5.80 -13.42 -14.61
C GLU A 983 4.97 -14.69 -14.51
N GLU A 1010 10.16 -6.92 -22.09
CA GLU A 1010 9.43 -5.72 -21.69
C GLU A 1010 9.86 -5.13 -20.36
N ARG A 1011 10.49 -5.94 -19.51
CA ARG A 1011 11.06 -5.42 -18.27
C ARG A 1011 12.30 -4.61 -18.58
N LEU A 1012 12.59 -3.61 -17.75
CA LEU A 1012 13.83 -2.86 -17.89
C LEU A 1012 15.04 -3.80 -17.79
N THR A 1013 16.01 -3.60 -18.67
CA THR A 1013 17.28 -4.31 -18.62
C THR A 1013 18.15 -3.64 -17.56
N LEU A 1014 19.24 -4.31 -17.20
CA LEU A 1014 20.21 -3.74 -16.28
C LEU A 1014 20.69 -2.35 -16.74
N ALA A 1015 21.11 -2.24 -18.01
CA ALA A 1015 21.61 -0.94 -18.49
C ALA A 1015 20.53 0.14 -18.40
N GLN A 1016 19.30 -0.19 -18.78
CA GLN A 1016 18.20 0.79 -18.79
C GLN A 1016 17.90 1.27 -17.39
N TYR A 1017 17.86 0.32 -16.47
CA TYR A 1017 17.63 0.60 -15.05
C TYR A 1017 18.71 1.53 -14.48
N LYS A 1018 19.98 1.23 -14.79
CA LYS A 1018 21.06 2.10 -14.31
C LYS A 1018 21.03 3.47 -14.97
N GLY A 1019 20.62 3.52 -16.23
CA GLY A 1019 20.46 4.81 -16.93
C GLY A 1019 19.40 5.67 -16.26
N ILE A 1020 18.30 5.04 -15.84
CA ILE A 1020 17.25 5.77 -15.11
C ILE A 1020 17.76 6.19 -13.73
N GLN A 1021 18.47 5.29 -13.05
CA GLN A 1021 19.03 5.65 -11.74
C GLN A 1021 19.95 6.87 -11.87
N MET A 1022 20.72 6.93 -12.97
CA MET A 1022 21.57 8.09 -13.26
C MET A 1022 20.79 9.37 -13.55
N ASN A 1023 19.60 9.27 -14.16
CA ASN A 1023 18.75 10.46 -14.30
C ASN A 1023 18.47 11.01 -12.91
N PHE A 1024 18.19 10.11 -11.96
CA PHE A 1024 17.89 10.54 -10.60
C PHE A 1024 19.11 11.18 -9.90
N THR A 1025 20.26 10.54 -10.02
CA THR A 1025 21.43 11.03 -9.31
C THR A 1025 21.92 12.32 -9.93
N ASN A 1026 21.78 12.47 -11.25
CA ASN A 1026 22.08 13.73 -11.94
C ASN A 1026 21.23 14.87 -11.44
N LEU A 1027 19.93 14.61 -11.38
CA LEU A 1027 18.96 15.57 -10.87
C LEU A 1027 19.34 16.01 -9.46
N ARG A 1028 19.61 15.04 -8.58
CA ARG A 1028 19.93 15.32 -7.18
C ARG A 1028 21.24 16.08 -7.01
N ASN A 1029 22.12 15.99 -8.01
CA ASN A 1029 23.37 16.74 -7.98
C ASN A 1029 23.15 18.25 -7.90
N SER A 1030 22.13 18.74 -8.61
CA SER A 1030 21.80 20.16 -8.57
C SER A 1030 20.51 20.46 -7.80
N ASP A 1031 19.89 19.43 -7.21
CA ASP A 1031 18.67 19.59 -6.42
C ASP A 1031 18.73 18.61 -5.23
N PRO A 1032 19.76 18.74 -4.38
CA PRO A 1032 20.10 17.65 -3.44
C PRO A 1032 19.06 17.41 -2.36
N ASN A 1033 18.21 18.39 -2.11
CA ASN A 1033 17.21 18.24 -1.06
C ASN A 1033 15.80 18.02 -1.58
N GLY A 1034 15.66 17.92 -2.91
CA GLY A 1034 14.35 17.78 -3.54
C GLY A 1034 13.48 19.01 -3.41
N THR A 1035 14.11 20.17 -3.24
CA THR A 1035 13.42 21.45 -3.23
C THR A 1035 12.68 21.70 -4.54
N HIS A 1036 13.28 21.35 -5.67
CA HIS A 1036 12.67 21.57 -6.98
C HIS A 1036 11.83 20.37 -7.44
N LEU A 1037 12.33 19.16 -7.20
CA LEU A 1037 11.67 17.92 -7.63
C LEU A 1037 11.79 16.91 -6.49
N GLN A 1038 10.65 16.48 -5.96
CA GLN A 1038 10.64 15.61 -4.79
C GLN A 1038 10.51 14.15 -5.21
N PHE A 1039 9.40 13.83 -5.87
CA PHE A 1039 9.05 12.45 -6.25
C PHE A 1039 9.56 12.13 -7.65
N PHE A 1040 10.64 11.37 -7.73
CA PHE A 1040 11.15 10.90 -9.02
C PHE A 1040 10.45 9.58 -9.27
N VAL A 1041 9.62 9.54 -10.31
CA VAL A 1041 8.82 8.36 -10.63
C VAL A 1041 8.98 8.05 -12.11
N ALA A 1042 9.66 6.94 -12.41
CA ALA A 1042 10.04 6.62 -13.78
C ALA A 1042 9.58 5.22 -14.15
N SER A 1043 9.55 4.97 -15.45
CA SER A 1043 9.16 3.66 -16.00
C SER A 1043 9.68 3.60 -17.43
N LYS A 1044 9.40 2.51 -18.15
CA LYS A 1044 9.68 2.43 -19.59
C LYS A 1044 8.91 3.47 -20.41
N ASN A 1045 7.77 3.91 -19.89
CA ASN A 1045 7.02 4.97 -20.54
C ASN A 1045 7.66 6.33 -20.36
N ASP A 1046 8.22 6.57 -19.19
CA ASP A 1046 8.86 7.85 -18.87
C ASP A 1046 10.18 7.66 -18.10
N PRO A 1047 11.29 7.56 -18.83
CA PRO A 1047 12.58 7.35 -18.17
C PRO A 1047 13.14 8.60 -17.48
N SER A 1048 12.54 9.77 -17.75
CA SER A 1048 12.99 11.01 -17.13
C SER A 1048 12.65 11.06 -15.66
N GLY A 1049 11.60 10.33 -15.25
CA GLY A 1049 11.17 10.35 -13.85
C GLY A 1049 10.45 11.61 -13.38
N ILE A 1050 10.26 12.58 -14.27
CA ILE A 1050 9.74 13.90 -13.84
C ILE A 1050 8.50 14.40 -14.63
N LEU A 1051 8.04 13.59 -15.58
CA LEU A 1051 6.91 14.01 -16.44
C LEU A 1051 5.65 14.33 -15.63
N TYR A 1052 5.39 13.56 -14.57
CA TYR A 1052 4.15 13.71 -13.83
C TYR A 1052 4.31 14.30 -12.42
N SER A 1053 5.53 14.66 -12.07
CA SER A 1053 5.83 15.07 -10.69
C SER A 1053 6.59 16.41 -10.59
N SER A 1054 6.70 17.13 -11.71
CA SER A 1054 7.38 18.44 -11.71
C SER A 1054 6.46 19.55 -11.21
N GLY A 1055 7.05 20.59 -10.64
CA GLY A 1055 6.31 21.80 -10.26
C GLY A 1055 5.45 21.68 -9.01
N ILE A 1056 5.62 20.61 -8.23
CA ILE A 1056 4.90 20.46 -6.95
C ILE A 1056 5.63 21.28 -5.87
N PRO A 1057 4.89 22.11 -5.11
CA PRO A 1057 5.57 22.82 -4.01
C PRO A 1057 6.08 21.86 -2.95
N LEU A 1058 7.32 22.06 -2.49
CA LEU A 1058 7.92 21.22 -1.45
C LEU A 1058 7.02 20.96 -0.22
N PRO A 1059 6.35 22.01 0.31
CA PRO A 1059 5.46 21.77 1.44
C PRO A 1059 4.36 20.75 1.16
N ILE A 1060 3.91 20.68 -0.10
CA ILE A 1060 2.89 19.69 -0.47
C ILE A 1060 3.46 18.26 -0.44
N ALA A 1061 4.65 18.08 -1.00
CA ALA A 1061 5.30 16.77 -0.96
C ALA A 1061 5.53 16.31 0.47
N THR A 1062 6.01 17.21 1.32
CA THR A 1062 6.32 16.84 2.70
C THR A 1062 5.04 16.50 3.46
N ARG A 1063 3.95 17.22 3.18
CA ARG A 1063 2.66 16.93 3.80
C ARG A 1063 2.13 15.54 3.42
N LEU A 1064 2.30 15.17 2.15
CA LEU A 1064 1.90 13.83 1.70
C LEU A 1064 2.65 12.74 2.45
N THR A 1065 3.97 12.86 2.50
CA THR A 1065 4.78 11.93 3.30
C THR A 1065 4.33 11.91 4.78
N ALA A 1066 4.16 13.10 5.36
CA ALA A 1066 3.73 13.26 6.75
C ALA A 1066 2.40 12.56 7.03
N LEU A 1067 1.43 12.72 6.13
CA LEU A 1067 0.11 12.09 6.26
C LEU A 1067 0.14 10.58 6.17
N ALA A 1068 0.99 10.06 5.28
CA ALA A 1068 1.17 8.61 5.18
C ALA A 1068 1.77 8.04 6.47
N LYS A 1069 2.76 8.73 7.03
CA LYS A 1069 3.31 8.34 8.34
C LYS A 1069 2.25 8.39 9.44
N VAL A 1070 1.48 9.48 9.49
CA VAL A 1070 0.37 9.63 10.45
C VAL A 1070 -0.58 8.45 10.35
N ALA A 1071 -0.95 8.10 9.12
CA ALA A 1071 -1.83 6.97 8.86
C ALA A 1071 -1.29 5.64 9.38
N VAL A 1072 -0.06 5.31 8.99
CA VAL A 1072 0.60 4.07 9.38
C VAL A 1072 0.77 3.98 10.90
N ASN A 1073 1.19 5.10 11.52
CA ASN A 1073 1.33 5.18 12.97
C ASN A 1073 0.00 4.99 13.71
N LEU A 1074 -1.04 5.64 13.22
CA LEU A 1074 -2.39 5.50 13.80
C LEU A 1074 -2.81 4.03 13.80
N LEU A 1075 -2.58 3.35 12.68
CA LEU A 1075 -2.91 1.93 12.58
C LEU A 1075 -2.01 1.01 13.41
N GLN A 1076 -0.71 1.30 13.46
CA GLN A 1076 0.19 0.50 14.31
C GLN A 1076 -0.17 0.65 15.79
N THR A 1077 -0.58 1.86 16.17
CA THR A 1077 -0.82 2.20 17.58
C THR A 1077 -2.19 1.74 18.05
N HIS A 1078 -3.22 2.15 17.31
CA HIS A 1078 -4.60 1.97 17.74
C HIS A 1078 -5.33 0.86 16.98
N GLY A 1079 -4.63 0.17 16.09
CA GLY A 1079 -5.22 -0.91 15.29
C GLY A 1079 -6.11 -0.45 14.15
N LEU A 1080 -6.45 -1.38 13.28
CA LEU A 1080 -7.32 -1.11 12.14
C LEU A 1080 -8.77 -1.36 12.53
N ASN A 1081 -9.56 -0.30 12.57
CA ASN A 1081 -10.97 -0.44 12.89
C ASN A 1081 -11.79 0.73 12.35
N GLN A 1082 -13.10 0.69 12.59
CA GLN A 1082 -14.01 1.70 12.05
C GLN A 1082 -13.64 3.13 12.39
N GLN A 1083 -13.20 3.35 13.63
CA GLN A 1083 -12.82 4.69 14.10
C GLN A 1083 -11.52 5.22 13.45
N THR A 1084 -10.49 4.38 13.40
CA THR A 1084 -9.23 4.80 12.80
C THR A 1084 -9.34 4.95 11.27
N ILE A 1085 -10.17 4.11 10.63
CA ILE A 1085 -10.41 4.24 9.19
C ILE A 1085 -11.06 5.60 8.89
N ASN A 1086 -12.06 5.97 9.70
CA ASN A 1086 -12.70 7.28 9.57
C ASN A 1086 -11.68 8.42 9.66
N LEU A 1087 -10.72 8.27 10.56
CA LEU A 1087 -9.69 9.26 10.77
C LEU A 1087 -8.76 9.44 9.55
N LEU A 1088 -8.45 8.35 8.87
CA LEU A 1088 -7.65 8.41 7.64
C LEU A 1088 -8.23 9.36 6.61
N PHE A 1089 -9.56 9.51 6.62
CA PHE A 1089 -10.25 10.31 5.62
C PHE A 1089 -10.78 11.63 6.20
N THR A 1090 -10.23 12.03 7.35
CA THR A 1090 -10.55 13.33 7.96
C THR A 1090 -9.33 14.26 7.88
N PRO A 1091 -9.47 15.42 7.19
CA PRO A 1091 -8.35 16.37 7.19
C PRO A 1091 -8.19 17.02 8.56
N GLY A 1092 -6.95 17.33 8.95
CA GLY A 1092 -6.66 17.96 10.24
C GLY A 1092 -6.74 19.48 10.14
N LEU A 1093 -6.33 20.00 8.99
CA LEU A 1093 -6.37 21.42 8.69
C LEU A 1093 -5.58 22.27 9.69
N LYS A 1094 -4.55 21.65 10.27
CA LYS A 1094 -3.64 22.30 11.20
C LYS A 1094 -2.35 22.69 10.48
N ASP A 1095 -1.62 23.65 11.03
CA ASP A 1095 -0.33 24.10 10.51
C ASP A 1095 -0.49 24.92 9.23
N TYR A 1096 -1.65 25.56 9.06
CA TYR A 1096 -1.85 26.45 7.93
C TYR A 1096 -1.89 27.89 8.37
N ASP A 1097 -1.45 28.79 7.49
CA ASP A 1097 -1.52 30.22 7.75
C ASP A 1097 -2.97 30.74 7.76
N PHE A 1098 -3.82 30.13 6.93
CA PHE A 1098 -5.25 30.42 6.96
C PHE A 1098 -6.08 29.30 6.37
N VAL A 1099 -7.33 29.24 6.80
CA VAL A 1099 -8.27 28.24 6.33
C VAL A 1099 -9.60 28.93 6.05
N VAL A 1100 -10.11 28.74 4.84
CA VAL A 1100 -11.34 29.35 4.39
C VAL A 1100 -12.40 28.28 4.12
N ASP A 1101 -13.57 28.42 4.73
CA ASP A 1101 -14.68 27.53 4.42
C ASP A 1101 -15.53 28.14 3.31
N LEU A 1102 -15.83 27.32 2.30
CA LEU A 1102 -16.67 27.71 1.17
C LEU A 1102 -17.93 26.88 1.12
N ARG A 1103 -19.00 27.49 0.64
CA ARG A 1103 -20.22 26.75 0.34
C ARG A 1103 -20.77 27.22 -1.00
N THR A 1104 -21.01 26.28 -1.90
CA THR A 1104 -21.59 26.62 -3.20
C THR A 1104 -23.10 26.68 -3.03
N PRO A 1105 -23.77 27.53 -3.80
CA PRO A 1105 -25.22 27.66 -3.60
C PRO A 1105 -26.01 26.43 -4.02
N ILE A 1106 -25.38 25.53 -4.78
CA ILE A 1106 -26.06 24.32 -5.26
C ILE A 1106 -25.20 23.07 -5.03
N GLY A 1107 -25.77 22.07 -4.35
CA GLY A 1107 -25.06 20.83 -4.04
C GLY A 1107 -24.89 19.99 -5.29
N LEU A 1108 -23.73 19.36 -5.45
CA LEU A 1108 -23.44 18.65 -6.70
C LEU A 1108 -23.33 17.14 -6.57
N LYS A 1109 -23.59 16.60 -5.38
CA LYS A 1109 -23.44 15.17 -5.15
C LYS A 1109 -24.28 14.34 -6.14
N SER A 1110 -25.54 14.72 -6.28
CA SER A 1110 -26.46 14.02 -7.17
C SER A 1110 -26.04 14.11 -8.63
N SER A 1111 -25.76 15.32 -9.09
CA SER A 1111 -25.43 15.51 -10.49
C SER A 1111 -24.00 15.07 -10.84
N CYS A 1112 -23.23 14.69 -9.81
CA CYS A 1112 -21.93 14.02 -10.02
C CYS A 1112 -22.08 12.53 -10.25
N GLY A 1113 -23.29 12.01 -10.08
CA GLY A 1113 -23.56 10.59 -10.25
C GLY A 1113 -23.23 9.75 -9.04
N ILE A 1114 -23.31 10.34 -7.86
CA ILE A 1114 -23.03 9.66 -6.62
C ILE A 1114 -24.32 9.42 -5.85
N LEU A 1115 -24.51 8.19 -5.38
CA LEU A 1115 -25.63 7.85 -4.50
C LEU A 1115 -25.35 8.32 -3.07
N SER A 1116 -26.32 9.03 -2.49
CA SER A 1116 -26.16 9.59 -1.14
C SER A 1116 -26.63 8.62 -0.06
N ALA A 1128 -30.91 10.94 -9.68
CA ALA A 1128 -30.08 10.40 -10.78
C ALA A 1128 -30.22 11.23 -12.05
N PRO A 1129 -29.09 11.73 -12.59
CA PRO A 1129 -29.13 12.54 -13.82
C PRO A 1129 -29.77 11.78 -14.98
N SER A 1130 -30.58 12.47 -15.77
CA SER A 1130 -31.36 11.79 -16.82
C SER A 1130 -31.26 12.43 -18.19
N ASN A 1131 -30.82 13.69 -18.27
CA ASN A 1131 -30.65 14.34 -19.57
C ASN A 1131 -29.65 15.51 -19.57
N PHE A 1132 -29.31 15.99 -20.76
CA PHE A 1132 -28.54 17.20 -20.89
C PHE A 1132 -29.52 18.37 -21.03
N PRO A 1133 -29.13 19.58 -20.58
CA PRO A 1133 -30.04 20.73 -20.68
C PRO A 1133 -30.33 21.13 -22.12
N GLU A 1134 -31.52 21.69 -22.33
CA GLU A 1134 -31.92 22.20 -23.63
C GLU A 1134 -30.87 23.15 -24.21
N ASN A 1135 -30.40 24.06 -23.37
CA ASN A 1135 -29.36 25.00 -23.76
C ASN A 1135 -28.05 24.53 -23.15
N LEU A 1136 -27.05 24.22 -23.97
CA LEU A 1136 -25.76 23.69 -23.46
C LEU A 1136 -24.96 24.69 -22.60
N ASN A 1137 -25.34 25.97 -22.69
CA ASN A 1137 -24.81 26.99 -21.77
C ASN A 1137 -25.18 26.69 -20.31
N ASP A 1138 -26.24 25.93 -20.10
CA ASP A 1138 -26.69 25.58 -18.76
C ASP A 1138 -25.97 24.36 -18.12
N LEU A 1139 -25.18 23.60 -18.89
CA LEU A 1139 -24.32 22.57 -18.25
C LEU A 1139 -23.56 23.20 -17.08
N SER A 1140 -23.08 24.41 -17.31
CA SER A 1140 -22.26 25.16 -16.37
C SER A 1140 -22.92 25.40 -15.00
N GLU A 1141 -24.26 25.47 -14.98
CA GLU A 1141 -24.99 25.72 -13.74
C GLU A 1141 -24.83 24.60 -12.74
N LYS A 1142 -24.40 23.41 -13.18
CA LYS A 1142 -24.15 22.31 -12.23
C LYS A 1142 -22.66 21.95 -12.17
N MET A 1143 -21.81 22.92 -12.48
CA MET A 1143 -20.39 22.76 -12.32
C MET A 1143 -19.86 23.52 -11.12
N ASP A 1144 -18.75 23.03 -10.57
CA ASP A 1144 -18.19 23.50 -9.31
C ASP A 1144 -17.56 24.90 -9.47
N PRO A 1145 -18.24 25.95 -8.95
CA PRO A 1145 -17.66 27.28 -9.08
C PRO A 1145 -16.38 27.43 -8.27
N THR A 1146 -16.24 26.64 -7.21
CA THR A 1146 -15.08 26.73 -6.30
C THR A 1146 -13.80 26.24 -6.96
N TYR A 1147 -13.94 25.37 -7.98
CA TYR A 1147 -12.80 24.93 -8.77
C TYR A 1147 -12.14 26.07 -9.52
N GLN A 1148 -12.93 26.85 -10.25
CA GLN A 1148 -12.46 28.06 -10.93
C GLN A 1148 -11.90 29.09 -9.95
N LEU A 1149 -12.60 29.27 -8.85
CA LEU A 1149 -12.16 30.21 -7.82
C LEU A 1149 -10.72 29.91 -7.41
N VAL A 1150 -10.47 28.66 -7.03
CA VAL A 1150 -9.15 28.25 -6.53
C VAL A 1150 -8.10 28.23 -7.65
N LYS A 1151 -8.50 27.85 -8.87
CA LYS A 1151 -7.62 27.91 -10.03
C LYS A 1151 -7.04 29.32 -10.22
N TYR A 1152 -7.91 30.33 -10.22
CA TYR A 1152 -7.47 31.69 -10.46
C TYR A 1152 -6.70 32.31 -9.28
N LEU A 1153 -7.08 31.92 -8.07
CA LEU A 1153 -6.29 32.30 -6.90
C LEU A 1153 -4.85 31.78 -7.00
N ASN A 1154 -4.70 30.51 -7.40
CA ASN A 1154 -3.35 29.96 -7.56
C ASN A 1154 -2.55 30.66 -8.66
N LEU A 1155 -3.22 31.07 -9.72
CA LEU A 1155 -2.57 31.78 -10.82
C LEU A 1155 -2.12 33.17 -10.38
N LYS A 1156 -2.96 33.84 -9.59
CA LYS A 1156 -2.61 35.17 -9.11
C LYS A 1156 -1.49 35.11 -8.07
N TYR A 1157 -1.61 34.21 -7.10
CA TYR A 1157 -0.69 34.21 -5.95
C TYR A 1157 0.42 33.17 -6.01
N LYS A 1158 0.69 32.65 -7.21
CA LYS A 1158 1.64 31.54 -7.37
C LYS A 1158 2.98 31.83 -6.70
N ASN A 1159 3.47 33.07 -6.87
CA ASN A 1159 4.77 33.45 -6.34
C ASN A 1159 4.86 33.45 -4.81
N SER A 1160 3.76 33.68 -4.11
CA SER A 1160 3.80 33.92 -2.67
C SER A 1160 3.02 32.95 -1.78
N LEU A 1161 2.01 32.29 -2.34
CA LEU A 1161 1.12 31.43 -1.55
C LEU A 1161 1.01 30.03 -2.17
N ILE A 1162 0.71 29.06 -1.32
CA ILE A 1162 0.26 27.71 -1.75
C ILE A 1162 -1.16 27.51 -1.26
N LEU A 1163 -2.10 27.39 -2.20
CA LEU A 1163 -3.50 27.20 -1.87
C LEU A 1163 -3.96 25.81 -2.23
N SER A 1164 -4.69 25.18 -1.34
CA SER A 1164 -5.18 23.82 -1.55
C SER A 1164 -6.66 23.76 -1.28
N SER A 1165 -7.36 22.90 -2.03
CA SER A 1165 -8.80 22.70 -1.90
C SER A 1165 -9.18 21.29 -2.35
N ARG A 1166 -10.45 20.96 -2.17
CA ARG A 1166 -10.98 19.71 -2.70
C ARG A 1166 -11.33 19.89 -4.17
N LYS A 1167 -10.95 18.90 -4.98
CA LYS A 1167 -11.22 18.87 -6.41
C LYS A 1167 -12.59 18.20 -6.70
N TYR A 1168 -13.08 17.41 -5.75
CA TYR A 1168 -14.29 16.61 -5.93
C TYR A 1168 -15.33 16.99 -4.87
N ILE A 1169 -16.01 18.11 -5.10
CA ILE A 1169 -16.99 18.62 -4.12
C ILE A 1169 -18.19 17.69 -3.97
N GLY A 1170 -18.59 17.03 -5.05
CA GLY A 1170 -19.66 16.04 -4.99
C GLY A 1170 -19.35 14.91 -4.04
N VAL A 1171 -18.09 14.48 -4.04
CA VAL A 1171 -17.63 13.34 -3.24
C VAL A 1171 -17.30 13.76 -1.80
N ASN A 1172 -16.57 14.86 -1.67
CA ASN A 1172 -15.94 15.22 -0.40
C ASN A 1172 -16.49 16.52 0.21
N GLY A 1173 -17.61 16.99 -0.33
CA GLY A 1173 -18.25 18.23 0.13
C GLY A 1173 -19.41 18.04 1.09
N GLY A 1174 -19.45 16.88 1.75
CA GLY A 1174 -20.52 16.59 2.71
C GLY A 1174 -21.77 16.02 2.07
N GLU A 1175 -22.84 15.94 2.85
CA GLU A 1175 -24.07 15.24 2.49
C GLU A 1175 -24.72 15.73 1.18
N LYS A 1176 -24.65 17.03 0.92
CA LYS A 1176 -25.20 17.60 -0.31
C LYS A 1176 -24.14 17.81 -1.41
N GLY A 1177 -22.87 17.66 -1.06
CA GLY A 1177 -21.76 17.95 -1.98
C GLY A 1177 -21.70 19.43 -2.33
N ASP A 1178 -21.69 20.28 -1.30
CA ASP A 1178 -21.67 21.73 -1.49
C ASP A 1178 -20.59 22.48 -0.69
N LYS A 1179 -19.80 21.75 0.10
CA LYS A 1179 -18.81 22.40 0.96
C LYS A 1179 -17.39 22.16 0.49
N ASN A 1180 -16.62 23.25 0.43
CA ASN A 1180 -15.21 23.16 0.12
C ASN A 1180 -14.38 23.93 1.15
N VAL A 1181 -13.07 23.76 1.09
CA VAL A 1181 -12.16 24.43 1.98
C VAL A 1181 -10.95 24.87 1.16
N ILE A 1182 -10.45 26.07 1.47
CA ILE A 1182 -9.16 26.49 0.94
C ILE A 1182 -8.19 26.65 2.10
N THR A 1183 -7.07 25.95 2.01
CA THR A 1183 -6.00 26.15 2.98
C THR A 1183 -4.91 26.95 2.32
N GLY A 1184 -4.23 27.77 3.11
CA GLY A 1184 -3.19 28.62 2.58
C GLY A 1184 -1.91 28.50 3.36
N LEU A 1185 -0.80 28.48 2.63
CA LEU A 1185 0.54 28.54 3.19
C LEU A 1185 1.28 29.68 2.54
N ILE A 1186 1.87 30.53 3.37
CA ILE A 1186 2.77 31.56 2.87
C ILE A 1186 4.11 30.91 2.57
N LYS A 1187 4.61 31.10 1.35
CA LYS A 1187 5.91 30.54 0.96
C LYS A 1187 7.01 31.13 1.88
N PRO A 1188 7.93 30.27 2.36
CA PRO A 1188 8.96 30.72 3.32
C PRO A 1188 9.71 31.95 2.81
N LEU A 1189 9.87 32.05 1.49
CA LEU A 1189 10.45 33.23 0.86
C LEU A 1189 9.79 34.55 1.26
N PHE A 1190 8.53 34.49 1.71
CA PHE A 1190 7.76 35.69 2.04
C PHE A 1190 7.32 35.82 3.49
N LYS A 1191 8.00 35.14 4.40
CA LYS A 1191 7.69 35.31 5.84
C LYS A 1191 8.48 36.47 6.45
N GLY A 1192 9.48 36.98 5.72
CA GLY A 1192 10.29 38.10 6.19
C GLY A 1192 10.35 39.28 5.22
N ALA A 1193 10.94 40.39 5.67
CA ALA A 1193 10.98 41.61 4.87
C ALA A 1193 11.96 41.51 3.70
N HIS A 1194 11.74 42.31 2.67
CA HIS A 1194 12.63 42.39 1.50
C HIS A 1194 12.75 43.82 1.02
N LYS A 1195 13.83 44.11 0.30
CA LYS A 1195 13.96 45.37 -0.43
C LYS A 1195 12.79 45.52 -1.38
N PHE A 1196 12.23 46.73 -1.45
CA PHE A 1196 11.19 47.04 -2.42
C PHE A 1196 11.79 47.00 -3.83
N ARG A 1197 11.28 46.07 -4.65
CA ARG A 1197 11.66 45.94 -6.07
C ARG A 1197 10.40 45.90 -6.90
N VAL A 1198 10.46 46.38 -8.15
CA VAL A 1198 9.28 46.37 -9.02
C VAL A 1198 8.78 44.97 -9.39
N ASN A 1199 9.67 43.97 -9.33
CA ASN A 1199 9.33 42.61 -9.74
C ASN A 1199 9.14 41.60 -8.59
N LEU A 1200 8.85 42.11 -7.40
CA LEU A 1200 8.63 41.26 -6.24
C LEU A 1200 7.40 40.34 -6.35
N ASP A 1201 6.40 40.76 -7.13
CA ASP A 1201 5.17 39.97 -7.36
C ASP A 1201 4.54 39.43 -6.08
N CYS A 1202 4.21 40.35 -5.17
CA CYS A 1202 3.61 40.02 -3.89
C CYS A 1202 2.82 41.22 -3.44
N ASN A 1203 1.70 40.96 -2.76
CA ASN A 1203 0.90 42.02 -2.15
C ASN A 1203 1.59 42.40 -0.84
N VAL A 1204 2.23 43.56 -0.85
CA VAL A 1204 3.11 43.98 0.24
C VAL A 1204 2.69 45.32 0.86
N LYS A 1205 3.19 45.59 2.07
CA LYS A 1205 3.08 46.89 2.73
C LYS A 1205 4.48 47.39 3.09
N PRO A 1206 4.70 48.73 3.10
CA PRO A 1206 6.03 49.20 3.49
C PRO A 1206 6.31 48.96 4.98
N VAL A 1207 7.57 48.68 5.33
CA VAL A 1207 7.97 48.67 6.75
C VAL A 1207 8.87 49.87 7.04
N ASP A 1208 9.46 50.42 5.98
CA ASP A 1208 10.13 51.71 5.98
C ASP A 1208 10.15 52.18 4.53
N ASP A 1209 10.98 53.18 4.20
CA ASP A 1209 10.99 53.72 2.83
C ASP A 1209 11.80 52.89 1.82
N GLU A 1210 12.43 51.81 2.30
CA GLU A 1210 13.25 50.95 1.45
C GLU A 1210 12.79 49.50 1.37
N ASN A 1211 12.07 49.06 2.40
CA ASN A 1211 11.71 47.66 2.56
C ASN A 1211 10.22 47.42 2.72
N VAL A 1212 9.79 46.24 2.31
CA VAL A 1212 8.38 45.87 2.38
C VAL A 1212 8.19 44.45 2.91
N ILE A 1213 6.96 44.15 3.31
CA ILE A 1213 6.63 42.82 3.82
C ILE A 1213 5.27 42.40 3.29
N LEU A 1214 5.09 41.10 3.05
CA LEU A 1214 3.79 40.59 2.62
C LEU A 1214 2.67 41.16 3.51
N ASN A 1215 1.62 41.66 2.87
CA ASN A 1215 0.50 42.26 3.60
C ASN A 1215 -0.66 41.28 3.77
N LYS A 1216 -0.69 40.60 4.92
CA LYS A 1216 -1.63 39.51 5.17
C LYS A 1216 -3.08 39.96 5.14
N GLU A 1217 -3.37 41.09 5.80
CA GLU A 1217 -4.74 41.55 5.91
C GLU A 1217 -5.34 41.87 4.53
N ALA A 1218 -4.54 42.49 3.66
CA ALA A 1218 -4.96 42.81 2.31
C ALA A 1218 -5.22 41.53 1.51
N ILE A 1219 -4.28 40.58 1.59
CA ILE A 1219 -4.47 39.29 0.92
C ILE A 1219 -5.75 38.60 1.39
N PHE A 1220 -5.97 38.58 2.70
CA PHE A 1220 -7.19 37.97 3.26
C PHE A 1220 -8.46 38.62 2.71
N HIS A 1221 -8.47 39.95 2.65
CA HIS A 1221 -9.61 40.69 2.09
C HIS A 1221 -9.79 40.40 0.60
N GLU A 1222 -8.69 40.29 -0.15
CA GLU A 1222 -8.77 39.94 -1.57
C GLU A 1222 -9.41 38.57 -1.77
N ILE A 1223 -8.97 37.58 -1.00
CA ILE A 1223 -9.50 36.22 -1.12
C ILE A 1223 -10.97 36.18 -0.71
N ALA A 1224 -11.30 36.87 0.38
CA ALA A 1224 -12.69 36.92 0.85
C ALA A 1224 -13.60 37.56 -0.20
N ALA A 1225 -13.11 38.63 -0.82
CA ALA A 1225 -13.86 39.35 -1.86
C ALA A 1225 -14.00 38.53 -3.15
N PHE A 1226 -12.93 37.85 -3.52
CA PHE A 1226 -12.93 36.96 -4.68
C PHE A 1226 -14.00 35.85 -4.58
N GLY A 1227 -14.07 35.20 -3.42
CA GLY A 1227 -15.10 34.18 -3.15
C GLY A 1227 -16.43 34.75 -2.66
N ASN A 1228 -16.35 35.95 -2.08
CA ASN A 1228 -17.51 36.69 -1.51
C ASN A 1228 -18.62 35.86 -0.85
N ASP A 1229 -19.78 35.70 -1.51
CA ASP A 1229 -20.92 35.01 -0.89
C ASP A 1229 -20.67 33.54 -0.59
N MET A 1230 -19.68 32.96 -1.27
CA MET A 1230 -19.30 31.56 -1.03
C MET A 1230 -18.39 31.37 0.18
N VAL A 1231 -17.74 32.45 0.61
CA VAL A 1231 -16.85 32.42 1.77
C VAL A 1231 -17.68 32.52 3.04
N ILE A 1232 -17.73 31.44 3.81
CA ILE A 1232 -18.56 31.34 5.02
C ILE A 1232 -17.77 31.63 6.29
N ASN A 1233 -16.53 31.14 6.32
CA ASN A 1233 -15.67 31.29 7.49
C ASN A 1233 -14.24 31.51 7.03
N PHE A 1234 -13.50 32.31 7.78
CA PHE A 1234 -12.12 32.62 7.44
C PHE A 1234 -11.28 32.62 8.72
N GLU A 1235 -10.49 31.56 8.91
CA GLU A 1235 -9.62 31.47 10.08
C GLU A 1235 -8.20 31.85 9.70
N THR A 1236 -7.53 32.59 10.59
CA THR A 1236 -6.15 33.00 10.34
C THR A 1236 -5.25 32.70 11.54
N ASP A 1237 -4.02 32.29 11.24
CA ASP A 1237 -3.04 31.85 12.25
C ASP A 1237 -2.78 32.92 13.29
N ILE B 3 4.92 54.14 10.24
CA ILE B 3 4.41 53.61 8.94
C ILE B 3 3.51 54.62 8.24
N GLU B 4 2.62 55.24 9.02
CA GLU B 4 1.74 56.30 8.54
C GLU B 4 2.52 57.43 7.88
N ASP B 5 3.76 57.62 8.30
CA ASP B 5 4.61 58.71 7.81
C ASP B 5 5.31 58.42 6.49
N ILE B 6 5.12 57.20 5.96
CA ILE B 6 5.76 56.83 4.70
C ILE B 6 4.85 57.17 3.52
N SER B 7 5.17 58.28 2.86
CA SER B 7 4.38 58.78 1.73
C SER B 7 5.03 58.39 0.40
N ALA B 8 6.35 58.20 0.41
CA ALA B 8 7.06 57.76 -0.79
C ALA B 8 8.24 56.86 -0.42
N MET B 9 8.51 55.88 -1.29
CA MET B 9 9.64 54.99 -1.14
C MET B 9 10.89 55.64 -1.71
N LYS B 10 12.06 55.21 -1.23
CA LYS B 10 13.36 55.73 -1.64
C LYS B 10 13.59 55.71 -3.16
N ASN B 11 13.06 54.70 -3.85
CA ASN B 11 13.24 54.59 -5.30
C ASN B 11 12.33 55.51 -6.14
N GLY B 12 11.54 56.35 -5.46
CA GLY B 12 10.70 57.33 -6.15
C GLY B 12 9.22 56.96 -6.29
N PHE B 13 8.85 55.79 -5.75
CA PHE B 13 7.45 55.34 -5.80
C PHE B 13 6.63 55.96 -4.69
N ILE B 14 5.55 56.63 -5.08
CA ILE B 14 4.57 57.17 -4.13
C ILE B 14 3.73 56.03 -3.58
N VAL B 15 3.45 56.07 -2.29
CA VAL B 15 2.62 55.06 -1.63
C VAL B 15 1.14 55.49 -1.64
N VAL B 16 0.31 54.65 -2.25
CA VAL B 16 -1.09 54.98 -2.52
C VAL B 16 -1.95 53.94 -1.80
N PRO B 17 -2.39 54.23 -0.56
CA PRO B 17 -3.20 53.29 0.21
C PRO B 17 -4.69 53.35 -0.05
N PHE B 18 -5.36 52.22 0.08
CA PHE B 18 -6.82 52.15 0.06
C PHE B 18 -7.35 51.41 1.27
N LYS B 19 -8.47 51.89 1.80
CA LYS B 19 -9.18 51.19 2.85
C LYS B 19 -9.87 49.96 2.27
N LEU B 20 -9.83 48.87 3.02
CA LEU B 20 -10.39 47.62 2.54
C LEU B 20 -11.81 47.49 3.05
N PRO B 21 -12.74 47.07 2.17
CA PRO B 21 -14.14 46.89 2.55
C PRO B 21 -14.27 45.72 3.52
N ASP B 22 -15.36 45.69 4.29
CA ASP B 22 -15.55 44.62 5.25
C ASP B 22 -16.01 43.36 4.54
N HIS B 23 -15.71 42.22 5.13
CA HIS B 23 -16.35 41.00 4.71
C HIS B 23 -16.93 40.33 5.94
N LYS B 24 -18.12 39.76 5.79
CA LYS B 24 -18.80 38.99 6.82
C LYS B 24 -17.86 38.04 7.60
N ALA B 25 -16.90 37.44 6.90
CA ALA B 25 -16.06 36.37 7.48
C ALA B 25 -14.75 36.83 8.12
N LEU B 26 -14.45 38.12 8.03
CA LEU B 26 -13.22 38.70 8.58
C LEU B 26 -13.50 39.69 9.73
N PRO B 27 -12.61 39.76 10.75
CA PRO B 27 -12.85 40.55 11.99
C PRO B 27 -13.17 42.03 11.74
N ALA B 32 -9.84 48.80 10.42
CA ALA B 32 -9.82 49.19 9.00
C ALA B 32 -8.43 48.95 8.38
N SER B 33 -8.27 47.83 7.68
CA SER B 33 -6.99 47.50 7.07
C SER B 33 -6.79 48.20 5.72
N LEU B 34 -5.54 48.30 5.29
CA LEU B 34 -5.18 48.98 4.05
C LEU B 34 -4.48 48.07 3.04
N HIS B 35 -4.71 48.37 1.76
CA HIS B 35 -3.90 47.86 0.67
C HIS B 35 -2.99 48.97 0.17
N PHE B 36 -1.73 48.65 -0.11
CA PHE B 36 -0.77 49.62 -0.62
C PHE B 36 -0.39 49.41 -2.09
N MET B 37 -0.85 50.32 -2.94
CA MET B 37 -0.40 50.37 -4.32
C MET B 37 0.75 51.39 -4.39
N PHE B 38 1.62 51.21 -5.38
CA PHE B 38 2.79 52.07 -5.56
C PHE B 38 2.80 52.64 -6.97
N ALA B 39 3.13 53.93 -7.09
CA ALA B 39 3.05 54.64 -8.37
C ALA B 39 4.27 55.52 -8.64
N LYS B 40 4.71 55.51 -9.90
CA LYS B 40 5.81 56.36 -10.36
C LYS B 40 5.56 56.75 -11.80
N ARG B 41 6.03 57.94 -12.21
CA ARG B 41 5.89 58.38 -13.60
C ARG B 41 6.70 57.46 -14.51
N HIS B 42 6.07 56.99 -15.58
CA HIS B 42 6.72 56.06 -16.49
C HIS B 42 7.59 56.82 -17.51
N GLN B 43 8.80 56.33 -17.69
CA GLN B 43 9.72 56.86 -18.70
C GLN B 43 9.86 55.84 -19.82
N SER B 44 9.46 56.24 -21.03
CA SER B 44 9.49 55.35 -22.18
C SER B 44 9.65 56.13 -23.48
N SER B 45 10.61 55.69 -24.29
CA SER B 45 10.78 56.21 -25.65
C SER B 45 9.75 55.59 -26.61
N ASN B 46 9.01 54.58 -26.12
CA ASN B 46 7.94 53.98 -26.90
C ASN B 46 6.70 54.86 -26.99
N SER B 47 6.24 55.07 -28.22
CA SER B 47 5.20 56.02 -28.57
C SER B 47 3.84 55.79 -27.88
N ASN B 48 3.42 54.53 -27.81
CA ASN B 48 2.14 54.18 -27.17
C ASN B 48 2.16 54.08 -25.64
N GLU B 49 3.34 54.26 -25.06
CA GLU B 49 3.52 54.27 -23.60
C GLU B 49 3.75 55.69 -23.05
N SER B 50 3.24 56.68 -23.77
CA SER B 50 3.37 58.08 -23.38
C SER B 50 2.32 58.44 -22.33
N ASP B 51 2.69 59.34 -21.41
CA ASP B 51 1.79 59.83 -20.36
C ASP B 51 1.21 58.71 -19.49
N CYS B 52 2.10 57.86 -18.98
CA CYS B 52 1.70 56.72 -18.16
C CYS B 52 2.29 56.77 -16.76
N LEU B 53 1.50 56.31 -15.80
CA LEU B 53 2.01 55.97 -14.47
C LEU B 53 2.27 54.47 -14.42
N PHE B 54 3.48 54.11 -14.00
CA PHE B 54 3.82 52.73 -13.69
C PHE B 54 3.27 52.37 -12.31
N LEU B 55 2.36 51.40 -12.27
CA LEU B 55 1.70 51.00 -11.02
C LEU B 55 2.16 49.62 -10.56
N VAL B 56 2.59 49.53 -9.30
CA VAL B 56 3.00 48.27 -8.68
C VAL B 56 2.01 47.90 -7.58
N ASN B 57 1.58 46.64 -7.59
CA ASN B 57 0.67 46.09 -6.58
C ASN B 57 -0.76 46.66 -6.65
N LEU B 58 -1.39 46.45 -7.81
CA LEU B 58 -2.77 46.86 -8.00
C LEU B 58 -3.65 45.93 -7.18
N PRO B 59 -4.76 46.46 -6.64
CA PRO B 59 -5.71 45.65 -5.92
C PRO B 59 -6.34 44.58 -6.82
N LEU B 60 -6.78 43.49 -6.19
CA LEU B 60 -7.48 42.41 -6.88
C LEU B 60 -8.43 42.93 -7.94
N LEU B 61 -8.32 42.36 -9.14
CA LEU B 61 -9.28 42.59 -10.23
C LEU B 61 -9.43 44.05 -10.65
N SER B 62 -8.33 44.80 -10.57
CA SER B 62 -8.30 46.18 -11.06
C SER B 62 -8.61 46.20 -12.55
N ASN B 63 -9.43 47.16 -12.95
CA ASN B 63 -9.76 47.38 -14.36
C ASN B 63 -9.91 48.86 -14.61
N ILE B 64 -10.08 49.25 -15.87
CA ILE B 64 -10.17 50.66 -16.24
C ILE B 64 -11.29 51.40 -15.49
N GLU B 65 -12.48 50.79 -15.36
CA GLU B 65 -13.60 51.39 -14.61
C GLU B 65 -13.23 51.74 -13.16
N HIS B 66 -12.54 50.82 -12.49
CA HIS B 66 -12.09 51.04 -11.12
C HIS B 66 -11.06 52.15 -11.05
N MET B 67 -10.14 52.18 -12.03
CA MET B 67 -9.09 53.18 -12.07
C MET B 67 -9.63 54.57 -12.43
N LYS B 68 -10.63 54.62 -13.31
CA LYS B 68 -11.32 55.87 -13.63
C LYS B 68 -12.07 56.40 -12.42
N LYS B 69 -12.76 55.52 -11.69
CA LYS B 69 -13.40 55.91 -10.44
C LYS B 69 -12.39 56.52 -9.45
N PHE B 70 -11.25 55.85 -9.27
CA PHE B 70 -10.22 56.34 -8.34
C PHE B 70 -9.75 57.74 -8.71
N VAL B 71 -9.35 57.90 -9.97
CA VAL B 71 -8.83 59.18 -10.47
C VAL B 71 -9.90 60.27 -10.37
N GLY B 72 -11.16 59.89 -10.62
CA GLY B 72 -12.30 60.79 -10.46
C GLY B 72 -12.49 61.27 -9.03
N GLN B 73 -12.35 60.36 -8.07
CA GLN B 73 -12.39 60.72 -6.65
C GLN B 73 -11.25 61.67 -6.28
N LEU B 74 -10.06 61.41 -6.83
CA LEU B 74 -8.93 62.33 -6.67
C LEU B 74 -9.24 63.72 -7.22
N CYS B 75 -9.89 63.75 -8.40
CA CYS B 75 -10.21 65.00 -9.08
C CYS B 75 -11.23 65.79 -8.32
N GLY B 76 -12.21 65.08 -7.76
CA GLY B 76 -13.24 65.68 -6.93
C GLY B 76 -12.69 66.23 -5.62
N LYS B 77 -11.83 65.45 -4.97
CA LYS B 77 -11.25 65.86 -3.69
C LYS B 77 -10.34 67.09 -3.86
N TYR B 78 -9.51 67.08 -4.90
CA TYR B 78 -8.52 68.13 -5.13
C TYR B 78 -8.90 69.12 -6.25
N ASP B 79 -10.19 69.13 -6.62
CA ASP B 79 -10.74 70.04 -7.63
C ASP B 79 -9.77 70.23 -8.81
N THR B 80 -9.50 69.14 -9.52
CA THR B 80 -8.57 69.16 -10.65
C THR B 80 -9.15 68.32 -11.80
N VAL B 81 -8.50 68.33 -12.96
CA VAL B 81 -9.03 67.64 -14.15
C VAL B 81 -8.01 66.63 -14.66
N SER B 82 -8.45 65.40 -14.85
CA SER B 82 -7.57 64.32 -15.27
C SER B 82 -8.39 63.26 -15.95
N HIS B 83 -8.02 62.93 -17.17
CA HIS B 83 -8.76 61.93 -17.93
C HIS B 83 -7.87 60.73 -18.25
N VAL B 84 -8.37 59.55 -17.84
CA VAL B 84 -7.66 58.31 -17.99
C VAL B 84 -8.03 57.68 -19.33
N GLU B 85 -7.02 57.27 -20.09
CA GLU B 85 -7.26 56.63 -21.39
C GLU B 85 -7.37 55.11 -21.28
N GLU B 86 -6.32 54.47 -20.79
CA GLU B 86 -6.23 53.01 -20.77
C GLU B 86 -5.44 52.46 -19.58
N LEU B 87 -5.74 51.22 -19.20
CA LEU B 87 -4.86 50.45 -18.33
C LEU B 87 -4.12 49.42 -19.19
N LEU B 88 -2.79 49.53 -19.24
CA LEU B 88 -1.96 48.65 -20.08
C LEU B 88 -1.18 47.59 -19.30
N TYR B 89 -1.10 46.39 -19.88
CA TYR B 89 -0.29 45.28 -19.34
C TYR B 89 -0.75 44.77 -17.98
N ASN B 90 -2.05 44.85 -17.72
CA ASN B 90 -2.61 44.32 -16.49
C ASN B 90 -2.90 42.84 -16.66
N ASP B 91 -1.89 42.00 -16.40
CA ASP B 91 -2.01 40.55 -16.57
C ASP B 91 -1.96 39.87 -15.20
N GLU B 92 -3.00 40.13 -14.42
CA GLU B 92 -3.10 39.74 -13.02
C GLU B 92 -2.92 38.24 -12.78
N PHE B 93 -3.33 37.43 -13.74
CA PHE B 93 -3.27 35.98 -13.59
C PHE B 93 -2.12 35.29 -14.33
N GLY B 94 -1.26 36.10 -14.94
CA GLY B 94 -0.02 35.61 -15.57
C GLY B 94 -0.25 34.87 -16.87
N LEU B 95 -1.44 35.02 -17.44
CA LEU B 95 -1.84 34.24 -18.61
C LEU B 95 -1.09 34.60 -19.90
N HIS B 96 -0.57 35.82 -19.99
CA HIS B 96 0.11 36.32 -21.20
C HIS B 96 1.58 36.62 -20.97
N GLU B 97 2.13 36.09 -19.88
CA GLU B 97 3.50 36.39 -19.45
C GLU B 97 4.59 36.02 -20.48
N VAL B 98 4.37 34.96 -21.22
CA VAL B 98 5.29 34.55 -22.28
C VAL B 98 4.55 34.58 -23.60
N ASP B 99 5.17 35.16 -24.62
CA ASP B 99 4.60 35.23 -25.96
C ASP B 99 5.01 33.98 -26.74
N LEU B 100 4.23 32.92 -26.59
CA LEU B 100 4.51 31.66 -27.27
C LEU B 100 4.49 31.79 -28.79
N SER B 101 3.55 32.59 -29.30
CA SER B 101 3.46 32.86 -30.73
C SER B 101 4.77 33.37 -31.33
N ALA B 102 5.34 34.39 -30.70
CA ALA B 102 6.59 34.97 -31.18
C ALA B 102 7.71 33.93 -31.14
N LEU B 103 7.79 33.20 -30.02
CA LEU B 103 8.83 32.19 -29.81
C LEU B 103 8.75 31.00 -30.78
N THR B 104 7.56 30.71 -31.29
CA THR B 104 7.41 29.59 -32.23
C THR B 104 7.59 29.96 -33.71
N SER B 105 7.77 31.24 -34.03
CA SER B 105 8.00 31.62 -35.43
C SER B 105 9.46 31.40 -35.82
N PRO B 120 7.82 42.94 -13.63
CA PRO B 120 6.61 43.44 -14.26
C PRO B 120 5.39 42.54 -14.13
N ARG B 121 5.53 41.41 -13.45
CA ARG B 121 4.37 40.68 -12.95
C ARG B 121 3.84 41.44 -11.73
N ASN B 122 2.50 41.53 -11.61
CA ASN B 122 1.83 42.31 -10.55
C ASN B 122 1.89 43.85 -10.79
N THR B 123 2.19 44.24 -12.02
CA THR B 123 2.36 45.65 -12.37
C THR B 123 1.60 46.00 -13.66
N ALA B 124 1.37 47.30 -13.87
CA ALA B 124 0.71 47.79 -15.07
C ALA B 124 1.00 49.26 -15.33
N LEU B 125 0.61 49.73 -16.52
CA LEU B 125 0.68 51.15 -16.84
C LEU B 125 -0.72 51.72 -16.87
N LEU B 126 -0.90 52.86 -16.20
CA LEU B 126 -2.14 53.62 -16.31
C LEU B 126 -1.86 54.78 -17.26
N LYS B 127 -2.48 54.73 -18.44
CA LYS B 127 -2.27 55.73 -19.49
C LYS B 127 -3.35 56.81 -19.45
N PHE B 128 -2.90 58.06 -19.51
CA PHE B 128 -3.78 59.25 -19.48
C PHE B 128 -3.87 59.88 -20.87
N VAL B 129 -4.98 60.56 -21.15
CA VAL B 129 -5.25 61.13 -22.47
C VAL B 129 -4.22 62.16 -22.96
N ASP B 130 -3.59 62.89 -22.04
CA ASP B 130 -2.54 63.87 -22.37
C ASP B 130 -1.62 64.20 -21.20
N ALA B 131 -0.59 65.00 -21.47
CA ALA B 131 0.41 65.39 -20.47
C ALA B 131 -0.18 66.11 -19.26
N ALA B 132 -1.19 66.95 -19.51
CA ALA B 132 -1.85 67.69 -18.43
C ALA B 132 -2.61 66.76 -17.47
N SER B 133 -3.33 65.78 -18.01
CA SER B 133 -4.08 64.81 -17.20
C SER B 133 -3.17 64.07 -16.21
N ILE B 134 -2.04 63.57 -16.69
CA ILE B 134 -1.11 62.84 -15.82
C ILE B 134 -0.47 63.74 -14.76
N ASN B 135 -0.01 64.92 -15.19
CA ASN B 135 0.57 65.92 -14.27
C ASN B 135 -0.39 66.28 -13.13
N ASN B 136 -1.64 66.54 -13.49
CA ASN B 136 -2.68 66.79 -12.49
C ASN B 136 -2.88 65.63 -11.53
N CYS B 137 -3.00 64.42 -12.10
CA CYS B 137 -3.16 63.22 -11.28
C CYS B 137 -1.96 63.02 -10.36
N TRP B 138 -0.76 63.19 -10.90
CA TRP B 138 0.47 62.99 -10.14
C TRP B 138 0.56 63.95 -8.96
N ASN B 139 0.20 65.21 -9.20
CA ASN B 139 0.16 66.20 -8.13
C ASN B 139 -0.85 65.81 -7.06
N ALA B 140 -2.03 65.37 -7.50
CA ALA B 140 -3.07 64.90 -6.59
C ALA B 140 -2.64 63.66 -5.77
N LEU B 141 -1.86 62.78 -6.40
CA LEU B 141 -1.35 61.57 -5.74
C LEU B 141 -0.36 61.90 -4.63
N LYS B 142 0.50 62.88 -4.88
CA LYS B 142 1.42 63.39 -3.86
C LYS B 142 0.66 63.77 -2.56
N LYS B 143 -0.41 64.56 -2.70
CA LYS B 143 -1.22 64.95 -1.53
C LYS B 143 -1.95 63.74 -0.93
N TYR B 144 -2.45 62.87 -1.81
CA TYR B 144 -3.08 61.61 -1.37
C TYR B 144 -2.15 60.79 -0.48
N SER B 145 -0.86 60.79 -0.82
CA SER B 145 0.14 59.95 -0.13
C SER B 145 0.47 60.43 1.30
N ASN B 146 0.05 61.66 1.60
CA ASN B 146 0.27 62.25 2.92
C ASN B 146 -0.94 62.08 3.84
N LEU B 147 -2.05 61.58 3.30
CA LEU B 147 -3.27 61.38 4.07
C LEU B 147 -3.14 60.35 5.17
N HIS B 148 -2.38 59.28 4.91
CA HIS B 148 -2.19 58.22 5.89
C HIS B 148 -1.78 58.81 7.24
N ALA B 149 -0.82 59.72 7.21
CA ALA B 149 -0.34 60.42 8.40
C ALA B 149 -1.34 61.47 8.91
N LYS B 150 -1.77 62.36 8.01
CA LYS B 150 -2.59 63.52 8.41
C LYS B 150 -4.07 63.20 8.65
N HIS B 151 -4.71 62.52 7.70
CA HIS B 151 -6.13 62.19 7.81
C HIS B 151 -6.42 60.79 7.27
N PRO B 152 -6.10 59.73 8.05
CA PRO B 152 -6.26 58.36 7.59
C PRO B 152 -7.70 58.01 7.19
N ASN B 153 -8.67 58.64 7.84
CA ASN B 153 -10.07 58.40 7.48
C ASN B 153 -10.47 59.00 6.13
N GLU B 154 -9.63 59.85 5.57
CA GLU B 154 -9.90 60.41 4.25
C GLU B 154 -9.38 59.54 3.10
N LEU B 155 -8.69 58.45 3.44
CA LEU B 155 -8.26 57.50 2.41
C LEU B 155 -9.50 56.93 1.74
N PHE B 156 -9.41 56.64 0.45
CA PHE B 156 -10.55 56.10 -0.29
C PHE B 156 -10.68 54.60 -0.06
N GLU B 157 -11.92 54.12 0.05
CA GLU B 157 -12.15 52.68 0.05
C GLU B 157 -11.97 52.13 -1.36
N TRP B 158 -11.34 50.98 -1.48
CA TRP B 158 -11.37 50.24 -2.74
C TRP B 158 -12.44 49.17 -2.63
N THR B 159 -13.47 49.25 -3.46
CA THR B 159 -14.52 48.24 -3.45
C THR B 159 -14.22 47.25 -4.58
N TYR B 160 -13.78 46.06 -4.20
CA TYR B 160 -13.47 45.01 -5.15
C TYR B 160 -14.66 44.68 -6.02
N THR B 161 -14.41 44.43 -7.30
CA THR B 161 -15.38 43.67 -8.07
C THR B 161 -15.51 42.31 -7.38
N THR B 162 -16.74 41.85 -7.19
CA THR B 162 -16.99 40.59 -6.47
C THR B 162 -17.68 39.59 -7.39
N PRO B 163 -16.90 38.66 -7.98
CA PRO B 163 -17.45 37.74 -8.99
C PRO B 163 -18.60 36.91 -8.42
N SER B 164 -19.69 36.79 -9.18
CA SER B 164 -20.85 36.02 -8.73
C SER B 164 -20.68 34.53 -9.06
N PHE B 165 -21.59 33.71 -8.54
CA PHE B 165 -21.72 32.31 -8.98
C PHE B 165 -21.66 32.25 -10.50
N THR B 166 -22.48 33.08 -11.16
CA THR B 166 -22.56 33.09 -12.60
C THR B 166 -21.21 33.35 -13.25
N THR B 167 -20.46 34.30 -12.70
CA THR B 167 -19.12 34.62 -13.19
C THR B 167 -18.19 33.40 -13.16
N PHE B 168 -18.20 32.66 -12.06
CA PHE B 168 -17.32 31.49 -11.96
C PHE B 168 -17.72 30.35 -12.88
N VAL B 169 -19.02 30.08 -12.98
CA VAL B 169 -19.47 28.97 -13.86
C VAL B 169 -19.37 29.34 -15.34
N ASN B 170 -19.43 30.65 -15.66
CA ASN B 170 -19.20 31.12 -17.02
C ASN B 170 -17.92 30.55 -17.63
N PHE B 171 -16.91 30.33 -16.80
CA PHE B 171 -15.66 29.77 -17.27
C PHE B 171 -15.84 28.41 -17.92
N TYR B 172 -16.88 27.68 -17.51
CA TYR B 172 -17.19 26.37 -18.09
C TYR B 172 -17.98 26.40 -19.40
N LYS B 173 -18.61 27.54 -19.72
CA LYS B 173 -19.52 27.62 -20.88
C LYS B 173 -18.89 27.41 -22.26
N PRO B 174 -19.68 26.93 -23.24
CA PRO B 174 -19.19 26.80 -24.61
C PRO B 174 -18.65 28.13 -25.16
N LEU B 175 -17.68 28.06 -26.06
CA LEU B 175 -17.34 29.19 -26.91
C LEU B 175 -18.50 29.46 -27.85
N ASP B 176 -18.74 30.75 -28.12
CA ASP B 176 -19.74 31.16 -29.10
C ASP B 176 -19.32 30.65 -30.48
N ILE B 177 -20.14 29.79 -31.08
CA ILE B 177 -19.78 29.13 -32.34
C ILE B 177 -19.60 30.11 -33.50
N ASP B 178 -20.45 31.13 -33.56
CA ASP B 178 -20.42 32.08 -34.66
C ASP B 178 -19.22 33.00 -34.62
N TYR B 179 -18.83 33.44 -33.43
CA TYR B 179 -17.57 34.17 -33.25
C TYR B 179 -16.39 33.29 -33.63
N LEU B 180 -16.40 32.04 -33.15
CA LEU B 180 -15.35 31.08 -33.44
C LEU B 180 -15.24 30.83 -34.95
N LYS B 181 -16.36 30.46 -35.57
CA LYS B 181 -16.38 30.24 -37.02
C LYS B 181 -15.77 31.42 -37.76
N GLU B 182 -16.23 32.62 -37.45
CA GLU B 182 -15.71 33.82 -38.09
C GLU B 182 -14.20 33.98 -37.88
N ASP B 183 -13.77 33.91 -36.63
CA ASP B 183 -12.35 33.98 -36.27
C ASP B 183 -11.50 33.01 -37.08
N ILE B 184 -11.90 31.74 -37.10
CA ILE B 184 -11.15 30.70 -37.81
C ILE B 184 -11.17 30.90 -39.33
N HIS B 185 -12.36 31.12 -39.89
CA HIS B 185 -12.56 31.29 -41.33
C HIS B 185 -11.70 32.44 -41.90
N THR B 186 -11.73 33.59 -41.22
CA THR B 186 -10.92 34.75 -41.62
C THR B 186 -9.42 34.51 -41.50
N HIS B 187 -8.98 34.02 -40.34
CA HIS B 187 -7.54 33.78 -40.11
C HIS B 187 -6.94 32.78 -41.12
N MET B 188 -7.75 31.81 -41.54
CA MET B 188 -7.31 30.78 -42.48
C MET B 188 -7.30 31.22 -43.95
N ALA B 189 -7.95 32.35 -44.24
CA ALA B 189 -8.00 32.88 -45.60
C ALA B 189 -6.65 33.47 -46.04
S SO4 C . 33.29 -27.22 16.11
O1 SO4 C . 34.23 -26.21 16.62
O2 SO4 C . 34.00 -28.47 15.83
O3 SO4 C . 32.27 -27.48 17.12
O4 SO4 C . 32.67 -26.72 14.89
S SO4 D . 13.19 -21.39 14.72
O1 SO4 D . 14.45 -22.05 15.01
O2 SO4 D . 13.14 -21.15 13.28
O3 SO4 D . 12.06 -22.22 15.17
O4 SO4 D . 13.13 -20.11 15.41
S SO4 E . 1.78 -17.54 14.12
O1 SO4 E . 1.99 -17.82 15.55
O2 SO4 E . 2.67 -18.38 13.32
O3 SO4 E . 0.40 -17.83 13.77
O4 SO4 E . 2.08 -16.12 13.90
S SO4 F . -15.54 -22.27 -6.31
O1 SO4 F . -14.40 -21.41 -6.64
O2 SO4 F . -15.04 -23.64 -6.09
O3 SO4 F . -16.18 -21.77 -5.11
O4 SO4 F . -16.49 -22.30 -7.43
S SO4 G . -6.92 -31.01 35.74
O1 SO4 G . -5.80 -31.73 36.34
O2 SO4 G . -6.65 -30.77 34.32
O3 SO4 G . -8.11 -31.82 35.87
O4 SO4 G . -7.11 -29.72 36.41
S SO4 H . -22.60 -19.25 -17.01
O1 SO4 H . -21.78 -20.39 -17.44
O2 SO4 H . -24.01 -19.52 -17.27
O3 SO4 H . -22.41 -19.02 -15.57
O4 SO4 H . -22.18 -18.06 -17.74
S SO4 I . -4.34 17.38 6.86
O1 SO4 I . -2.90 17.59 6.70
O2 SO4 I . -4.86 16.73 5.65
O3 SO4 I . -4.61 16.53 8.00
O4 SO4 I . -4.99 18.69 7.03
S SO4 J . 16.04 41.07 -0.16
O1 SO4 J . 17.35 40.85 -0.75
O2 SO4 J . 15.02 40.39 -0.97
O3 SO4 J . 16.02 40.55 1.21
O4 SO4 J . 15.78 42.49 -0.12
S SO4 K . -27.86 21.91 -29.47
O1 SO4 K . -27.04 22.76 -30.33
O2 SO4 K . -27.20 20.62 -29.28
O3 SO4 K . -28.08 22.58 -28.20
O4 SO4 K . -29.15 21.67 -30.13
S SO4 L . 13.12 24.03 -36.31
O1 SO4 L . 14.13 24.45 -37.26
O2 SO4 L . 11.91 23.61 -37.02
O3 SO4 L . 13.64 22.93 -35.50
O4 SO4 L . 12.81 25.16 -35.44
S SO4 M . 18.43 -21.28 -11.10
O1 SO4 M . 19.11 -21.77 -9.87
O2 SO4 M . 18.32 -22.39 -12.04
O3 SO4 M . 17.10 -20.77 -10.76
O4 SO4 M . 19.25 -20.20 -11.69
C1 PGE N . 12.49 7.24 7.52
O1 PGE N . 11.65 7.69 8.59
C2 PGE N . 11.66 7.14 6.24
O2 PGE N . 11.15 8.44 5.94
C3 PGE N . 10.72 8.54 4.59
C4 PGE N . 10.38 10.00 4.36
O4 PGE N . 12.96 12.73 1.98
C6 PGE N . 12.39 12.81 3.28
C5 PGE N . 11.12 11.97 3.27
O3 PGE N . 11.45 10.65 3.68
C1 PGE O . 34.56 -12.45 17.75
O1 PGE O . 35.43 -13.38 18.41
C2 PGE O . 33.56 -11.91 18.76
O2 PGE O . 34.30 -11.43 19.88
C3 PGE O . 33.67 -10.29 20.48
C4 PGE O . 33.31 -10.59 21.93
O3 PGE O . 33.78 -11.86 22.37
C1 PGE P . -13.07 36.76 -12.48
O1 PGE P . -13.17 37.97 -13.25
C2 PGE P . -11.70 36.12 -12.69
O2 PGE P . -11.27 36.33 -14.03
C3 PGE P . -10.15 35.54 -14.38
C4 PGE P . -9.76 35.82 -15.83
#